data_9EGD
#
_entry.id   9EGD
#
_cell.length_a   204.122
_cell.length_b   83.875
_cell.length_c   162.948
_cell.angle_alpha   90.000
_cell.angle_beta   105.491
_cell.angle_gamma   90.000
#
_symmetry.space_group_name_H-M   'C 1 2 1'
#
loop_
_entity.id
_entity.type
_entity.pdbx_description
1 polymer 'THIF-type NAD/FAD binding fold domain-containing protein'
2 non-polymer 'ADENOSINE MONOPHOSPHATE'
3 non-polymer N~2~-octanoyl-L-lysine
4 non-polymer DI(HYDROXYETHYL)ETHER
#
_entity_poly.entity_id   1
_entity_poly.type   'polypeptide(L)'
_entity_poly.pdbx_seq_one_letter_code
;MGSSHHHHHHSQDPMKHRYSRNRLYLNPKEQELIKDYPILLGGAGIGSIIAECALRFGFENITIVDGDHVENSNLNRQNY
TEGDVSVNKVEAIKARLKSINSKANIKIHNCFLTSDNVEEYIKGHKVAINALDFSSEVPLLFDEICQKMDIPVLHPYNLG
WGGLVTIISPKGLSLNSIAKKGEKFNELNVVEYVSSYMRFWGKPQEWLEDIIYKFKNEREKLSPPQLSVGSWVVAGMCTH
ILFNIATQREIKSFPEFYLSSLEG
;
_entity_poly.pdbx_strand_id   A,B,C,D,E,F,G
#
# COMPACT_ATOMS: atom_id res chain seq x y z
N MET A 15 32.44 1.84 -33.43
CA MET A 15 31.47 1.14 -32.59
C MET A 15 30.12 1.88 -32.64
N LYS A 16 29.09 1.32 -31.99
CA LYS A 16 27.75 1.87 -32.17
C LYS A 16 27.58 3.11 -31.29
N HIS A 17 26.57 3.94 -31.60
CA HIS A 17 26.43 5.14 -30.78
C HIS A 17 26.22 4.85 -29.29
N ARG A 18 25.65 3.68 -28.95
CA ARG A 18 25.51 3.29 -27.53
C ARG A 18 26.87 3.05 -26.87
N TYR A 19 27.81 2.50 -27.63
CA TYR A 19 29.15 2.21 -27.14
C TYR A 19 30.18 3.26 -27.55
N SER A 20 29.72 4.47 -27.86
CA SER A 20 30.63 5.51 -28.35
C SER A 20 31.74 5.79 -27.35
N ARG A 21 31.38 5.99 -26.09
CA ARG A 21 32.40 6.33 -25.10
C ARG A 21 33.20 5.11 -24.65
N ASN A 22 32.99 3.94 -25.26
CA ASN A 22 33.82 2.79 -25.00
C ASN A 22 35.12 2.81 -25.79
N ARG A 23 35.30 3.80 -26.67
CA ARG A 23 36.42 3.84 -27.60
C ARG A 23 37.74 4.01 -26.84
N LEU A 24 38.84 3.74 -27.56
CA LEU A 24 40.21 3.71 -27.02
C LEU A 24 40.41 2.54 -26.07
N TYR A 25 39.53 2.40 -25.08
CA TYR A 25 39.58 1.22 -24.20
C TYR A 25 39.31 -0.06 -24.98
N LEU A 26 38.33 -0.03 -25.87
CA LEU A 26 38.01 -1.18 -26.70
C LEU A 26 38.05 -0.77 -28.16
N ASN A 27 38.60 -1.63 -28.99
CA ASN A 27 38.56 -1.42 -30.42
C ASN A 27 37.29 -2.02 -30.98
N PRO A 28 36.93 -1.68 -32.22
CA PRO A 28 35.67 -2.22 -32.78
C PRO A 28 35.57 -3.74 -32.75
N LYS A 29 36.69 -4.43 -32.99
CA LYS A 29 36.63 -5.89 -33.03
C LYS A 29 36.39 -6.48 -31.65
N GLU A 30 36.91 -5.84 -30.59
CA GLU A 30 36.62 -6.32 -29.24
C GLU A 30 35.16 -6.06 -28.87
N GLN A 31 34.64 -4.87 -29.18
CA GLN A 31 33.22 -4.61 -28.93
C GLN A 31 32.37 -5.61 -29.69
N GLU A 32 32.77 -5.89 -30.94
CA GLU A 32 32.09 -6.87 -31.76
C GLU A 32 32.19 -8.26 -31.15
N LEU A 33 33.37 -8.61 -30.62
CA LEU A 33 33.59 -9.96 -30.10
C LEU A 33 32.69 -10.27 -28.92
N ILE A 34 32.66 -9.36 -27.94
CA ILE A 34 31.90 -9.58 -26.71
C ILE A 34 30.41 -9.45 -26.93
N LYS A 35 29.98 -8.83 -28.04
CA LYS A 35 28.56 -8.69 -28.33
C LYS A 35 27.87 -10.04 -28.26
N ASP A 36 28.48 -11.07 -28.86
CA ASP A 36 27.86 -12.38 -28.95
C ASP A 36 28.43 -13.41 -27.99
N TYR A 37 29.43 -13.06 -27.19
CA TYR A 37 30.03 -13.99 -26.26
C TYR A 37 29.01 -14.53 -25.26
N PRO A 38 28.60 -15.81 -25.36
CA PRO A 38 27.49 -16.30 -24.52
C PRO A 38 27.95 -16.48 -23.08
N ILE A 39 27.35 -15.71 -22.18
CA ILE A 39 27.64 -15.78 -20.76
C ILE A 39 26.50 -16.51 -20.07
N LEU A 40 26.84 -17.44 -19.20
CA LEU A 40 25.86 -18.07 -18.33
C LEU A 40 26.00 -17.51 -16.93
N LEU A 41 24.92 -17.01 -16.38
CA LEU A 41 24.90 -16.42 -15.04
C LEU A 41 23.96 -17.26 -14.19
N GLY A 42 24.52 -17.99 -13.23
CA GLY A 42 23.72 -18.73 -12.28
C GLY A 42 23.49 -17.97 -11.00
N GLY A 43 22.28 -17.47 -10.81
CA GLY A 43 21.98 -16.63 -9.67
C GLY A 43 21.81 -15.17 -10.00
N ALA A 44 20.58 -14.67 -9.84
CA ALA A 44 20.21 -13.30 -10.18
C ALA A 44 20.12 -12.40 -8.94
N GLY A 45 20.89 -12.70 -7.91
CA GLY A 45 20.94 -11.81 -6.77
C GLY A 45 22.06 -10.82 -6.93
N ILE A 46 23.22 -11.09 -6.34
CA ILE A 46 24.43 -10.33 -6.68
C ILE A 46 24.64 -10.35 -8.20
N GLY A 47 24.16 -11.41 -8.86
CA GLY A 47 24.29 -11.51 -10.30
C GLY A 47 23.45 -10.51 -11.07
N SER A 48 22.41 -9.94 -10.46
CA SER A 48 21.60 -8.95 -11.18
C SER A 48 22.33 -7.62 -11.35
N ILE A 49 23.18 -7.25 -10.39
CA ILE A 49 24.03 -6.09 -10.57
C ILE A 49 25.07 -6.37 -11.63
N ILE A 50 25.66 -7.56 -11.58
CA ILE A 50 26.68 -7.96 -12.54
C ILE A 50 26.12 -7.89 -13.96
N ALA A 51 24.87 -8.34 -14.13
CA ALA A 51 24.30 -8.38 -15.47
C ALA A 51 24.19 -7.00 -16.09
N GLU A 52 23.74 -6.00 -15.31
CA GLU A 52 23.55 -4.67 -15.87
C GLU A 52 24.87 -4.07 -16.29
N CYS A 53 25.86 -4.13 -15.40
CA CYS A 53 27.16 -3.56 -15.72
C CYS A 53 27.76 -4.24 -16.95
N ALA A 54 27.60 -5.56 -17.06
CA ALA A 54 28.15 -6.26 -18.20
C ALA A 54 27.38 -5.95 -19.48
N LEU A 55 26.06 -5.83 -19.38
CA LEU A 55 25.26 -5.51 -20.57
C LEU A 55 25.60 -4.12 -21.10
N ARG A 56 25.67 -3.14 -20.21
CA ARG A 56 26.00 -1.78 -20.63
C ARG A 56 27.40 -1.70 -21.25
N PHE A 57 28.33 -2.51 -20.74
CA PHE A 57 29.68 -2.60 -21.30
C PHE A 57 29.68 -3.10 -22.74
N GLY A 58 28.76 -4.00 -23.09
CA GLY A 58 28.69 -4.47 -24.46
C GLY A 58 28.49 -5.97 -24.65
N PHE A 59 28.41 -6.69 -23.54
CA PHE A 59 28.07 -8.11 -23.53
C PHE A 59 26.57 -8.25 -23.72
N GLU A 60 26.13 -8.69 -24.90
CA GLU A 60 24.71 -8.69 -25.22
C GLU A 60 24.11 -10.09 -25.25
N ASN A 61 24.88 -11.10 -24.88
CA ASN A 61 24.40 -12.48 -24.92
C ASN A 61 24.51 -13.10 -23.54
N ILE A 62 23.44 -12.99 -22.75
CA ILE A 62 23.49 -13.41 -21.36
C ILE A 62 22.31 -14.33 -21.08
N THR A 63 22.60 -15.50 -20.53
CA THR A 63 21.58 -16.43 -20.03
C THR A 63 21.59 -16.32 -18.51
N ILE A 64 20.42 -16.09 -17.91
CA ILE A 64 20.28 -15.94 -16.46
C ILE A 64 19.32 -17.00 -15.95
N VAL A 65 19.76 -17.78 -14.96
CA VAL A 65 18.99 -18.85 -14.34
C VAL A 65 18.88 -18.59 -12.85
N ASP A 66 17.65 -18.54 -12.36
CA ASP A 66 17.37 -18.33 -10.95
C ASP A 66 15.93 -18.73 -10.69
N GLY A 67 15.69 -19.36 -9.54
CA GLY A 67 14.33 -19.76 -9.21
C GLY A 67 13.62 -18.97 -8.14
N ASP A 68 14.27 -17.97 -7.54
CA ASP A 68 13.62 -17.19 -6.48
C ASP A 68 12.75 -16.08 -7.05
N HIS A 69 11.94 -15.54 -6.16
CA HIS A 69 11.15 -14.35 -6.41
C HIS A 69 11.89 -13.21 -5.72
N VAL A 70 11.57 -11.99 -6.14
CA VAL A 70 12.19 -10.82 -5.55
C VAL A 70 11.58 -10.58 -4.18
N GLU A 71 12.43 -10.43 -3.19
CA GLU A 71 12.01 -10.23 -1.81
C GLU A 71 12.46 -8.84 -1.37
N ASN A 72 11.84 -8.35 -0.29
CA ASN A 72 12.15 -7.03 0.21
C ASN A 72 13.64 -6.87 0.51
N SER A 73 14.25 -7.86 1.16
CA SER A 73 15.64 -7.73 1.57
C SER A 73 16.60 -7.60 0.39
N ASN A 74 16.15 -7.85 -0.83
CA ASN A 74 17.03 -7.70 -1.98
C ASN A 74 17.27 -6.24 -2.32
N LEU A 75 16.39 -5.32 -1.90
CA LEU A 75 16.44 -3.98 -2.46
C LEU A 75 17.65 -3.19 -2.00
N ASN A 76 18.35 -3.66 -0.96
CA ASN A 76 19.53 -2.97 -0.47
C ASN A 76 20.78 -3.27 -1.27
N ARG A 77 20.74 -4.19 -2.23
CA ARG A 77 21.97 -4.58 -2.89
C ARG A 77 21.77 -5.27 -4.23
N GLN A 78 20.52 -5.45 -4.65
CA GLN A 78 20.22 -6.17 -5.88
C GLN A 78 19.43 -5.29 -6.83
N ASN A 79 19.41 -5.71 -8.09
CA ASN A 79 18.95 -4.87 -9.18
C ASN A 79 17.43 -4.99 -9.36
N TYR A 80 16.68 -4.67 -8.30
CA TYR A 80 15.22 -4.76 -8.34
C TYR A 80 14.60 -3.54 -7.67
N THR A 81 13.32 -3.32 -7.98
CA THR A 81 12.52 -2.18 -7.51
C THR A 81 11.38 -2.68 -6.61
N GLU A 82 10.70 -1.74 -5.96
CA GLU A 82 9.55 -2.10 -5.13
C GLU A 82 8.48 -2.84 -5.94
N GLY A 83 8.31 -2.47 -7.21
CA GLY A 83 7.34 -3.17 -8.03
C GLY A 83 7.73 -4.58 -8.40
N ASP A 84 9.03 -4.87 -8.34
CA ASP A 84 9.50 -6.21 -8.69
C ASP A 84 9.24 -7.21 -7.59
N VAL A 85 8.94 -6.75 -6.37
CA VAL A 85 8.87 -7.65 -5.23
C VAL A 85 7.73 -8.64 -5.44
N SER A 86 8.03 -9.91 -5.20
CA SER A 86 7.19 -11.07 -5.36
C SER A 86 7.19 -11.61 -6.79
N VAL A 87 7.92 -11.02 -7.71
CA VAL A 87 7.92 -11.55 -9.07
C VAL A 87 9.19 -12.37 -9.19
N ASN A 88 9.17 -13.37 -10.07
CA ASN A 88 10.38 -14.12 -10.36
C ASN A 88 11.49 -13.18 -10.79
N LYS A 89 12.63 -13.32 -10.12
CA LYS A 89 13.81 -12.53 -10.40
C LYS A 89 14.18 -12.55 -11.87
N VAL A 90 14.09 -13.69 -12.54
CA VAL A 90 14.57 -13.75 -13.92
C VAL A 90 13.69 -12.89 -14.81
N GLU A 91 12.39 -12.87 -14.55
CA GLU A 91 11.50 -11.98 -15.30
C GLU A 91 11.82 -10.53 -14.98
N ALA A 92 12.07 -10.23 -13.70
CA ALA A 92 12.36 -8.85 -13.31
C ALA A 92 13.68 -8.34 -13.86
N ILE A 93 14.75 -9.13 -13.77
CA ILE A 93 16.04 -8.64 -14.26
C ILE A 93 16.03 -8.54 -15.78
N LYS A 94 15.24 -9.37 -16.47
CA LYS A 94 15.18 -9.23 -17.93
C LYS A 94 14.46 -7.93 -18.30
N ALA A 95 13.41 -7.57 -17.57
CA ALA A 95 12.77 -6.29 -17.83
C ALA A 95 13.76 -5.15 -17.70
N ARG A 96 14.53 -5.13 -16.59
CA ARG A 96 15.53 -4.09 -16.38
C ARG A 96 16.56 -4.10 -17.51
N LEU A 97 17.09 -5.29 -17.84
CA LEU A 97 18.10 -5.39 -18.88
C LEU A 97 17.56 -5.01 -20.27
N LYS A 98 16.35 -5.47 -20.61
CA LYS A 98 15.82 -5.20 -21.94
C LYS A 98 15.34 -3.77 -22.11
N SER A 99 15.07 -3.06 -21.03
CA SER A 99 14.80 -1.63 -21.14
C SER A 99 16.09 -0.86 -21.36
N ILE A 100 17.23 -1.42 -20.93
CA ILE A 100 18.53 -0.84 -21.23
C ILE A 100 18.93 -1.13 -22.67
N ASN A 101 18.68 -2.35 -23.16
CA ASN A 101 19.09 -2.71 -24.52
C ASN A 101 18.03 -3.66 -25.10
N SER A 102 17.17 -3.10 -25.96
CA SER A 102 16.09 -3.89 -26.55
C SER A 102 16.62 -4.94 -27.52
N LYS A 103 17.70 -4.63 -28.24
CA LYS A 103 18.29 -5.53 -29.21
C LYS A 103 19.21 -6.58 -28.59
N ALA A 104 19.32 -6.61 -27.26
CA ALA A 104 20.16 -7.57 -26.58
C ALA A 104 19.48 -8.93 -26.50
N ASN A 105 20.31 -9.97 -26.42
CA ASN A 105 19.84 -11.35 -26.43
C ASN A 105 19.89 -11.84 -24.99
N ILE A 106 18.83 -11.54 -24.25
CA ILE A 106 18.74 -11.84 -22.83
C ILE A 106 17.81 -13.03 -22.66
N LYS A 107 18.40 -14.19 -22.42
CA LYS A 107 17.65 -15.43 -22.26
C LYS A 107 17.58 -15.83 -20.79
N ILE A 108 16.37 -16.03 -20.29
CA ILE A 108 16.17 -16.36 -18.89
C ILE A 108 15.51 -17.74 -18.82
N HIS A 109 15.70 -18.40 -17.69
CA HIS A 109 15.07 -19.69 -17.40
C HIS A 109 14.75 -19.66 -15.91
N ASN A 110 13.46 -19.65 -15.56
CA ASN A 110 13.08 -19.62 -14.16
C ASN A 110 12.99 -21.03 -13.57
N CYS A 111 14.15 -21.57 -13.24
CA CYS A 111 14.25 -22.93 -12.73
C CYS A 111 15.42 -22.97 -11.75
N PHE A 112 15.29 -23.79 -10.72
CA PHE A 112 16.43 -24.08 -9.88
C PHE A 112 17.33 -25.11 -10.53
N LEU A 113 18.61 -24.96 -10.28
CA LEU A 113 19.58 -25.87 -10.81
C LEU A 113 19.65 -27.08 -9.89
N THR A 114 19.67 -28.26 -10.49
CA THR A 114 19.77 -29.51 -9.78
C THR A 114 20.89 -30.30 -10.44
N SER A 115 21.30 -31.39 -9.78
CA SER A 115 22.30 -32.26 -10.39
C SER A 115 21.88 -32.80 -11.75
N ASP A 116 20.58 -32.95 -12.01
CA ASP A 116 20.16 -33.56 -13.27
C ASP A 116 20.16 -32.59 -14.45
N ASN A 117 19.76 -31.34 -14.23
CA ASN A 117 19.60 -30.39 -15.32
C ASN A 117 20.77 -29.45 -15.51
N VAL A 118 21.72 -29.38 -14.58
CA VAL A 118 22.64 -28.27 -14.56
C VAL A 118 23.56 -28.36 -15.77
N GLU A 119 23.87 -29.58 -16.21
CA GLU A 119 24.78 -29.73 -17.34
C GLU A 119 24.16 -29.20 -18.61
N GLU A 120 22.87 -29.45 -18.81
CA GLU A 120 22.21 -29.03 -20.05
C GLU A 120 22.14 -27.51 -20.17
N TYR A 121 21.97 -26.78 -19.05
CA TYR A 121 22.00 -25.32 -19.12
C TYR A 121 23.38 -24.80 -19.49
N ILE A 122 24.44 -25.39 -18.92
CA ILE A 122 25.82 -24.94 -19.14
C ILE A 122 26.24 -25.10 -20.60
N LYS A 123 25.79 -26.17 -21.25
CA LYS A 123 26.17 -26.42 -22.64
C LYS A 123 25.91 -25.17 -23.47
N GLY A 124 26.91 -24.79 -24.28
CA GLY A 124 26.71 -23.69 -25.19
C GLY A 124 27.23 -22.35 -24.73
N HIS A 125 27.81 -22.28 -23.56
CA HIS A 125 28.34 -21.03 -23.06
C HIS A 125 29.87 -21.06 -23.07
N LYS A 126 30.48 -19.89 -23.27
CA LYS A 126 31.92 -19.78 -23.29
C LYS A 126 32.53 -19.43 -21.94
N VAL A 127 31.74 -18.84 -21.03
CA VAL A 127 32.21 -18.45 -19.70
C VAL A 127 31.01 -18.50 -18.78
N ALA A 128 31.25 -18.75 -17.50
CA ALA A 128 30.14 -18.85 -16.55
C ALA A 128 30.45 -18.08 -15.28
N ILE A 129 29.39 -17.57 -14.67
CA ILE A 129 29.47 -16.86 -13.41
C ILE A 129 28.64 -17.64 -12.41
N ASN A 130 29.30 -18.19 -11.40
CA ASN A 130 28.66 -19.00 -10.37
C ASN A 130 28.31 -18.07 -9.24
N ALA A 131 27.06 -17.64 -9.19
CA ALA A 131 26.57 -16.83 -8.08
C ALA A 131 25.48 -17.57 -7.33
N LEU A 132 25.67 -18.87 -7.12
CA LEU A 132 24.64 -19.71 -6.52
C LEU A 132 24.80 -19.79 -5.01
N ASP A 133 23.69 -19.64 -4.31
CA ASP A 133 23.62 -19.91 -2.87
C ASP A 133 24.06 -21.35 -2.64
N PHE A 134 24.83 -21.55 -1.57
CA PHE A 134 25.29 -22.88 -1.21
C PHE A 134 24.21 -23.73 -0.56
N SER A 135 22.98 -23.21 -0.51
CA SER A 135 21.78 -23.91 -0.04
C SER A 135 21.47 -25.21 -0.76
N SER A 136 22.10 -25.52 -1.89
CA SER A 136 21.97 -26.88 -2.42
C SER A 136 23.38 -27.39 -2.74
N GLU A 137 23.50 -28.64 -3.16
CA GLU A 137 24.84 -29.15 -3.45
C GLU A 137 25.28 -28.92 -4.88
N VAL A 138 24.86 -27.85 -5.52
CA VAL A 138 25.02 -27.72 -6.95
C VAL A 138 26.10 -26.69 -7.20
N PRO A 139 26.44 -25.78 -6.25
CA PRO A 139 27.45 -24.78 -6.58
C PRO A 139 28.76 -25.42 -7.02
N LEU A 140 29.21 -26.45 -6.29
CA LEU A 140 30.47 -27.06 -6.69
C LEU A 140 30.30 -28.01 -7.86
N LEU A 141 29.18 -28.74 -7.96
CA LEU A 141 29.02 -29.62 -9.12
C LEU A 141 28.94 -28.78 -10.40
N PHE A 142 28.27 -27.62 -10.32
CA PHE A 142 28.23 -26.65 -11.42
C PHE A 142 29.64 -26.39 -11.95
N ASP A 143 30.59 -26.15 -11.04
CA ASP A 143 31.96 -25.86 -11.45
C ASP A 143 32.61 -27.07 -12.12
N GLU A 144 32.41 -28.27 -11.57
CA GLU A 144 33.03 -29.45 -12.16
C GLU A 144 32.63 -29.61 -13.61
N ILE A 145 31.34 -29.42 -13.91
CA ILE A 145 30.90 -29.55 -15.28
C ILE A 145 31.53 -28.46 -16.15
N CYS A 146 31.61 -27.24 -15.63
CA CYS A 146 32.25 -26.18 -16.41
C CYS A 146 33.73 -26.49 -16.65
N GLN A 147 34.43 -27.00 -15.64
CA GLN A 147 35.85 -27.35 -15.81
C GLN A 147 36.05 -28.37 -16.93
N LYS A 148 35.26 -29.44 -16.91
CA LYS A 148 35.32 -30.47 -17.93
C LYS A 148 35.14 -29.88 -19.35
N MET A 149 34.37 -28.80 -19.48
CA MET A 149 34.01 -28.21 -20.76
C MET A 149 34.82 -26.97 -21.16
N ASP A 150 35.92 -26.66 -20.48
CA ASP A 150 36.74 -25.48 -20.80
C ASP A 150 35.96 -24.18 -20.62
N ILE A 151 35.08 -24.14 -19.64
CA ILE A 151 34.30 -22.95 -19.33
C ILE A 151 34.85 -22.38 -18.01
N PRO A 152 35.57 -21.27 -18.03
CA PRO A 152 35.99 -20.66 -16.77
C PRO A 152 34.81 -20.13 -15.98
N VAL A 153 34.93 -20.17 -14.66
CA VAL A 153 33.86 -19.86 -13.73
C VAL A 153 34.26 -18.72 -12.82
N LEU A 154 33.49 -17.64 -12.85
CA LEU A 154 33.66 -16.53 -11.93
C LEU A 154 32.86 -16.74 -10.66
N HIS A 155 33.49 -16.60 -9.50
CA HIS A 155 32.76 -16.63 -8.23
C HIS A 155 32.78 -15.26 -7.59
N PRO A 156 31.72 -14.48 -7.69
CA PRO A 156 31.67 -13.20 -7.00
C PRO A 156 31.08 -13.30 -5.60
N TYR A 157 31.66 -12.54 -4.68
CA TYR A 157 31.21 -12.50 -3.31
C TYR A 157 31.07 -11.05 -2.87
N ASN A 158 30.07 -10.81 -2.04
CA ASN A 158 29.76 -9.49 -1.52
C ASN A 158 30.34 -9.49 -0.12
N LEU A 159 31.51 -8.88 0.02
CA LEU A 159 32.13 -8.77 1.33
C LEU A 159 31.84 -7.41 1.96
N GLY A 160 30.65 -6.88 1.77
CA GLY A 160 30.27 -5.60 2.35
C GLY A 160 31.00 -4.39 1.81
N TRP A 161 32.12 -4.04 2.41
CA TRP A 161 32.91 -2.94 1.89
C TRP A 161 33.71 -3.37 0.68
N GLY A 162 33.91 -4.66 0.50
CA GLY A 162 34.78 -5.13 -0.56
C GLY A 162 34.06 -6.02 -1.53
N GLY A 163 34.59 -6.12 -2.74
CA GLY A 163 34.17 -7.10 -3.73
C GLY A 163 35.25 -8.15 -3.88
N LEU A 164 34.81 -9.41 -3.96
CA LEU A 164 35.70 -10.55 -4.10
C LEU A 164 35.28 -11.34 -5.33
N VAL A 165 36.24 -11.60 -6.20
CA VAL A 165 36.04 -12.47 -7.35
C VAL A 165 37.20 -13.45 -7.40
N THR A 166 36.87 -14.70 -7.63
CA THR A 166 37.82 -15.73 -7.99
C THR A 166 37.31 -16.49 -9.20
N ILE A 167 38.24 -16.87 -10.07
CA ILE A 167 37.91 -17.54 -11.32
C ILE A 167 38.39 -18.97 -11.18
N ILE A 168 37.46 -19.91 -11.35
CA ILE A 168 37.82 -21.33 -11.41
C ILE A 168 38.27 -21.62 -12.83
N SER A 169 39.47 -21.92 -12.97
CA SER A 169 39.82 -22.18 -14.36
C SER A 169 39.67 -23.67 -14.64
N PRO A 170 39.36 -24.00 -15.90
CA PRO A 170 39.06 -25.39 -16.23
C PRO A 170 40.14 -26.39 -15.83
N LYS A 171 41.41 -26.05 -16.05
CA LYS A 171 42.51 -26.97 -15.78
C LYS A 171 43.16 -26.73 -14.42
N GLY A 172 42.55 -25.94 -13.56
CA GLY A 172 43.11 -25.59 -12.28
C GLY A 172 42.32 -26.13 -11.11
N LEU A 173 42.74 -25.72 -9.91
CA LEU A 173 42.07 -26.17 -8.71
C LEU A 173 40.63 -25.74 -8.71
N SER A 174 39.79 -26.57 -8.10
CA SER A 174 38.41 -26.24 -7.88
C SER A 174 38.23 -25.74 -6.46
N LEU A 175 37.05 -25.20 -6.20
CA LEU A 175 36.75 -24.73 -4.85
C LEU A 175 36.80 -25.89 -3.86
N ASN A 176 36.69 -27.13 -4.35
CA ASN A 176 36.77 -28.31 -3.49
C ASN A 176 38.00 -28.28 -2.61
N SER A 177 39.11 -27.75 -3.13
CA SER A 177 40.38 -27.71 -2.43
C SER A 177 40.30 -26.96 -1.09
N ILE A 178 39.31 -26.08 -0.89
CA ILE A 178 39.15 -25.42 0.42
C ILE A 178 38.10 -26.09 1.30
N ALA A 179 37.35 -27.06 0.76
CA ALA A 179 36.37 -27.82 1.53
C ALA A 179 36.94 -29.01 2.30
N LYS A 180 36.41 -29.24 3.51
CA LYS A 180 36.66 -30.48 4.23
C LYS A 180 35.46 -31.38 3.91
N LYS A 181 35.74 -32.63 3.53
CA LYS A 181 34.68 -33.53 3.07
C LYS A 181 33.65 -33.88 4.15
N GLY A 182 33.90 -33.57 5.42
CA GLY A 182 32.82 -33.94 6.33
C GLY A 182 31.79 -32.90 6.64
N GLU A 183 32.02 -31.64 6.35
CA GLU A 183 30.99 -30.68 6.67
C GLU A 183 30.70 -29.95 5.37
N LYS A 184 29.48 -29.44 5.21
CA LYS A 184 29.14 -28.76 3.98
C LYS A 184 29.85 -27.42 3.92
N PHE A 185 30.05 -26.96 2.70
CA PHE A 185 30.96 -25.88 2.40
C PHE A 185 30.11 -24.74 1.88
N ASN A 186 30.26 -23.55 2.47
CA ASN A 186 29.52 -22.41 2.00
C ASN A 186 30.45 -21.22 1.92
N GLU A 187 29.83 -20.05 1.73
CA GLU A 187 30.58 -18.82 1.48
C GLU A 187 31.42 -18.39 2.68
N LEU A 188 31.03 -18.78 3.89
CA LEU A 188 31.84 -18.38 5.05
C LEU A 188 33.23 -19.00 5.00
N ASN A 189 33.35 -20.20 4.41
CA ASN A 189 34.65 -20.81 4.19
C ASN A 189 35.48 -20.06 3.16
N VAL A 190 34.86 -19.55 2.09
CA VAL A 190 35.59 -18.77 1.09
C VAL A 190 36.13 -17.49 1.71
N VAL A 191 35.30 -16.82 2.51
CA VAL A 191 35.68 -15.54 3.09
C VAL A 191 36.77 -15.74 4.14
N GLU A 192 36.67 -16.83 4.92
CA GLU A 192 37.73 -17.16 5.89
C GLU A 192 39.05 -17.50 5.21
N TYR A 193 39.00 -18.17 4.04
CA TYR A 193 40.21 -18.44 3.28
C TYR A 193 40.87 -17.16 2.84
N VAL A 194 40.06 -16.23 2.33
CA VAL A 194 40.60 -14.98 1.82
C VAL A 194 41.21 -14.17 2.97
N SER A 195 40.48 -14.01 4.08
CA SER A 195 41.02 -13.25 5.21
C SER A 195 42.34 -13.85 5.73
N SER A 196 42.39 -15.17 5.91
CA SER A 196 43.61 -15.82 6.39
C SER A 196 44.77 -15.65 5.41
N TYR A 197 44.50 -15.77 4.10
CA TYR A 197 45.53 -15.56 3.10
C TYR A 197 46.11 -14.17 3.18
N MET A 198 45.25 -13.16 3.26
CA MET A 198 45.75 -11.79 3.36
C MET A 198 46.62 -11.61 4.60
N ARG A 199 46.15 -12.08 5.76
CA ARG A 199 46.94 -11.89 6.97
C ARG A 199 48.25 -12.65 6.91
N PHE A 200 48.21 -13.89 6.41
CA PHE A 200 49.44 -14.68 6.30
C PHE A 200 50.49 -14.02 5.42
N TRP A 201 50.07 -13.38 4.33
CA TRP A 201 51.00 -12.76 3.42
C TRP A 201 51.26 -11.30 3.73
N GLY A 202 50.96 -10.86 4.95
CA GLY A 202 51.35 -9.54 5.37
C GLY A 202 50.44 -8.41 4.93
N LYS A 203 49.27 -8.71 4.36
CA LYS A 203 48.31 -7.69 3.98
C LYS A 203 46.99 -7.95 4.71
N PRO A 204 46.98 -7.97 6.05
CA PRO A 204 45.73 -8.28 6.77
C PRO A 204 44.58 -7.33 6.47
N GLN A 205 43.39 -7.90 6.30
CA GLN A 205 42.17 -7.13 6.09
C GLN A 205 41.41 -7.13 7.41
N GLU A 206 41.74 -6.20 8.31
CA GLU A 206 41.14 -6.27 9.64
C GLU A 206 39.63 -6.08 9.62
N TRP A 207 39.12 -5.29 8.66
CA TRP A 207 37.68 -5.14 8.47
C TRP A 207 36.98 -6.46 8.15
N LEU A 208 37.59 -7.29 7.29
CA LEU A 208 36.93 -8.54 6.89
C LEU A 208 36.88 -9.50 8.07
N GLU A 209 37.98 -9.60 8.81
CA GLU A 209 38.04 -10.43 9.99
C GLU A 209 37.04 -9.93 11.02
N ASP A 210 36.84 -8.61 11.06
CA ASP A 210 35.91 -8.02 12.02
C ASP A 210 34.48 -8.45 11.71
N ILE A 211 34.08 -8.37 10.44
CA ILE A 211 32.71 -8.76 10.05
C ILE A 211 32.52 -10.27 10.16
N ILE A 212 33.57 -11.04 9.86
CA ILE A 212 33.50 -12.48 10.09
C ILE A 212 33.25 -12.78 11.57
N TYR A 213 34.01 -12.12 12.45
CA TYR A 213 33.84 -12.38 13.88
C TYR A 213 32.44 -12.03 14.35
N LYS A 214 31.95 -10.85 13.96
CA LYS A 214 30.60 -10.42 14.34
C LYS A 214 29.56 -11.44 13.89
N PHE A 215 29.71 -11.94 12.66
CA PHE A 215 28.72 -12.86 12.10
C PHE A 215 28.75 -14.18 12.84
N LYS A 216 29.93 -14.71 13.16
CA LYS A 216 30.00 -15.99 13.86
C LYS A 216 29.37 -15.87 15.23
N ASN A 217 29.65 -14.78 15.95
CA ASN A 217 29.09 -14.66 17.29
C ASN A 217 27.63 -14.19 17.29
N GLU A 218 26.93 -14.22 16.16
CA GLU A 218 25.50 -13.98 16.18
C GLU A 218 24.80 -15.23 16.72
N ARG A 219 23.86 -15.03 17.65
CA ARG A 219 23.11 -16.19 18.17
C ARG A 219 22.31 -16.90 17.09
N GLU A 220 21.39 -16.21 16.44
CA GLU A 220 20.61 -16.87 15.41
C GLU A 220 21.44 -17.01 14.14
N LYS A 221 21.12 -18.04 13.38
CA LYS A 221 21.75 -18.30 12.09
C LYS A 221 20.93 -17.66 10.99
N LEU A 222 21.50 -16.62 10.39
CA LEU A 222 20.87 -15.79 9.37
C LEU A 222 21.80 -15.80 8.15
N SER A 223 21.28 -15.30 7.05
CA SER A 223 22.11 -15.18 5.86
C SER A 223 23.18 -14.11 6.09
N PRO A 224 24.31 -14.22 5.39
CA PRO A 224 25.38 -13.25 5.58
C PRO A 224 24.91 -11.85 5.23
N PRO A 225 25.34 -10.83 5.97
CA PRO A 225 25.03 -9.46 5.59
C PRO A 225 25.79 -9.08 4.33
N GLN A 226 25.19 -8.17 3.57
CA GLN A 226 25.80 -7.63 2.36
C GLN A 226 25.38 -6.17 2.21
N LEU A 227 26.22 -5.40 1.52
CA LEU A 227 25.99 -3.97 1.33
C LEU A 227 25.96 -3.70 -0.16
N SER A 228 25.34 -2.58 -0.53
CA SER A 228 25.32 -2.22 -1.93
C SER A 228 26.72 -1.96 -2.49
N VAL A 229 27.64 -1.42 -1.67
CA VAL A 229 28.96 -1.04 -2.19
C VAL A 229 29.69 -2.25 -2.75
N GLY A 230 29.75 -3.34 -1.98
CA GLY A 230 30.43 -4.52 -2.46
C GLY A 230 29.77 -5.07 -3.71
N SER A 231 28.43 -5.02 -3.75
CA SER A 231 27.72 -5.48 -4.95
C SER A 231 28.16 -4.66 -6.15
N TRP A 232 28.21 -3.33 -6.00
CA TRP A 232 28.59 -2.48 -7.11
C TRP A 232 30.03 -2.69 -7.52
N VAL A 233 30.93 -2.84 -6.54
CA VAL A 233 32.33 -3.09 -6.85
C VAL A 233 32.52 -4.43 -7.56
N VAL A 234 31.86 -5.48 -7.07
CA VAL A 234 32.05 -6.80 -7.66
C VAL A 234 31.49 -6.89 -9.07
N ALA A 235 30.42 -6.13 -9.37
CA ALA A 235 29.91 -6.10 -10.74
C ALA A 235 30.95 -5.53 -11.68
N GLY A 236 31.65 -4.48 -11.24
CA GLY A 236 32.73 -3.93 -12.05
C GLY A 236 33.88 -4.92 -12.24
N MET A 237 34.29 -5.56 -11.14
CA MET A 237 35.36 -6.55 -11.23
C MET A 237 34.98 -7.65 -12.22
N CYS A 238 33.76 -8.17 -12.10
CA CYS A 238 33.32 -9.25 -12.98
C CYS A 238 33.29 -8.80 -14.44
N THR A 239 32.79 -7.59 -14.71
CA THR A 239 32.72 -7.12 -16.09
C THR A 239 34.12 -7.05 -16.70
N HIS A 240 35.08 -6.57 -15.92
CA HIS A 240 36.46 -6.55 -16.36
C HIS A 240 36.98 -7.94 -16.65
N ILE A 241 36.75 -8.87 -15.72
CA ILE A 241 37.23 -10.23 -15.90
C ILE A 241 36.64 -10.86 -17.14
N LEU A 242 35.34 -10.63 -17.35
CA LEU A 242 34.68 -11.13 -18.55
C LEU A 242 35.36 -10.60 -19.80
N PHE A 243 35.65 -9.29 -19.82
CA PHE A 243 36.30 -8.76 -21.01
C PHE A 243 37.67 -9.39 -21.20
N ASN A 244 38.42 -9.60 -20.12
CA ASN A 244 39.74 -10.21 -20.24
C ASN A 244 39.65 -11.65 -20.72
N ILE A 245 38.71 -12.42 -20.18
CA ILE A 245 38.58 -13.80 -20.63
C ILE A 245 38.16 -13.84 -22.10
N ALA A 246 37.21 -12.99 -22.49
CA ALA A 246 36.71 -13.06 -23.87
C ALA A 246 37.79 -12.64 -24.87
N THR A 247 38.58 -11.64 -24.54
CA THR A 247 39.64 -11.20 -25.43
C THR A 247 40.96 -11.89 -25.13
N GLN A 248 40.97 -12.89 -24.25
CA GLN A 248 42.15 -13.72 -23.97
C GLN A 248 43.32 -12.92 -23.40
N ARG A 249 43.01 -12.00 -22.50
CA ARG A 249 44.02 -11.32 -21.69
C ARG A 249 44.23 -12.13 -20.42
N GLU A 250 45.42 -12.00 -19.84
CA GLU A 250 45.78 -12.79 -18.68
C GLU A 250 44.85 -12.52 -17.49
N ILE A 251 44.54 -13.58 -16.73
CA ILE A 251 43.76 -13.48 -15.50
C ILE A 251 44.34 -14.43 -14.46
N LYS A 252 44.05 -14.13 -13.19
CA LYS A 252 44.41 -15.01 -12.09
C LYS A 252 43.33 -16.07 -11.91
N SER A 253 43.76 -17.31 -11.83
CA SER A 253 42.83 -18.38 -11.55
C SER A 253 42.98 -18.79 -10.10
N PHE A 254 41.90 -19.30 -9.53
CA PHE A 254 41.94 -19.87 -8.19
C PHE A 254 43.07 -20.89 -8.09
N PRO A 255 43.82 -20.90 -6.97
CA PRO A 255 43.59 -20.27 -5.66
C PRO A 255 43.82 -18.78 -5.58
N GLU A 256 44.20 -18.14 -6.69
CA GLU A 256 44.26 -16.70 -6.67
C GLU A 256 42.91 -16.03 -6.90
N PHE A 257 42.83 -14.78 -6.46
CA PHE A 257 41.56 -14.08 -6.49
C PHE A 257 41.81 -12.59 -6.61
N TYR A 258 40.73 -11.84 -6.81
CA TYR A 258 40.79 -10.39 -6.85
C TYR A 258 39.97 -9.80 -5.71
N LEU A 259 40.59 -8.95 -4.90
CA LEU A 259 39.90 -8.29 -3.81
C LEU A 259 40.06 -6.78 -3.96
N SER A 260 38.94 -6.06 -3.95
CA SER A 260 38.91 -4.63 -4.21
C SER A 260 38.04 -3.98 -3.14
N SER A 261 38.55 -2.93 -2.52
CA SER A 261 37.84 -2.25 -1.45
C SER A 261 38.33 -0.81 -1.42
N LEU A 262 37.64 0.01 -0.62
CA LEU A 262 38.02 1.42 -0.53
C LEU A 262 39.48 1.60 -0.15
N GLU A 263 39.98 0.80 0.80
CA GLU A 263 41.40 0.77 1.16
C GLU A 263 42.22 -0.16 0.25
N GLY A 264 42.20 0.16 -1.05
CA GLY A 264 42.89 -0.65 -2.04
C GLY A 264 42.00 -1.66 -2.75
N MET B 15 15.94 -0.41 11.58
CA MET B 15 16.10 -0.85 10.19
C MET B 15 14.76 -1.29 9.60
N LYS B 16 14.68 -1.37 8.27
CA LYS B 16 13.51 -1.88 7.59
C LYS B 16 13.87 -3.22 6.95
N HIS B 17 12.84 -3.99 6.57
CA HIS B 17 13.12 -5.25 5.88
C HIS B 17 13.87 -4.97 4.57
N ARG B 18 13.73 -3.75 4.04
CA ARG B 18 14.52 -3.33 2.89
C ARG B 18 16.01 -3.24 3.21
N TYR B 19 16.33 -2.76 4.41
CA TYR B 19 17.72 -2.69 4.85
C TYR B 19 18.07 -3.83 5.79
N SER B 20 17.31 -4.93 5.72
CA SER B 20 17.53 -6.06 6.62
C SER B 20 18.94 -6.61 6.50
N ARG B 21 19.42 -6.80 5.28
CA ARG B 21 20.72 -7.41 5.06
C ARG B 21 21.88 -6.45 5.31
N ASN B 22 21.61 -5.23 5.77
CA ASN B 22 22.65 -4.26 6.15
C ASN B 22 23.22 -4.48 7.53
N ARG B 23 22.69 -5.40 8.34
CA ARG B 23 23.08 -5.49 9.75
C ARG B 23 24.56 -5.88 9.89
N LEU B 24 25.09 -5.67 11.11
CA LEU B 24 26.50 -5.86 11.46
C LEU B 24 27.45 -4.84 10.84
N TYR B 25 27.37 -4.65 9.52
CA TYR B 25 28.14 -3.58 8.87
C TYR B 25 27.69 -2.22 9.38
N LEU B 26 26.39 -2.04 9.54
CA LEU B 26 25.83 -0.82 10.09
C LEU B 26 25.00 -1.21 11.29
N ASN B 27 25.10 -0.44 12.35
CA ASN B 27 24.17 -0.73 13.42
C ASN B 27 22.90 0.09 13.19
N PRO B 28 21.79 -0.26 13.88
CA PRO B 28 20.53 0.44 13.61
C PRO B 28 20.60 1.94 13.73
N LYS B 29 21.40 2.44 14.67
CA LYS B 29 21.50 3.88 14.89
C LYS B 29 22.20 4.58 13.72
N GLU B 30 23.18 3.91 13.09
CA GLU B 30 23.82 4.47 11.89
C GLU B 30 22.86 4.50 10.69
N GLN B 31 22.09 3.43 10.52
CA GLN B 31 21.13 3.35 9.40
C GLN B 31 20.15 4.50 9.47
N GLU B 32 19.68 4.84 10.68
CA GLU B 32 18.81 5.99 10.85
C GLU B 32 19.54 7.29 10.53
N LEU B 33 20.80 7.41 10.95
CA LEU B 33 21.53 8.67 10.76
C LEU B 33 21.70 9.00 9.29
N ILE B 34 22.14 8.04 8.48
CA ILE B 34 22.38 8.32 7.07
C ILE B 34 21.08 8.47 6.30
N LYS B 35 19.98 8.00 6.89
CA LYS B 35 18.68 8.10 6.22
C LYS B 35 18.37 9.53 5.83
N ASP B 36 18.63 10.48 6.73
CA ASP B 36 18.28 11.87 6.48
C ASP B 36 19.51 12.72 6.19
N TYR B 37 20.69 12.14 6.20
CA TYR B 37 21.92 12.87 5.92
C TYR B 37 21.81 13.51 4.54
N PRO B 38 21.68 14.83 4.48
CA PRO B 38 21.39 15.53 3.20
C PRO B 38 22.61 15.54 2.29
N ILE B 39 22.47 14.92 1.13
CA ILE B 39 23.53 14.85 0.13
C ILE B 39 23.19 15.75 -1.04
N LEU B 40 24.17 16.53 -1.50
CA LEU B 40 24.03 17.30 -2.73
C LEU B 40 24.85 16.62 -3.83
N LEU B 41 24.21 16.35 -4.94
CA LEU B 41 24.84 15.69 -6.08
C LEU B 41 24.80 16.67 -7.25
N GLY B 42 25.96 17.20 -7.61
CA GLY B 42 26.01 18.07 -8.77
C GLY B 42 26.43 17.27 -9.98
N GLY B 43 25.46 16.96 -10.84
CA GLY B 43 25.70 16.15 -12.02
C GLY B 43 25.16 14.74 -11.88
N ALA B 44 24.16 14.41 -12.70
CA ALA B 44 23.45 13.13 -12.66
C ALA B 44 23.92 12.16 -13.75
N GLY B 45 25.18 12.26 -14.16
CA GLY B 45 25.74 11.30 -15.09
C GLY B 45 26.38 10.13 -14.37
N ILE B 46 27.70 10.22 -14.18
CA ILE B 46 28.38 9.27 -13.28
C ILE B 46 27.67 9.26 -11.94
N GLY B 47 27.07 10.39 -11.55
CA GLY B 47 26.34 10.50 -10.30
C GLY B 47 25.06 9.69 -10.28
N SER B 48 24.54 9.30 -11.45
CA SER B 48 23.32 8.52 -11.47
C SER B 48 23.59 7.10 -11.02
N ILE B 49 24.79 6.58 -11.33
CA ILE B 49 25.19 5.29 -10.78
C ILE B 49 25.42 5.43 -9.28
N ILE B 50 26.08 6.51 -8.86
CA ILE B 50 26.30 6.75 -7.44
C ILE B 50 24.98 6.85 -6.70
N ALA B 51 24.00 7.52 -7.31
CA ALA B 51 22.74 7.74 -6.64
C ALA B 51 22.03 6.43 -6.29
N GLU B 52 21.99 5.47 -7.21
CA GLU B 52 21.30 4.21 -6.93
C GLU B 52 21.99 3.43 -5.82
N CYS B 53 23.32 3.29 -5.91
CA CYS B 53 24.07 2.54 -4.91
C CYS B 53 23.95 3.19 -3.53
N ALA B 54 24.01 4.52 -3.48
CA ALA B 54 23.89 5.24 -2.21
C ALA B 54 22.47 5.20 -1.66
N LEU B 55 21.45 5.24 -2.52
CA LEU B 55 20.08 5.16 -2.05
C LEU B 55 19.82 3.80 -1.42
N ARG B 56 20.22 2.73 -2.12
CA ARG B 56 19.98 1.38 -1.63
C ARG B 56 20.71 1.13 -0.33
N PHE B 57 21.88 1.72 -0.15
CA PHE B 57 22.60 1.63 1.11
C PHE B 57 21.80 2.22 2.27
N GLY B 58 21.02 3.27 2.02
CA GLY B 58 20.19 3.83 3.07
C GLY B 58 20.17 5.34 3.14
N PHE B 59 20.97 5.98 2.28
CA PHE B 59 20.98 7.44 2.14
C PHE B 59 19.73 7.84 1.37
N GLU B 60 18.74 8.41 2.06
CA GLU B 60 17.45 8.66 1.45
C GLU B 60 17.18 10.13 1.17
N ASN B 61 18.14 11.02 1.42
CA ASN B 61 17.94 12.46 1.26
C ASN B 61 18.97 12.97 0.27
N ILE B 62 18.59 13.02 -0.99
CA ILE B 62 19.50 13.34 -2.09
C ILE B 62 18.90 14.43 -2.97
N THR B 63 19.70 15.48 -3.21
CA THR B 63 19.39 16.53 -4.17
C THR B 63 20.24 16.32 -5.41
N ILE B 64 19.61 16.30 -6.57
CA ILE B 64 20.30 16.07 -7.83
C ILE B 64 20.07 17.28 -8.73
N VAL B 65 21.16 17.85 -9.23
CA VAL B 65 21.12 19.03 -10.10
C VAL B 65 21.84 18.71 -11.40
N ASP B 66 21.11 18.85 -12.51
CA ASP B 66 21.66 18.60 -13.83
C ASP B 66 20.70 19.21 -14.86
N GLY B 67 21.25 19.82 -15.91
CA GLY B 67 20.38 20.39 -16.91
C GLY B 67 20.35 19.61 -18.21
N ASP B 68 21.11 18.52 -18.28
CA ASP B 68 21.16 17.76 -19.51
C ASP B 68 20.03 16.75 -19.61
N HIS B 69 19.86 16.31 -20.84
CA HIS B 69 18.98 15.24 -21.27
C HIS B 69 19.78 13.96 -21.51
N VAL B 70 19.07 12.83 -21.49
CA VAL B 70 19.70 11.54 -21.71
C VAL B 70 19.99 11.36 -23.19
N GLU B 71 21.23 10.99 -23.50
CA GLU B 71 21.67 10.70 -24.85
C GLU B 71 22.06 9.23 -25.00
N ASN B 72 22.14 8.77 -26.26
CA ASN B 72 22.49 7.38 -26.52
C ASN B 72 23.82 7.00 -25.87
N SER B 73 24.82 7.87 -25.96
CA SER B 73 26.12 7.48 -25.42
C SER B 73 26.08 7.26 -23.91
N ASN B 74 25.01 7.68 -23.21
CA ASN B 74 24.96 7.45 -21.77
C ASN B 74 24.70 6.02 -21.38
N LEU B 75 24.08 5.21 -22.24
CA LEU B 75 23.56 3.94 -21.77
C LEU B 75 24.66 2.92 -21.47
N ASN B 76 25.89 3.21 -21.87
CA ASN B 76 27.02 2.32 -21.62
C ASN B 76 27.60 2.48 -20.22
N ARG B 77 27.14 3.46 -19.43
CA ARG B 77 27.78 3.73 -18.13
C ARG B 77 26.92 4.54 -17.15
N GLN B 78 25.74 4.94 -17.57
CA GLN B 78 24.87 5.76 -16.74
C GLN B 78 23.52 5.10 -16.50
N ASN B 79 22.84 5.58 -15.47
CA ASN B 79 21.70 4.90 -14.91
C ASN B 79 20.42 5.30 -15.65
N TYR B 80 20.42 5.05 -16.96
CA TYR B 80 19.27 5.40 -17.77
C TYR B 80 18.95 4.25 -18.71
N THR B 81 17.72 4.27 -19.23
CA THR B 81 17.22 3.23 -20.11
C THR B 81 16.88 3.83 -21.48
N GLU B 82 16.58 2.95 -22.44
CA GLU B 82 16.21 3.41 -23.76
C GLU B 82 14.98 4.33 -23.72
N GLY B 83 14.03 4.05 -22.83
CA GLY B 83 12.87 4.90 -22.72
C GLY B 83 13.16 6.25 -22.12
N ASP B 84 14.25 6.36 -21.38
CA ASP B 84 14.63 7.61 -20.76
C ASP B 84 15.28 8.57 -21.76
N VAL B 85 15.67 8.06 -22.93
CA VAL B 85 16.45 8.86 -23.88
C VAL B 85 15.62 10.04 -24.36
N SER B 86 16.25 11.22 -24.36
CA SER B 86 15.76 12.55 -24.70
C SER B 86 15.02 13.26 -23.56
N VAL B 87 14.92 12.66 -22.37
CA VAL B 87 14.31 13.30 -21.22
C VAL B 87 15.44 13.84 -20.36
N ASN B 88 15.15 14.88 -19.59
CA ASN B 88 16.10 15.40 -18.61
C ASN B 88 16.63 14.28 -17.72
N LYS B 89 17.97 14.20 -17.61
CA LYS B 89 18.57 13.21 -16.73
C LYS B 89 17.92 13.28 -15.35
N VAL B 90 17.63 14.48 -14.87
CA VAL B 90 17.11 14.61 -13.52
C VAL B 90 15.74 13.98 -13.45
N GLU B 91 14.96 14.12 -14.52
CA GLU B 91 13.64 13.49 -14.55
C GLU B 91 13.76 11.97 -14.55
N ALA B 92 14.71 11.43 -15.32
CA ALA B 92 14.89 9.98 -15.42
C ALA B 92 15.41 9.36 -14.13
N ILE B 93 16.44 9.96 -13.53
CA ILE B 93 17.06 9.33 -12.35
C ILE B 93 16.12 9.37 -11.14
N LYS B 94 15.25 10.39 -11.03
CA LYS B 94 14.29 10.37 -9.94
C LYS B 94 13.29 9.23 -10.13
N ALA B 95 12.88 8.98 -11.38
CA ALA B 95 12.02 7.84 -11.63
C ALA B 95 12.71 6.55 -11.21
N ARG B 96 13.95 6.33 -11.66
CA ARG B 96 14.66 5.11 -11.28
C ARG B 96 14.79 5.00 -9.76
N LEU B 97 15.28 6.07 -9.12
CA LEU B 97 15.50 6.03 -7.67
C LEU B 97 14.21 5.87 -6.89
N LYS B 98 13.16 6.62 -7.28
CA LYS B 98 11.93 6.58 -6.51
C LYS B 98 11.16 5.29 -6.74
N SER B 99 11.46 4.58 -7.83
CA SER B 99 10.90 3.24 -8.04
C SER B 99 11.59 2.18 -7.18
N ILE B 100 12.83 2.44 -6.75
CA ILE B 100 13.54 1.62 -5.77
C ILE B 100 13.03 1.88 -4.36
N ASN B 101 12.75 3.14 -4.02
CA ASN B 101 12.27 3.52 -2.69
C ASN B 101 11.25 4.64 -2.89
N SER B 102 9.97 4.30 -2.77
CA SER B 102 8.93 5.31 -2.99
C SER B 102 8.88 6.37 -1.89
N LYS B 103 9.22 6.01 -0.65
CA LYS B 103 9.24 6.95 0.48
C LYS B 103 10.54 7.73 0.58
N ALA B 104 11.42 7.59 -0.41
CA ALA B 104 12.69 8.28 -0.38
C ALA B 104 12.50 9.73 -0.76
N ASN B 105 13.43 10.56 -0.28
CA ASN B 105 13.37 12.00 -0.46
C ASN B 105 14.36 12.39 -1.56
N ILE B 106 13.90 12.27 -2.79
CA ILE B 106 14.74 12.51 -3.96
C ILE B 106 14.27 13.80 -4.58
N LYS B 107 15.05 14.88 -4.39
CA LYS B 107 14.73 16.21 -4.88
C LYS B 107 15.63 16.57 -6.06
N ILE B 108 15.02 16.93 -7.18
CA ILE B 108 15.73 17.22 -8.42
C ILE B 108 15.54 18.68 -8.79
N HIS B 109 16.46 19.19 -9.61
CA HIS B 109 16.40 20.55 -10.14
C HIS B 109 16.93 20.50 -11.57
N ASN B 110 16.05 20.72 -12.54
CA ASN B 110 16.42 20.71 -13.96
C ASN B 110 16.93 22.08 -14.40
N CYS B 111 18.14 22.39 -13.97
CA CYS B 111 18.77 23.66 -14.32
C CYS B 111 20.28 23.44 -14.25
N PHE B 112 21.01 24.18 -15.08
CA PHE B 112 22.45 24.21 -14.99
C PHE B 112 22.90 25.14 -13.86
N LEU B 113 24.05 24.79 -13.27
CA LEU B 113 24.60 25.60 -12.20
C LEU B 113 25.43 26.73 -12.79
N THR B 114 25.24 27.94 -12.23
CA THR B 114 25.92 29.16 -12.64
C THR B 114 26.53 29.82 -11.41
N SER B 115 27.33 30.87 -11.65
CA SER B 115 27.92 31.61 -10.55
C SER B 115 26.87 32.15 -9.58
N ASP B 116 25.67 32.45 -10.06
CA ASP B 116 24.66 33.06 -9.20
C ASP B 116 23.88 32.06 -8.36
N ASN B 117 23.56 30.87 -8.90
CA ASN B 117 22.66 29.98 -8.18
C ASN B 117 23.39 28.93 -7.36
N VAL B 118 24.70 28.77 -7.57
CA VAL B 118 25.38 27.59 -7.06
C VAL B 118 25.44 27.63 -5.54
N GLU B 119 25.49 28.83 -4.95
CA GLU B 119 25.58 28.88 -3.49
C GLU B 119 24.26 28.43 -2.88
N GLU B 120 23.13 28.89 -3.43
CA GLU B 120 21.83 28.57 -2.84
C GLU B 120 21.46 27.09 -2.99
N TYR B 121 21.93 26.44 -4.06
CA TYR B 121 21.72 25.00 -4.18
C TYR B 121 22.51 24.26 -3.12
N ILE B 122 23.75 24.70 -2.86
CA ILE B 122 24.62 24.06 -1.88
C ILE B 122 24.02 24.16 -0.50
N LYS B 123 23.45 25.32 -0.16
CA LYS B 123 22.90 25.57 1.17
C LYS B 123 21.96 24.44 1.58
N GLY B 124 22.15 23.94 2.80
CA GLY B 124 21.29 22.91 3.37
C GLY B 124 21.80 21.49 3.31
N HIS B 125 22.97 21.24 2.72
CA HIS B 125 23.52 19.91 2.62
C HIS B 125 24.71 19.73 3.54
N LYS B 126 24.90 18.49 4.01
CA LYS B 126 26.01 18.14 4.89
C LYS B 126 27.20 17.64 4.08
N VAL B 127 26.97 17.20 2.84
CA VAL B 127 28.02 16.68 1.98
C VAL B 127 27.56 16.85 0.55
N ALA B 128 28.51 16.98 -0.37
CA ALA B 128 28.21 17.19 -1.77
C ALA B 128 29.07 16.28 -2.64
N ILE B 129 28.54 15.94 -3.79
CA ILE B 129 29.26 15.15 -4.79
C ILE B 129 29.38 16.03 -6.03
N ASN B 130 30.60 16.44 -6.34
CA ASN B 130 30.88 17.31 -7.50
C ASN B 130 31.16 16.41 -8.68
N ALA B 131 30.15 16.24 -9.52
CA ALA B 131 30.25 15.51 -10.77
C ALA B 131 29.97 16.45 -11.93
N LEU B 132 30.52 17.66 -11.86
CA LEU B 132 30.20 18.66 -12.86
C LEU B 132 31.24 18.57 -13.95
N ASP B 133 30.79 18.57 -15.20
CA ASP B 133 31.68 18.62 -16.34
C ASP B 133 32.60 19.83 -16.22
N PHE B 134 33.89 19.64 -16.54
CA PHE B 134 34.79 20.78 -16.44
C PHE B 134 34.62 21.76 -17.58
N SER B 135 33.64 21.55 -18.46
CA SER B 135 33.34 22.49 -19.54
C SER B 135 32.26 23.47 -19.15
N SER B 136 31.57 23.23 -18.03
CA SER B 136 30.70 24.24 -17.43
C SER B 136 31.55 25.33 -16.81
N GLU B 137 30.86 26.29 -16.23
CA GLU B 137 31.54 27.42 -15.62
C GLU B 137 31.89 27.24 -14.15
N VAL B 138 31.18 26.38 -13.42
CA VAL B 138 31.29 26.38 -11.95
C VAL B 138 32.03 25.25 -11.26
N PRO B 139 32.84 24.40 -11.92
CA PRO B 139 33.42 23.27 -11.16
C PRO B 139 34.30 23.65 -9.97
N LEU B 140 35.24 24.59 -10.12
CA LEU B 140 36.07 24.94 -8.97
C LEU B 140 35.38 25.90 -7.99
N LEU B 141 34.55 26.80 -8.50
CA LEU B 141 33.82 27.69 -7.60
C LEU B 141 32.88 26.90 -6.68
N PHE B 142 32.27 25.84 -7.22
CA PHE B 142 31.46 24.91 -6.42
C PHE B 142 32.19 24.45 -5.16
N ASP B 143 33.45 24.05 -5.28
CA ASP B 143 34.19 23.58 -4.11
C ASP B 143 34.45 24.70 -3.10
N GLU B 144 34.83 25.91 -3.56
CA GLU B 144 35.13 27.00 -2.62
C GLU B 144 33.96 27.29 -1.70
N ILE B 145 32.75 27.33 -2.27
CA ILE B 145 31.57 27.65 -1.47
C ILE B 145 31.35 26.57 -0.42
N CYS B 146 31.54 25.30 -0.82
CA CYS B 146 31.37 24.18 0.09
C CYS B 146 32.37 24.25 1.22
N GLN B 147 33.64 24.55 0.90
CA GLN B 147 34.63 24.73 1.94
C GLN B 147 34.20 25.82 2.90
N LYS B 148 33.75 26.96 2.36
CA LYS B 148 33.28 28.04 3.22
C LYS B 148 32.19 27.55 4.19
N MET B 149 31.42 26.55 3.78
CA MET B 149 30.30 26.08 4.59
C MET B 149 30.58 24.79 5.36
N ASP B 150 31.83 24.30 5.39
CA ASP B 150 32.16 23.04 6.06
C ASP B 150 31.40 21.84 5.48
N ILE B 151 31.22 21.86 4.16
CA ILE B 151 30.60 20.78 3.40
C ILE B 151 31.70 20.08 2.62
N PRO B 152 32.08 18.87 2.98
CA PRO B 152 33.07 18.14 2.19
C PRO B 152 32.55 17.77 0.81
N VAL B 153 33.46 17.71 -0.16
CA VAL B 153 33.11 17.51 -1.56
C VAL B 153 33.80 16.26 -2.09
N LEU B 154 33.00 15.31 -2.57
CA LEU B 154 33.53 14.13 -3.25
C LEU B 154 33.68 14.41 -4.74
N HIS B 155 34.85 14.10 -5.30
CA HIS B 155 35.06 14.18 -6.75
C HIS B 155 35.22 12.79 -7.32
N PRO B 156 34.17 12.17 -7.88
CA PRO B 156 34.33 10.85 -8.51
C PRO B 156 34.67 10.93 -9.99
N TYR B 157 35.56 10.04 -10.43
CA TYR B 157 35.97 10.01 -11.83
C TYR B 157 35.94 8.60 -12.38
N ASN B 158 35.63 8.51 -13.67
CA ASN B 158 35.57 7.25 -14.39
C ASN B 158 36.85 7.10 -15.19
N LEU B 159 37.79 6.31 -14.66
CA LEU B 159 39.04 6.06 -15.36
C LEU B 159 38.98 4.75 -16.14
N GLY B 160 37.82 4.47 -16.73
CA GLY B 160 37.66 3.25 -17.50
C GLY B 160 37.66 1.99 -16.64
N TRP B 161 38.83 1.36 -16.45
CA TRP B 161 38.91 0.19 -15.58
C TRP B 161 38.94 0.52 -14.09
N GLY B 162 39.20 1.77 -13.73
CA GLY B 162 39.32 2.10 -12.33
C GLY B 162 38.29 3.12 -11.89
N GLY B 163 37.98 3.13 -10.60
CA GLY B 163 37.21 4.21 -10.00
C GLY B 163 38.12 5.07 -9.14
N LEU B 164 37.99 6.38 -9.29
CA LEU B 164 38.80 7.34 -8.58
C LEU B 164 37.88 8.30 -7.83
N VAL B 165 38.14 8.46 -6.54
CA VAL B 165 37.47 9.46 -5.71
C VAL B 165 38.51 10.23 -4.92
N THR B 166 38.36 11.55 -4.90
CA THR B 166 39.09 12.40 -3.98
C THR B 166 38.13 13.29 -3.23
N ILE B 167 38.40 13.52 -1.95
CA ILE B 167 37.53 14.32 -1.11
C ILE B 167 38.24 15.62 -0.78
N ILE B 168 37.60 16.73 -1.15
CA ILE B 168 38.07 18.07 -0.78
C ILE B 168 37.53 18.34 0.61
N SER B 169 38.41 18.43 1.58
CA SER B 169 37.77 18.69 2.86
C SER B 169 37.73 20.19 3.09
N PRO B 170 36.75 20.67 3.86
CA PRO B 170 36.57 22.11 3.99
C PRO B 170 37.82 22.90 4.38
N LYS B 171 38.65 22.46 5.31
CA LYS B 171 39.80 23.26 5.72
C LYS B 171 41.10 22.82 5.05
N GLY B 172 41.03 22.00 3.99
CA GLY B 172 42.18 21.43 3.34
C GLY B 172 42.36 21.96 1.92
N LEU B 173 43.31 21.36 1.21
CA LEU B 173 43.56 21.79 -0.17
C LEU B 173 42.37 21.53 -1.09
N SER B 174 42.16 22.46 -2.01
CA SER B 174 41.18 22.34 -3.07
C SER B 174 41.84 21.88 -4.36
N LEU B 175 41.01 21.51 -5.35
CA LEU B 175 41.53 21.10 -6.65
C LEU B 175 42.36 22.19 -7.31
N ASN B 176 42.24 23.43 -6.85
CA ASN B 176 43.03 24.51 -7.41
C ASN B 176 44.54 24.18 -7.42
N SER B 177 45.01 23.46 -6.40
CA SER B 177 46.45 23.22 -6.27
C SER B 177 47.08 22.55 -7.48
N ILE B 178 46.32 21.79 -8.26
CA ILE B 178 46.84 21.15 -9.47
C ILE B 178 46.46 21.90 -10.73
N ALA B 179 45.64 22.93 -10.61
CA ALA B 179 45.29 23.81 -11.73
C ALA B 179 46.41 24.81 -11.98
N LYS B 180 46.66 25.13 -13.25
CA LYS B 180 47.69 26.10 -13.57
C LYS B 180 47.07 27.50 -13.70
N LYS B 181 47.72 28.48 -13.06
CA LYS B 181 47.30 29.88 -13.04
C LYS B 181 47.36 30.46 -14.44
N GLY B 182 46.24 30.54 -15.13
CA GLY B 182 46.19 31.20 -16.42
C GLY B 182 45.76 30.29 -17.53
N GLU B 183 45.76 28.98 -17.29
CA GLU B 183 45.40 27.98 -18.26
C GLU B 183 44.25 27.14 -17.72
N LYS B 184 43.46 26.60 -18.64
CA LYS B 184 42.22 25.96 -18.26
C LYS B 184 42.47 24.60 -17.61
N PHE B 185 41.50 24.22 -16.77
CA PHE B 185 41.60 23.06 -15.91
C PHE B 185 40.47 22.09 -16.25
N ASN B 186 40.82 20.84 -16.52
CA ASN B 186 39.79 19.84 -16.75
C ASN B 186 40.16 18.55 -16.03
N GLU B 187 39.41 17.49 -16.32
CA GLU B 187 39.59 16.23 -15.63
C GLU B 187 40.92 15.56 -16.00
N LEU B 188 41.43 15.87 -17.19
CA LEU B 188 42.72 15.33 -17.63
C LEU B 188 43.84 15.78 -16.71
N ASN B 189 43.71 16.98 -16.15
CA ASN B 189 44.68 17.42 -15.17
C ASN B 189 44.60 16.58 -13.91
N VAL B 190 43.38 16.25 -13.49
CA VAL B 190 43.22 15.42 -12.30
C VAL B 190 43.83 14.04 -12.53
N VAL B 191 43.52 13.44 -13.69
CA VAL B 191 43.93 12.07 -13.98
C VAL B 191 45.44 12.00 -14.19
N GLU B 192 46.02 13.02 -14.83
CA GLU B 192 47.48 13.12 -14.97
C GLU B 192 48.18 13.30 -13.63
N TYR B 193 47.55 14.00 -12.68
CA TYR B 193 48.09 14.06 -11.34
C TYR B 193 48.08 12.70 -10.66
N VAL B 194 47.00 11.96 -10.84
CA VAL B 194 46.90 10.65 -10.18
C VAL B 194 47.98 9.73 -10.69
N SER B 195 48.14 9.64 -12.02
CA SER B 195 49.19 8.78 -12.56
C SER B 195 50.58 9.19 -12.07
N SER B 196 50.88 10.50 -12.10
CA SER B 196 52.19 10.97 -11.61
C SER B 196 52.39 10.69 -10.12
N TYR B 197 51.36 10.90 -9.31
CA TYR B 197 51.48 10.61 -7.88
C TYR B 197 51.68 9.11 -7.69
N MET B 198 50.85 8.30 -8.36
CA MET B 198 51.04 6.86 -8.28
C MET B 198 52.43 6.46 -8.72
N ARG B 199 52.91 7.01 -9.83
CA ARG B 199 54.25 6.62 -10.25
C ARG B 199 55.28 7.14 -9.28
N PHE B 200 55.08 8.35 -8.76
CA PHE B 200 56.01 8.90 -7.77
C PHE B 200 56.17 7.96 -6.58
N TRP B 201 55.08 7.28 -6.18
CA TRP B 201 55.17 6.37 -5.04
C TRP B 201 55.54 4.97 -5.45
N GLY B 202 56.06 4.79 -6.65
CA GLY B 202 56.50 3.47 -7.01
C GLY B 202 55.38 2.55 -7.38
N LYS B 203 54.15 3.07 -7.55
CA LYS B 203 53.00 2.26 -7.94
C LYS B 203 52.46 2.73 -9.28
N PRO B 204 53.28 2.75 -10.33
CA PRO B 204 52.77 3.24 -11.62
C PRO B 204 51.59 2.42 -12.13
N GLN B 205 50.61 3.14 -12.63
CA GLN B 205 49.44 2.57 -13.27
C GLN B 205 49.63 2.70 -14.77
N GLU B 206 50.31 1.74 -15.39
CA GLU B 206 50.62 1.87 -16.81
C GLU B 206 49.37 1.82 -17.68
N TRP B 207 48.35 1.06 -17.26
CA TRP B 207 47.09 1.09 -17.99
C TRP B 207 46.53 2.50 -18.03
N LEU B 208 46.62 3.23 -16.91
CA LEU B 208 46.11 4.58 -16.85
C LEU B 208 46.94 5.51 -17.73
N GLU B 209 48.26 5.39 -17.67
CA GLU B 209 49.15 6.22 -18.49
C GLU B 209 48.93 5.93 -19.97
N ASP B 210 48.60 4.68 -20.30
CA ASP B 210 48.38 4.28 -21.69
C ASP B 210 47.14 4.96 -22.28
N ILE B 211 46.02 4.96 -21.55
CA ILE B 211 44.79 5.54 -22.06
C ILE B 211 44.89 7.06 -22.14
N ILE B 212 45.60 7.69 -21.19
CA ILE B 212 45.86 9.12 -21.25
C ILE B 212 46.65 9.48 -22.50
N TYR B 213 47.70 8.72 -22.77
CA TYR B 213 48.51 8.98 -23.96
C TYR B 213 47.67 8.82 -25.22
N LYS B 214 46.91 7.72 -25.29
CA LYS B 214 46.03 7.47 -26.44
C LYS B 214 45.05 8.61 -26.64
N PHE B 215 44.47 9.12 -25.55
CA PHE B 215 43.47 10.18 -25.63
C PHE B 215 44.06 11.51 -26.09
N LYS B 216 45.22 11.89 -25.56
CA LYS B 216 45.83 13.16 -25.95
C LYS B 216 46.26 13.15 -27.41
N ASN B 217 46.85 12.05 -27.87
CA ASN B 217 47.29 11.89 -29.26
C ASN B 217 46.17 11.49 -30.20
N GLU B 218 44.93 11.72 -29.79
CA GLU B 218 43.81 11.55 -30.70
C GLU B 218 43.87 12.66 -31.73
N ARG B 219 43.70 12.31 -33.01
CA ARG B 219 43.71 13.33 -34.04
C ARG B 219 42.61 14.35 -33.77
N GLU B 220 41.39 13.86 -33.67
CA GLU B 220 40.20 14.64 -33.36
C GLU B 220 40.13 14.97 -31.86
N LYS B 221 39.49 16.08 -31.54
CA LYS B 221 39.24 16.46 -30.15
C LYS B 221 37.86 15.94 -29.77
N LEU B 222 37.83 14.94 -28.88
CA LEU B 222 36.62 14.25 -28.47
C LEU B 222 36.53 14.21 -26.95
N SER B 223 35.36 13.77 -26.44
CA SER B 223 35.15 13.54 -25.02
C SER B 223 35.94 12.32 -24.52
N PRO B 224 36.34 12.32 -23.26
CA PRO B 224 37.11 11.18 -22.73
C PRO B 224 36.30 9.90 -22.77
N PRO B 225 36.94 8.78 -23.09
CA PRO B 225 36.23 7.51 -23.01
C PRO B 225 35.97 7.14 -21.56
N GLN B 226 34.89 6.41 -21.35
CA GLN B 226 34.57 5.89 -20.03
C GLN B 226 33.87 4.54 -20.17
N LEU B 227 34.01 3.72 -19.15
CA LEU B 227 33.48 2.37 -19.16
C LEU B 227 32.51 2.21 -18.00
N SER B 228 31.58 1.26 -18.14
CA SER B 228 30.68 0.94 -17.06
C SER B 228 31.39 0.40 -15.82
N VAL B 229 32.53 -0.26 -16.01
CA VAL B 229 33.27 -0.84 -14.88
C VAL B 229 33.62 0.20 -13.83
N GLY B 230 34.27 1.29 -14.27
CA GLY B 230 34.71 2.33 -13.36
C GLY B 230 33.54 3.03 -12.68
N SER B 231 32.45 3.26 -13.44
CA SER B 231 31.28 3.90 -12.86
C SER B 231 30.75 3.07 -11.70
N TRP B 232 30.61 1.77 -11.91
CA TRP B 232 30.10 0.93 -10.83
C TRP B 232 31.08 0.91 -9.66
N VAL B 233 32.38 0.84 -9.94
CA VAL B 233 33.37 0.85 -8.86
C VAL B 233 33.33 2.16 -8.11
N VAL B 234 33.31 3.27 -8.85
CA VAL B 234 33.35 4.57 -8.18
C VAL B 234 32.07 4.80 -7.41
N ALA B 235 30.94 4.23 -7.88
CA ALA B 235 29.69 4.34 -7.15
C ALA B 235 29.79 3.65 -5.80
N GLY B 236 30.43 2.47 -5.77
CA GLY B 236 30.63 1.83 -4.49
C GLY B 236 31.55 2.61 -3.59
N MET B 237 32.65 3.13 -4.15
CA MET B 237 33.59 3.92 -3.36
C MET B 237 32.87 5.12 -2.76
N CYS B 238 32.09 5.81 -3.57
CA CYS B 238 31.42 7.00 -3.08
C CYS B 238 30.44 6.64 -1.95
N THR B 239 29.74 5.52 -2.09
CA THR B 239 28.79 5.13 -1.05
C THR B 239 29.52 4.83 0.26
N HIS B 240 30.66 4.13 0.18
CA HIS B 240 31.46 3.87 1.37
C HIS B 240 31.93 5.16 2.02
N ILE B 241 32.47 6.08 1.21
CA ILE B 241 32.96 7.37 1.71
C ILE B 241 31.84 8.14 2.37
N LEU B 242 30.67 8.17 1.73
CA LEU B 242 29.51 8.84 2.32
C LEU B 242 29.19 8.26 3.68
N PHE B 243 29.21 6.93 3.83
CA PHE B 243 28.98 6.35 5.14
C PHE B 243 30.02 6.83 6.15
N ASN B 244 31.29 6.92 5.72
CA ASN B 244 32.35 7.38 6.62
C ASN B 244 32.20 8.85 6.99
N ILE B 245 31.87 9.71 6.03
CA ILE B 245 31.70 11.13 6.34
C ILE B 245 30.53 11.33 7.29
N ALA B 246 29.41 10.65 7.05
CA ALA B 246 28.24 10.84 7.90
C ALA B 246 28.51 10.35 9.30
N THR B 247 29.22 9.24 9.42
CA THR B 247 29.49 8.62 10.70
C THR B 247 30.77 9.10 11.34
N GLN B 248 31.43 10.12 10.78
CA GLN B 248 32.61 10.70 11.40
C GLN B 248 33.72 9.66 11.55
N ARG B 249 33.86 8.82 10.53
CA ARG B 249 35.00 7.92 10.40
C ARG B 249 36.07 8.62 9.57
N GLU B 250 37.32 8.27 9.82
CA GLU B 250 38.43 8.96 9.18
C GLU B 250 38.34 8.82 7.66
N ILE B 251 38.81 9.85 6.94
CA ILE B 251 38.78 9.85 5.48
C ILE B 251 40.13 10.36 4.96
N LYS B 252 40.49 9.94 3.75
CA LYS B 252 41.63 10.53 3.07
C LYS B 252 41.19 11.79 2.33
N SER B 253 41.88 12.89 2.56
CA SER B 253 41.60 14.14 1.89
C SER B 253 42.62 14.45 0.81
N PHE B 254 42.18 15.21 -0.18
CA PHE B 254 43.08 15.75 -1.19
C PHE B 254 44.23 16.48 -0.50
N PRO B 255 45.47 16.31 -0.98
CA PRO B 255 45.97 15.75 -2.22
C PRO B 255 45.96 14.25 -2.32
N GLU B 256 45.53 13.55 -1.27
CA GLU B 256 45.38 12.11 -1.32
C GLU B 256 44.01 11.70 -1.88
N PHE B 257 43.95 10.47 -2.36
CA PHE B 257 42.77 10.01 -3.08
C PHE B 257 42.63 8.50 -2.90
N TYR B 258 41.51 7.98 -3.38
CA TYR B 258 41.23 6.56 -3.38
C TYR B 258 41.18 6.09 -4.82
N LEU B 259 41.97 5.08 -5.15
CA LEU B 259 41.98 4.50 -6.48
C LEU B 259 41.73 3.01 -6.36
N SER B 260 40.72 2.52 -7.10
CA SER B 260 40.29 1.13 -7.00
C SER B 260 40.15 0.56 -8.41
N SER B 261 40.78 -0.59 -8.64
CA SER B 261 40.71 -1.27 -9.93
C SER B 261 40.98 -2.75 -9.71
N LEU B 262 40.64 -3.54 -10.74
CA LEU B 262 40.91 -4.97 -10.65
C LEU B 262 42.40 -5.26 -10.44
N GLU B 263 43.28 -4.59 -11.21
CA GLU B 263 44.73 -4.73 -11.05
C GLU B 263 45.26 -4.26 -9.69
N GLY B 264 44.40 -3.96 -8.73
CA GLY B 264 44.85 -3.45 -7.44
C GLY B 264 44.10 -3.97 -6.22
N LYS C 16 -29.44 -19.15 16.35
CA LYS C 16 -28.83 -19.89 15.25
C LYS C 16 -27.95 -21.02 15.78
N HIS C 17 -27.65 -22.01 14.93
CA HIS C 17 -26.77 -23.12 15.32
C HIS C 17 -25.38 -22.67 15.75
N ARG C 18 -24.97 -21.43 15.42
CA ARG C 18 -23.65 -20.95 15.83
C ARG C 18 -23.49 -20.86 17.34
N TYR C 19 -24.55 -20.52 18.06
CA TYR C 19 -24.47 -20.44 19.51
C TYR C 19 -25.02 -21.68 20.19
N SER C 20 -25.02 -22.80 19.47
CA SER C 20 -25.59 -24.05 19.98
C SER C 20 -24.94 -24.44 21.30
N ARG C 21 -23.61 -24.41 21.38
CA ARG C 21 -22.95 -24.84 22.60
C ARG C 21 -23.00 -23.81 23.72
N ASN C 22 -23.69 -22.68 23.53
CA ASN C 22 -23.88 -21.69 24.59
C ASN C 22 -25.01 -22.04 25.56
N ARG C 23 -25.76 -23.10 25.32
CA ARG C 23 -26.95 -23.33 26.14
C ARG C 23 -26.55 -23.61 27.58
N LEU C 24 -27.56 -23.55 28.46
CA LEU C 24 -27.42 -23.69 29.91
C LEU C 24 -26.68 -22.51 30.54
N TYR C 25 -25.52 -22.15 30.02
CA TYR C 25 -24.85 -20.95 30.51
C TYR C 25 -25.67 -19.70 30.23
N LEU C 26 -26.25 -19.62 29.02
CA LEU C 26 -27.12 -18.54 28.57
C LEU C 26 -28.45 -19.14 28.11
N ASN C 27 -29.55 -18.49 28.44
CA ASN C 27 -30.83 -18.89 27.87
C ASN C 27 -31.02 -18.18 26.54
N PRO C 28 -31.97 -18.62 25.72
CA PRO C 28 -32.17 -17.95 24.42
C PRO C 28 -32.42 -16.46 24.52
N LYS C 29 -33.14 -16.04 25.56
CA LYS C 29 -33.48 -14.64 25.74
C LYS C 29 -32.25 -13.79 26.07
N GLU C 30 -31.27 -14.34 26.82
CA GLU C 30 -30.06 -13.58 27.12
C GLU C 30 -29.18 -13.43 25.87
N GLN C 31 -29.06 -14.51 25.09
CA GLN C 31 -28.34 -14.50 23.81
C GLN C 31 -28.90 -13.46 22.86
N GLU C 32 -30.23 -13.30 22.87
CA GLU C 32 -30.89 -12.27 22.07
C GLU C 32 -30.47 -10.88 22.53
N LEU C 33 -30.42 -10.67 23.85
CA LEU C 33 -30.11 -9.36 24.39
C LEU C 33 -28.71 -8.90 24.03
N ILE C 34 -27.72 -9.78 24.21
CA ILE C 34 -26.34 -9.36 23.95
C ILE C 34 -26.07 -9.21 22.46
N LYS C 35 -26.92 -9.80 21.61
CA LYS C 35 -26.71 -9.70 20.17
C LYS C 35 -26.59 -8.24 19.75
N ASP C 36 -27.47 -7.37 20.26
CA ASP C 36 -27.50 -5.97 19.85
C ASP C 36 -26.96 -5.01 20.92
N TYR C 37 -26.54 -5.50 22.09
CA TYR C 37 -25.99 -4.64 23.15
C TYR C 37 -24.79 -3.89 22.59
N PRO C 38 -24.88 -2.58 22.37
CA PRO C 38 -23.82 -1.83 21.66
C PRO C 38 -22.60 -1.63 22.55
N ILE C 39 -21.48 -2.22 22.16
CA ILE C 39 -20.23 -2.09 22.91
C ILE C 39 -19.28 -1.19 22.14
N LEU C 40 -18.66 -0.24 22.83
CA LEU C 40 -17.61 0.60 22.28
C LEU C 40 -16.27 0.13 22.82
N LEU C 41 -15.34 -0.11 21.90
CA LEU C 41 -14.02 -0.60 22.26
C LEU C 41 -13.00 0.43 21.81
N GLY C 42 -12.40 1.13 22.77
CA GLY C 42 -11.36 2.08 22.43
C GLY C 42 -9.98 1.49 22.55
N GLY C 43 -9.39 1.16 21.42
CA GLY C 43 -8.09 0.50 21.35
C GLY C 43 -8.14 -0.96 20.95
N ALA C 44 -7.60 -1.24 19.76
CA ALA C 44 -7.60 -2.56 19.17
C ALA C 44 -6.28 -3.28 19.41
N GLY C 45 -5.62 -3.01 20.53
CA GLY C 45 -4.42 -3.74 20.86
C GLY C 45 -4.78 -4.96 21.67
N ILE C 46 -4.68 -4.83 22.99
CA ILE C 46 -5.26 -5.83 23.89
C ILE C 46 -6.72 -6.04 23.55
N GLY C 47 -7.37 -4.99 23.01
CA GLY C 47 -8.76 -5.07 22.61
C GLY C 47 -9.02 -5.91 21.38
N SER C 48 -7.99 -6.19 20.56
CA SER C 48 -8.24 -7.03 19.39
C SER C 48 -8.44 -8.48 19.82
N ILE C 49 -7.77 -8.87 20.90
CA ILE C 49 -8.06 -10.16 21.49
C ILE C 49 -9.42 -10.16 22.16
N ILE C 50 -9.74 -9.09 22.90
CA ILE C 50 -11.04 -9.00 23.58
C ILE C 50 -12.20 -9.10 22.59
N ALA C 51 -12.07 -8.44 21.44
CA ALA C 51 -13.19 -8.41 20.49
C ALA C 51 -13.57 -9.81 19.99
N GLU C 52 -12.58 -10.64 19.66
CA GLU C 52 -12.90 -11.98 19.13
C GLU C 52 -13.60 -12.84 20.18
N CYS C 53 -13.10 -12.82 21.42
CA CYS C 53 -13.73 -13.60 22.47
C CYS C 53 -15.18 -13.14 22.71
N ALA C 54 -15.41 -11.82 22.72
CA ALA C 54 -16.75 -11.30 22.96
C ALA C 54 -17.67 -11.51 21.78
N LEU C 55 -17.17 -11.38 20.56
CA LEU C 55 -18.01 -11.62 19.38
C LEU C 55 -18.50 -13.05 19.33
N ARG C 56 -17.56 -14.00 19.47
CA ARG C 56 -17.95 -15.41 19.40
C ARG C 56 -18.95 -15.76 20.48
N PHE C 57 -18.82 -15.14 21.65
CA PHE C 57 -19.80 -15.32 22.72
C PHE C 57 -21.18 -14.86 22.28
N GLY C 58 -21.25 -13.84 21.44
CA GLY C 58 -22.56 -13.43 20.97
C GLY C 58 -22.79 -11.93 20.97
N PHE C 59 -21.81 -11.16 21.45
CA PHE C 59 -21.89 -9.70 21.37
C PHE C 59 -21.62 -9.31 19.91
N GLU C 60 -22.67 -8.94 19.20
CA GLU C 60 -22.58 -8.70 17.76
C GLU C 60 -22.65 -7.22 17.38
N ASN C 61 -22.66 -6.33 18.37
CA ASN C 61 -22.75 -4.89 18.12
C ASN C 61 -21.53 -4.25 18.75
N ILE C 62 -20.45 -4.13 17.96
CA ILE C 62 -19.17 -3.66 18.49
C ILE C 62 -18.65 -2.53 17.62
N THR C 63 -18.35 -1.39 18.24
CA THR C 63 -17.65 -0.29 17.62
C THR C 63 -16.22 -0.30 18.12
N ILE C 64 -15.26 -0.27 17.20
CA ILE C 64 -13.84 -0.31 17.53
C ILE C 64 -13.21 0.95 16.96
N VAL C 65 -12.48 1.69 17.80
CA VAL C 65 -11.80 2.93 17.44
C VAL C 65 -10.31 2.82 17.75
N ASP C 66 -9.49 3.06 16.74
CA ASP C 66 -8.04 2.99 16.90
C ASP C 66 -7.39 3.70 15.72
N GLY C 67 -6.33 4.45 16.01
CA GLY C 67 -5.64 5.15 14.94
C GLY C 67 -4.31 4.57 14.57
N ASP C 68 -3.91 3.50 15.27
CA ASP C 68 -2.62 2.87 15.01
C ASP C 68 -2.76 1.89 13.87
N HIS C 69 -1.61 1.53 13.32
CA HIS C 69 -1.49 0.46 12.36
C HIS C 69 -0.85 -0.79 13.01
N VAL C 70 -0.99 -1.92 12.34
CA VAL C 70 -0.47 -3.15 12.92
C VAL C 70 1.05 -3.12 12.76
N GLU C 71 1.77 -3.33 13.86
CA GLU C 71 3.23 -3.36 13.86
C GLU C 71 3.71 -4.77 14.16
N ASN C 72 4.97 -5.05 13.81
CA ASN C 72 5.51 -6.38 14.09
C ASN C 72 5.38 -6.76 15.55
N SER C 73 5.70 -5.84 16.47
CA SER C 73 5.69 -6.13 17.89
C SER C 73 4.30 -6.50 18.42
N ASN C 74 3.25 -6.31 17.63
CA ASN C 74 1.92 -6.67 18.08
C ASN C 74 1.69 -8.18 18.08
N LEU C 75 2.44 -8.94 17.29
CA LEU C 75 2.05 -10.31 17.00
C LEU C 75 2.19 -11.23 18.20
N ASN C 76 2.91 -10.80 19.24
CA ASN C 76 3.12 -11.64 20.40
C ASN C 76 1.93 -11.64 21.36
N ARG C 77 0.90 -10.84 21.09
CA ARG C 77 -0.20 -10.72 22.04
C ARG C 77 -1.48 -10.11 21.44
N GLN C 78 -1.46 -9.75 20.16
CA GLN C 78 -2.60 -9.09 19.55
C GLN C 78 -3.14 -9.88 18.36
N ASN C 79 -4.37 -9.55 17.97
CA ASN C 79 -5.15 -10.40 17.06
C ASN C 79 -4.89 -10.05 15.59
N TYR C 80 -3.62 -10.13 15.19
CA TYR C 80 -3.24 -9.80 13.82
C TYR C 80 -2.30 -10.88 13.29
N THR C 81 -2.19 -10.92 11.98
CA THR C 81 -1.40 -11.88 11.23
C THR C 81 -0.27 -11.13 10.53
N GLU C 82 0.65 -11.89 9.93
CA GLU C 82 1.73 -11.23 9.20
C GLU C 82 1.18 -10.34 8.09
N GLY C 83 0.12 -10.76 7.43
CA GLY C 83 -0.42 -9.92 6.38
C GLY C 83 -1.08 -8.66 6.89
N ASP C 84 -1.47 -8.63 8.18
CA ASP C 84 -2.12 -7.45 8.72
C ASP C 84 -1.13 -6.33 9.07
N VAL C 85 0.17 -6.64 9.15
CA VAL C 85 1.15 -5.67 9.59
C VAL C 85 1.23 -4.52 8.59
N SER C 86 1.20 -3.28 9.08
CA SER C 86 1.18 -2.00 8.35
C SER C 86 -0.22 -1.57 7.91
N VAL C 87 -1.25 -2.29 8.28
CA VAL C 87 -2.64 -1.94 7.96
C VAL C 87 -3.21 -1.25 9.19
N ASN C 88 -4.21 -0.39 8.99
CA ASN C 88 -4.95 0.15 10.13
C ASN C 88 -5.47 -1.02 10.96
N LYS C 89 -5.18 -0.99 12.26
CA LYS C 89 -5.68 -2.03 13.14
C LYS C 89 -7.19 -2.18 12.98
N VAL C 90 -7.90 -1.06 12.83
CA VAL C 90 -9.36 -1.15 12.79
C VAL C 90 -9.83 -1.86 11.52
N GLU C 91 -9.16 -1.63 10.39
CA GLU C 91 -9.53 -2.36 9.17
C GLU C 91 -9.16 -3.84 9.30
N ALA C 92 -8.00 -4.14 9.88
CA ALA C 92 -7.56 -5.53 10.05
C ALA C 92 -8.44 -6.28 11.04
N ILE C 93 -8.78 -5.64 12.17
CA ILE C 93 -9.57 -6.35 13.18
C ILE C 93 -11.00 -6.58 12.67
N LYS C 94 -11.51 -5.66 11.83
CA LYS C 94 -12.84 -5.84 11.23
C LYS C 94 -12.85 -7.02 10.26
N ALA C 95 -11.78 -7.19 9.49
CA ALA C 95 -11.64 -8.37 8.63
C ALA C 95 -11.72 -9.64 9.45
N ARG C 96 -10.95 -9.71 10.54
CA ARG C 96 -10.98 -10.88 11.39
C ARG C 96 -12.38 -11.13 11.94
N LEU C 97 -12.98 -10.11 12.56
CA LEU C 97 -14.27 -10.34 13.21
C LEU C 97 -15.35 -10.74 12.21
N LYS C 98 -15.40 -10.09 11.04
CA LYS C 98 -16.44 -10.40 10.07
C LYS C 98 -16.20 -11.71 9.33
N SER C 99 -14.98 -12.24 9.33
CA SER C 99 -14.79 -13.57 8.78
C SER C 99 -15.32 -14.65 9.72
N ILE C 100 -15.42 -14.34 11.02
CA ILE C 100 -16.05 -15.20 12.02
C ILE C 100 -17.58 -15.12 11.94
N ASN C 101 -18.14 -13.91 11.74
CA ASN C 101 -19.59 -13.70 11.74
C ASN C 101 -19.92 -12.65 10.68
N SER C 102 -20.41 -13.08 9.50
CA SER C 102 -20.68 -12.13 8.42
C SER C 102 -21.82 -11.16 8.76
N LYS C 103 -22.85 -11.63 9.47
CA LYS C 103 -23.98 -10.76 9.81
C LYS C 103 -23.74 -9.90 11.04
N ALA C 104 -22.54 -9.91 11.63
CA ALA C 104 -22.29 -9.11 12.81
C ALA C 104 -22.10 -7.65 12.43
N ASN C 105 -22.40 -6.76 13.38
CA ASN C 105 -22.34 -5.32 13.16
C ASN C 105 -21.05 -4.79 13.78
N ILE C 106 -19.97 -4.85 12.99
CA ILE C 106 -18.63 -4.45 13.41
C ILE C 106 -18.37 -3.12 12.72
N LYS C 107 -18.49 -2.03 13.48
CA LYS C 107 -18.29 -0.67 13.00
C LYS C 107 -16.93 -0.16 13.46
N ILE C 108 -16.12 0.30 12.52
CA ILE C 108 -14.76 0.70 12.85
C ILE C 108 -14.57 2.19 12.54
N HIS C 109 -13.62 2.79 13.24
CA HIS C 109 -13.29 4.20 13.05
C HIS C 109 -11.80 4.39 13.22
N ASN C 110 -11.12 4.75 12.14
CA ASN C 110 -9.68 5.03 12.14
C ASN C 110 -9.47 6.48 12.56
N CYS C 111 -9.54 6.72 13.86
CA CYS C 111 -9.34 8.07 14.37
C CYS C 111 -8.70 7.96 15.74
N PHE C 112 -7.85 8.93 16.07
CA PHE C 112 -7.41 9.10 17.44
C PHE C 112 -8.44 9.92 18.20
N LEU C 113 -8.59 9.61 19.48
CA LEU C 113 -9.53 10.33 20.31
C LEU C 113 -8.86 11.58 20.87
N THR C 114 -9.59 12.68 20.84
CA THR C 114 -9.15 13.97 21.33
C THR C 114 -10.20 14.47 22.31
N SER C 115 -9.87 15.53 23.04
CA SER C 115 -10.88 16.12 23.92
C SER C 115 -12.12 16.54 23.15
N ASP C 116 -11.95 16.87 21.88
CA ASP C 116 -13.03 17.39 21.06
C ASP C 116 -13.91 16.31 20.43
N ASN C 117 -13.34 15.20 19.99
CA ASN C 117 -14.16 14.22 19.29
C ASN C 117 -14.56 13.05 20.14
N VAL C 118 -13.98 12.87 21.33
CA VAL C 118 -14.10 11.58 21.99
C VAL C 118 -15.54 11.35 22.42
N GLU C 119 -16.24 12.43 22.77
CA GLU C 119 -17.62 12.28 23.23
C GLU C 119 -18.53 11.84 22.10
N GLU C 120 -18.31 12.39 20.91
CA GLU C 120 -19.14 12.08 19.75
C GLU C 120 -19.04 10.60 19.38
N TYR C 121 -17.87 9.99 19.55
CA TYR C 121 -17.72 8.55 19.32
C TYR C 121 -18.43 7.74 20.40
N ILE C 122 -18.33 8.17 21.67
CA ILE C 122 -18.92 7.46 22.79
C ILE C 122 -20.44 7.40 22.70
N LYS C 123 -21.07 8.50 22.28
CA LYS C 123 -22.53 8.59 22.27
C LYS C 123 -23.18 7.37 21.60
N GLY C 124 -24.18 6.81 22.28
CA GLY C 124 -24.99 5.74 21.74
C GLY C 124 -24.68 4.31 22.14
N HIS C 125 -23.66 4.08 22.97
CA HIS C 125 -23.27 2.74 23.39
C HIS C 125 -23.69 2.52 24.85
N LYS C 126 -23.96 1.24 25.22
CA LYS C 126 -24.38 0.95 26.59
C LYS C 126 -23.22 0.63 27.53
N VAL C 127 -22.07 0.20 27.00
CA VAL C 127 -20.91 -0.13 27.81
C VAL C 127 -19.68 0.09 26.94
N ALA C 128 -18.57 0.45 27.56
CA ALA C 128 -17.34 0.73 26.83
C ALA C 128 -16.17 0.02 27.48
N ILE C 129 -15.17 -0.29 26.67
CA ILE C 129 -13.92 -0.87 27.13
C ILE C 129 -12.83 0.13 26.80
N ASN C 130 -12.20 0.68 27.82
CA ASN C 130 -11.13 1.67 27.66
C ASN C 130 -9.81 0.91 27.62
N ALA C 131 -9.32 0.67 26.42
CA ALA C 131 -8.01 0.06 26.19
C ALA C 131 -7.09 1.04 25.47
N LEU C 132 -7.10 2.29 25.94
CA LEU C 132 -6.36 3.38 25.33
C LEU C 132 -5.01 3.59 25.99
N ASP C 133 -3.98 3.81 25.17
CA ASP C 133 -2.67 4.20 25.68
C ASP C 133 -2.79 5.43 26.58
N PHE C 134 -2.01 5.37 27.64
CA PHE C 134 -1.80 6.37 28.67
C PHE C 134 -0.92 7.53 28.19
N SER C 135 -0.58 7.56 26.91
CA SER C 135 0.15 8.70 26.40
C SER C 135 -0.73 9.82 25.85
N SER C 136 -2.04 9.63 25.64
CA SER C 136 -2.82 10.82 25.37
C SER C 136 -3.51 11.30 26.65
N GLU C 137 -4.19 12.45 26.56
CA GLU C 137 -4.89 13.06 27.70
C GLU C 137 -6.33 12.64 27.80
N VAL C 138 -6.73 11.59 27.10
CA VAL C 138 -8.14 11.28 26.93
C VAL C 138 -8.52 9.98 27.66
N PRO C 139 -7.58 9.11 28.10
CA PRO C 139 -8.05 7.87 28.72
C PRO C 139 -8.92 8.18 29.92
N LEU C 140 -8.50 9.13 30.76
CA LEU C 140 -9.31 9.46 31.93
C LEU C 140 -10.48 10.36 31.56
N LEU C 141 -10.32 11.26 30.59
CA LEU C 141 -11.48 12.05 30.17
C LEU C 141 -12.53 11.13 29.54
N PHE C 142 -12.07 10.11 28.79
CA PHE C 142 -12.96 9.07 28.28
C PHE C 142 -13.90 8.58 29.38
N ASP C 143 -13.35 8.29 30.56
CA ASP C 143 -14.16 7.78 31.67
C ASP C 143 -15.15 8.82 32.15
N GLU C 144 -14.71 10.08 32.30
CA GLU C 144 -15.63 11.11 32.79
C GLU C 144 -16.86 11.22 31.90
N ILE C 145 -16.67 11.20 30.58
CA ILE C 145 -17.83 11.30 29.70
C ILE C 145 -18.72 10.09 29.87
N CYS C 146 -18.11 8.91 29.99
CA CYS C 146 -18.89 7.72 30.20
C CYS C 146 -19.62 7.80 31.53
N GLN C 147 -18.93 8.26 32.58
CA GLN C 147 -19.59 8.43 33.87
C GLN C 147 -20.75 9.42 33.75
N LYS C 148 -20.50 10.55 33.09
CA LYS C 148 -21.57 11.54 32.88
C LYS C 148 -22.77 10.90 32.22
N MET C 149 -22.55 9.89 31.39
CA MET C 149 -23.63 9.30 30.60
C MET C 149 -24.18 8.00 31.17
N ASP C 150 -23.81 7.62 32.39
CA ASP C 150 -24.26 6.35 33.00
C ASP C 150 -23.82 5.14 32.18
N ILE C 151 -22.62 5.21 31.61
CA ILE C 151 -21.99 4.14 30.85
C ILE C 151 -20.80 3.57 31.64
N PRO C 152 -20.90 2.35 32.15
CA PRO C 152 -19.75 1.75 32.82
C PRO C 152 -18.61 1.48 31.84
N VAL C 153 -17.39 1.57 32.34
CA VAL C 153 -16.17 1.48 31.53
C VAL C 153 -15.32 0.34 32.07
N LEU C 154 -15.03 -0.63 31.21
CA LEU C 154 -14.11 -1.72 31.54
C LEU C 154 -12.69 -1.28 31.20
N HIS C 155 -11.76 -1.47 32.16
CA HIS C 155 -10.33 -1.25 31.92
C HIS C 155 -9.55 -2.55 31.93
N PRO C 156 -9.20 -3.10 30.76
CA PRO C 156 -8.35 -4.29 30.72
C PRO C 156 -6.87 -3.96 30.68
N TYR C 157 -6.10 -4.74 31.40
CA TYR C 157 -4.65 -4.63 31.45
C TYR C 157 -4.06 -6.01 31.27
N ASN C 158 -2.90 -6.05 30.63
CA ASN C 158 -2.15 -7.26 30.33
C ASN C 158 -1.00 -7.37 31.33
N LEU C 159 -1.17 -8.19 32.37
CA LEU C 159 -0.10 -8.35 33.36
C LEU C 159 0.81 -9.55 33.08
N GLY C 160 1.08 -9.82 31.81
CA GLY C 160 1.96 -10.90 31.42
C GLY C 160 1.34 -12.23 31.71
N TRP C 161 1.58 -12.73 32.92
CA TRP C 161 0.95 -13.96 33.37
C TRP C 161 -0.49 -13.80 33.83
N GLY C 162 -0.93 -12.60 34.14
CA GLY C 162 -2.26 -12.39 34.70
C GLY C 162 -3.14 -11.50 33.82
N GLY C 163 -4.45 -11.63 33.96
CA GLY C 163 -5.40 -10.68 33.40
C GLY C 163 -6.06 -9.88 34.51
N LEU C 164 -6.14 -8.57 34.29
CA LEU C 164 -6.72 -7.63 35.25
C LEU C 164 -7.77 -6.81 34.52
N VAL C 165 -8.96 -6.71 35.10
CA VAL C 165 -10.03 -5.86 34.60
C VAL C 165 -10.61 -5.10 35.78
N THR C 166 -10.82 -3.80 35.58
CA THR C 166 -11.62 -2.98 36.49
C THR C 166 -12.74 -2.32 35.73
N ILE C 167 -13.87 -2.21 36.41
CA ILE C 167 -15.06 -1.60 35.85
C ILE C 167 -15.20 -0.29 36.61
N ILE C 168 -15.18 0.82 35.87
CA ILE C 168 -15.53 2.13 36.39
C ILE C 168 -17.04 2.28 36.26
N SER C 169 -17.67 2.36 37.34
CA SER C 169 -19.11 2.51 37.27
C SER C 169 -19.51 3.97 37.24
N PRO C 170 -20.67 4.25 36.66
CA PRO C 170 -21.08 5.65 36.50
C PRO C 170 -21.07 6.43 37.80
N LYS C 171 -21.58 5.87 38.88
CA LYS C 171 -21.69 6.58 40.15
C LYS C 171 -20.53 6.27 41.11
N GLY C 172 -19.45 5.66 40.62
CA GLY C 172 -18.35 5.26 41.47
C GLY C 172 -17.07 6.03 41.21
N LEU C 173 -16.01 5.60 41.90
CA LEU C 173 -14.71 6.25 41.76
C LEU C 173 -14.17 6.08 40.35
N SER C 174 -13.40 7.07 39.92
CA SER C 174 -12.67 7.01 38.66
C SER C 174 -11.25 6.54 38.93
N LEU C 175 -10.53 6.24 37.84
CA LEU C 175 -9.15 5.80 38.01
C LEU C 175 -8.32 6.87 38.69
N ASN C 176 -8.77 8.13 38.61
CA ASN C 176 -8.11 9.27 39.23
C ASN C 176 -7.78 9.03 40.69
N SER C 177 -8.65 8.30 41.41
CA SER C 177 -8.46 8.12 42.85
C SER C 177 -7.11 7.51 43.21
N ILE C 178 -6.50 6.73 42.31
CA ILE C 178 -5.20 6.13 42.60
C ILE C 178 -4.05 6.86 41.94
N ALA C 179 -4.34 7.91 41.19
CA ALA C 179 -3.30 8.75 40.59
C ALA C 179 -2.73 9.70 41.64
N LYS C 180 -1.44 9.99 41.52
CA LYS C 180 -0.80 10.90 42.45
C LYS C 180 -0.87 12.34 41.92
N LYS C 181 -1.19 13.27 42.82
CA LYS C 181 -1.33 14.67 42.46
C LYS C 181 -0.02 15.19 41.92
N GLY C 182 -0.09 15.97 40.84
CA GLY C 182 1.07 16.60 40.27
C GLY C 182 1.81 15.71 39.31
N GLU C 183 1.50 14.40 39.29
CA GLU C 183 2.19 13.45 38.44
C GLU C 183 1.14 12.84 37.51
N LYS C 184 1.60 12.47 36.32
CA LYS C 184 0.77 11.93 35.26
C LYS C 184 0.42 10.48 35.59
N PHE C 185 -0.67 9.99 35.03
CA PHE C 185 -1.27 8.73 35.43
C PHE C 185 -1.00 7.75 34.30
N ASN C 186 -0.37 6.62 34.63
CA ASN C 186 -0.07 5.60 33.65
C ASN C 186 -0.40 4.24 34.21
N GLU C 187 0.01 3.21 33.44
CA GLU C 187 -0.33 1.85 33.79
C GLU C 187 0.44 1.33 35.01
N LEU C 188 1.64 1.86 35.26
CA LEU C 188 2.40 1.44 36.45
C LEU C 188 1.68 1.80 37.74
N ASN C 189 0.94 2.91 37.74
CA ASN C 189 0.11 3.27 38.89
C ASN C 189 -0.99 2.25 39.09
N VAL C 190 -1.58 1.78 37.98
CA VAL C 190 -2.62 0.77 38.08
C VAL C 190 -2.04 -0.53 38.62
N VAL C 191 -0.92 -0.97 38.05
CA VAL C 191 -0.36 -2.29 38.38
C VAL C 191 0.18 -2.29 39.82
N GLU C 192 0.83 -1.21 40.24
CA GLU C 192 1.28 -1.12 41.62
C GLU C 192 0.15 -1.06 42.63
N TYR C 193 -0.99 -0.46 42.26
CA TYR C 193 -2.15 -0.49 43.15
C TYR C 193 -2.68 -1.90 43.34
N VAL C 194 -2.78 -2.66 42.25
CA VAL C 194 -3.30 -4.01 42.35
C VAL C 194 -2.40 -4.87 43.22
N SER C 195 -1.08 -4.81 42.97
CA SER C 195 -0.16 -5.58 43.77
C SER C 195 -0.26 -5.20 45.25
N SER C 196 -0.28 -3.91 45.53
CA SER C 196 -0.38 -3.44 46.91
C SER C 196 -1.71 -3.86 47.54
N TYR C 197 -2.80 -3.77 46.77
CA TYR C 197 -4.10 -4.16 47.27
C TYR C 197 -4.12 -5.65 47.61
N MET C 198 -3.63 -6.49 46.70
CA MET C 198 -3.56 -7.93 46.96
C MET C 198 -2.72 -8.25 48.20
N ARG C 199 -1.54 -7.64 48.32
CA ARG C 199 -0.70 -7.90 49.47
C ARG C 199 -1.38 -7.41 50.74
N PHE C 200 -2.05 -6.25 50.64
CA PHE C 200 -2.73 -5.73 51.82
C PHE C 200 -3.72 -6.75 52.35
N TRP C 201 -4.40 -7.48 51.45
CA TRP C 201 -5.42 -8.44 51.83
C TRP C 201 -4.89 -9.85 52.04
N GLY C 202 -3.59 -10.03 52.23
CA GLY C 202 -3.15 -11.37 52.51
C GLY C 202 -3.05 -12.27 51.30
N LYS C 203 -3.18 -11.74 50.10
CA LYS C 203 -3.05 -12.52 48.87
C LYS C 203 -1.89 -11.97 48.03
N PRO C 204 -0.67 -11.92 48.56
CA PRO C 204 0.43 -11.37 47.76
C PRO C 204 0.70 -12.15 46.47
N GLN C 205 0.88 -11.38 45.40
CA GLN C 205 1.21 -11.87 44.05
C GLN C 205 2.71 -11.63 43.86
N GLU C 206 3.50 -12.62 44.27
CA GLU C 206 4.94 -12.43 44.26
C GLU C 206 5.47 -12.28 42.84
N TRP C 207 4.83 -12.95 41.87
CA TRP C 207 5.16 -12.76 40.46
C TRP C 207 4.94 -11.32 39.99
N LEU C 208 3.83 -10.70 40.41
CA LEU C 208 3.54 -9.33 39.97
C LEU C 208 4.51 -8.34 40.58
N GLU C 209 4.81 -8.49 41.88
CA GLU C 209 5.78 -7.61 42.50
C GLU C 209 7.15 -7.76 41.85
N ASP C 210 7.47 -8.96 41.40
CA ASP C 210 8.74 -9.20 40.76
C ASP C 210 8.85 -8.43 39.46
N ILE C 211 7.83 -8.53 38.60
CA ILE C 211 7.90 -7.88 37.30
C ILE C 211 7.84 -6.37 37.47
N ILE C 212 7.11 -5.87 38.48
CA ILE C 212 7.14 -4.44 38.77
C ILE C 212 8.57 -4.00 39.08
N TYR C 213 9.25 -4.78 39.92
CA TYR C 213 10.64 -4.47 40.29
C TYR C 213 11.56 -4.49 39.07
N LYS C 214 11.48 -5.56 38.27
CA LYS C 214 12.34 -5.62 37.08
C LYS C 214 12.07 -4.47 36.15
N PHE C 215 10.80 -4.13 35.95
CA PHE C 215 10.49 -3.09 34.98
C PHE C 215 11.04 -1.74 35.42
N LYS C 216 10.88 -1.37 36.70
CA LYS C 216 11.42 -0.09 37.16
C LYS C 216 12.94 0.01 37.12
N ASN C 217 13.64 -1.03 37.57
CA ASN C 217 15.11 -1.02 37.61
C ASN C 217 15.72 -1.30 36.28
N GLU C 218 14.92 -1.15 35.25
CA GLU C 218 15.42 -1.18 33.89
C GLU C 218 16.28 0.05 33.63
N ARG C 219 17.46 -0.17 33.06
CA ARG C 219 18.36 0.94 32.74
C ARG C 219 17.69 1.85 31.73
N GLU C 220 17.34 1.30 30.57
CA GLU C 220 16.61 2.03 29.55
C GLU C 220 15.13 2.06 29.88
N LYS C 221 14.47 3.17 29.51
CA LYS C 221 13.02 3.29 29.75
C LYS C 221 12.31 2.89 28.46
N LEU C 222 11.58 1.77 28.52
CA LEU C 222 10.85 1.18 27.41
C LEU C 222 9.39 0.97 27.81
N SER C 223 8.55 0.61 26.81
CA SER C 223 7.16 0.26 27.09
C SER C 223 7.06 -1.04 27.90
N PRO C 224 5.99 -1.19 28.70
CA PRO C 224 5.82 -2.40 29.53
C PRO C 224 5.71 -3.65 28.69
N PRO C 225 6.29 -4.76 29.14
CA PRO C 225 6.11 -6.04 28.44
C PRO C 225 4.70 -6.59 28.59
N GLN C 226 4.28 -7.36 27.58
CA GLN C 226 3.02 -8.08 27.67
C GLN C 226 3.20 -9.41 26.93
N LEU C 227 2.43 -10.41 27.38
CA LEU C 227 2.47 -11.79 26.92
C LEU C 227 1.12 -12.22 26.36
N SER C 228 1.14 -13.25 25.50
CA SER C 228 -0.12 -13.77 24.98
C SER C 228 -1.03 -14.33 26.08
N VAL C 229 -0.45 -14.88 27.14
CA VAL C 229 -1.28 -15.47 28.19
C VAL C 229 -2.20 -14.42 28.82
N GLY C 230 -1.65 -13.26 29.18
CA GLY C 230 -2.48 -12.23 29.79
C GLY C 230 -3.57 -11.67 28.90
N SER C 231 -3.27 -11.48 27.62
CA SER C 231 -4.29 -10.99 26.69
C SER C 231 -5.44 -11.99 26.58
N TRP C 232 -5.12 -13.26 26.40
CA TRP C 232 -6.16 -14.28 26.25
C TRP C 232 -6.97 -14.40 27.53
N VAL C 233 -6.30 -14.34 28.69
CA VAL C 233 -7.03 -14.43 29.96
C VAL C 233 -7.93 -13.22 30.15
N VAL C 234 -7.41 -12.03 29.87
CA VAL C 234 -8.20 -10.82 30.06
C VAL C 234 -9.34 -10.75 29.05
N ALA C 235 -9.14 -11.34 27.87
CA ALA C 235 -10.21 -11.40 26.87
C ALA C 235 -11.40 -12.18 27.40
N GLY C 236 -11.15 -13.32 28.04
CA GLY C 236 -12.24 -14.07 28.64
C GLY C 236 -12.91 -13.34 29.79
N MET C 237 -12.11 -12.71 30.66
CA MET C 237 -12.68 -11.94 31.77
C MET C 237 -13.61 -10.85 31.26
N CYS C 238 -13.17 -10.11 30.24
CA CYS C 238 -14.01 -9.04 29.72
C CYS C 238 -15.31 -9.61 29.16
N THR C 239 -15.24 -10.73 28.44
CA THR C 239 -16.46 -11.30 27.88
C THR C 239 -17.43 -11.66 29.00
N HIS C 240 -16.91 -12.23 30.09
CA HIS C 240 -17.76 -12.55 31.24
C HIS C 240 -18.36 -11.27 31.84
N ILE C 241 -17.51 -10.26 32.05
CA ILE C 241 -17.97 -8.99 32.63
C ILE C 241 -19.01 -8.31 31.73
N LEU C 242 -18.75 -8.30 30.41
CA LEU C 242 -19.71 -7.70 29.49
C LEU C 242 -21.06 -8.39 29.60
N PHE C 243 -21.06 -9.73 29.68
CA PHE C 243 -22.30 -10.48 29.83
C PHE C 243 -23.01 -10.10 31.13
N ASN C 244 -22.26 -9.96 32.23
CA ASN C 244 -22.89 -9.61 33.50
C ASN C 244 -23.51 -8.22 33.46
N ILE C 245 -22.78 -7.26 32.86
CA ILE C 245 -23.30 -5.91 32.79
C ILE C 245 -24.55 -5.89 31.92
N ALA C 246 -24.51 -6.57 30.77
CA ALA C 246 -25.65 -6.54 29.87
C ALA C 246 -26.86 -7.23 30.49
N THR C 247 -26.65 -8.34 31.21
CA THR C 247 -27.75 -9.07 31.85
C THR C 247 -28.02 -8.62 33.29
N GLN C 248 -27.37 -7.56 33.74
CA GLN C 248 -27.63 -6.96 35.06
C GLN C 248 -27.36 -7.96 36.20
N ARG C 249 -26.29 -8.74 36.05
CA ARG C 249 -25.79 -9.55 37.15
C ARG C 249 -24.75 -8.72 37.89
N GLU C 250 -24.62 -8.96 39.18
CA GLU C 250 -23.74 -8.12 39.98
C GLU C 250 -22.29 -8.17 39.49
N ILE C 251 -21.61 -7.03 39.62
CA ILE C 251 -20.18 -6.91 39.32
C ILE C 251 -19.51 -6.04 40.38
N LYS C 252 -18.18 -6.19 40.48
CA LYS C 252 -17.37 -5.30 41.31
C LYS C 252 -16.97 -4.04 40.52
N SER C 253 -17.15 -2.88 41.13
CA SER C 253 -16.66 -1.64 40.55
C SER C 253 -15.37 -1.21 41.22
N PHE C 254 -14.54 -0.47 40.49
CA PHE C 254 -13.36 0.16 41.05
C PHE C 254 -13.73 0.95 42.30
N PRO C 255 -12.91 0.93 43.37
CA PRO C 255 -11.53 0.46 43.53
C PRO C 255 -11.37 -1.07 43.63
N GLU C 256 -12.47 -1.80 43.54
CA GLU C 256 -12.32 -3.24 43.42
C GLU C 256 -12.06 -3.61 41.97
N PHE C 257 -11.48 -4.78 41.76
CA PHE C 257 -11.05 -5.20 40.44
C PHE C 257 -11.09 -6.71 40.36
N TYR C 258 -10.90 -7.24 39.15
CA TYR C 258 -10.82 -8.69 38.96
C TYR C 258 -9.44 -9.03 38.44
N LEU C 259 -8.77 -9.93 39.16
CA LEU C 259 -7.44 -10.42 38.84
C LEU C 259 -7.49 -11.93 38.74
N SER C 260 -7.03 -12.44 37.61
CA SER C 260 -7.10 -13.84 37.23
C SER C 260 -5.74 -14.21 36.66
N SER C 261 -5.18 -15.32 37.14
CA SER C 261 -3.86 -15.77 36.70
C SER C 261 -3.75 -17.27 36.94
N LEU C 262 -2.65 -17.84 36.45
CA LEU C 262 -2.47 -19.28 36.60
C LEU C 262 -2.61 -19.71 38.06
N GLU C 263 -2.08 -18.93 38.99
CA GLU C 263 -2.32 -19.20 40.41
C GLU C 263 -3.48 -18.31 40.88
N GLY C 264 -4.70 -18.70 40.54
CA GLY C 264 -5.86 -17.86 40.84
C GLY C 264 -6.93 -17.65 39.77
N MET D 15 16.40 -11.99 20.88
CA MET D 15 14.98 -12.01 20.57
C MET D 15 14.70 -11.21 19.29
N LYS D 16 13.75 -11.71 18.49
CA LYS D 16 13.25 -11.03 17.30
C LYS D 16 12.24 -9.97 17.68
N HIS D 17 12.04 -9.00 16.78
CA HIS D 17 11.11 -7.89 17.03
C HIS D 17 9.68 -8.39 17.23
N ARG D 18 9.34 -9.57 16.70
CA ARG D 18 8.02 -10.17 16.96
C ARG D 18 7.84 -10.54 18.42
N TYR D 19 8.90 -11.03 19.07
CA TYR D 19 8.82 -11.35 20.49
C TYR D 19 9.40 -10.23 21.33
N SER D 20 9.49 -9.04 20.74
CA SER D 20 10.10 -7.90 21.40
C SER D 20 9.41 -7.59 22.71
N ARG D 21 8.08 -7.58 22.70
CA ARG D 21 7.33 -7.20 23.89
C ARG D 21 7.27 -8.32 24.94
N ASN D 22 7.93 -9.46 24.70
CA ASN D 22 8.09 -10.57 25.63
C ASN D 22 9.22 -10.38 26.64
N ARG D 23 9.99 -9.29 26.54
CA ARG D 23 11.21 -9.14 27.33
C ARG D 23 10.87 -9.04 28.82
N LEU D 24 11.90 -9.22 29.65
CA LEU D 24 11.79 -9.28 31.10
C LEU D 24 11.07 -10.55 31.55
N TYR D 25 9.89 -10.84 31.01
CA TYR D 25 9.24 -12.11 31.34
C TYR D 25 10.10 -13.28 30.87
N LEU D 26 10.67 -13.16 29.68
CA LEU D 26 11.57 -14.15 29.10
C LEU D 26 12.91 -13.51 28.74
N ASN D 27 13.99 -14.23 29.03
CA ASN D 27 15.31 -13.83 28.57
C ASN D 27 15.55 -14.43 27.20
N PRO D 28 16.56 -13.95 26.47
CA PRO D 28 16.76 -14.47 25.11
C PRO D 28 16.91 -15.99 25.04
N LYS D 29 17.55 -16.61 26.03
CA LYS D 29 17.75 -18.06 25.97
C LYS D 29 16.46 -18.85 26.18
N GLU D 30 15.55 -18.37 27.02
CA GLU D 30 14.28 -19.08 27.20
C GLU D 30 13.43 -18.99 25.94
N GLN D 31 13.43 -17.82 25.29
CA GLN D 31 12.75 -17.64 24.01
C GLN D 31 13.30 -18.60 22.95
N GLU D 32 14.62 -18.80 22.94
CA GLU D 32 15.19 -19.77 22.01
C GLU D 32 14.71 -21.19 22.29
N LEU D 33 14.61 -21.56 23.57
CA LEU D 33 14.24 -22.93 23.93
C LEU D 33 12.85 -23.32 23.45
N ILE D 34 11.84 -22.48 23.70
CA ILE D 34 10.50 -22.88 23.30
C ILE D 34 10.28 -22.79 21.80
N LYS D 35 11.16 -22.08 21.08
CA LYS D 35 11.03 -21.98 19.63
C LYS D 35 10.97 -23.36 19.01
N ASP D 36 11.86 -24.27 19.43
CA ASP D 36 11.97 -25.58 18.82
C ASP D 36 11.44 -26.67 19.72
N TYR D 37 10.95 -26.33 20.91
CA TYR D 37 10.38 -27.28 21.87
C TYR D 37 9.20 -28.04 21.28
N PRO D 38 9.34 -29.35 21.04
CA PRO D 38 8.31 -30.08 20.29
C PRO D 38 7.06 -30.27 21.14
N ILE D 39 5.95 -29.68 20.70
CA ILE D 39 4.67 -29.82 21.38
C ILE D 39 3.81 -30.74 20.55
N LEU D 40 3.16 -31.69 21.20
CA LEU D 40 2.13 -32.50 20.58
C LEU D 40 0.77 -32.08 21.11
N LEU D 41 -0.14 -31.73 20.19
CA LEU D 41 -1.48 -31.28 20.54
C LEU D 41 -2.45 -32.32 19.98
N GLY D 42 -3.10 -33.06 20.88
CA GLY D 42 -4.13 -33.99 20.47
C GLY D 42 -5.50 -33.38 20.62
N GLY D 43 -6.13 -33.02 19.50
CA GLY D 43 -7.44 -32.41 19.52
C GLY D 43 -7.37 -30.92 19.24
N ALA D 44 -7.90 -30.52 18.08
CA ALA D 44 -7.83 -29.16 17.59
C ALA D 44 -9.13 -28.39 17.83
N GLY D 45 -9.86 -28.73 18.89
CA GLY D 45 -11.03 -27.94 19.22
C GLY D 45 -10.72 -26.80 20.16
N ILE D 46 -10.92 -27.02 21.45
CA ILE D 46 -10.40 -26.09 22.47
C ILE D 46 -8.91 -25.87 22.26
N GLY D 47 -8.21 -26.87 21.72
CA GLY D 47 -6.79 -26.79 21.45
C GLY D 47 -6.40 -25.84 20.33
N SER D 48 -7.34 -25.47 19.46
CA SER D 48 -7.01 -24.53 18.39
C SER D 48 -6.84 -23.12 18.97
N ILE D 49 -7.56 -22.84 20.06
CA ILE D 49 -7.33 -21.61 20.80
C ILE D 49 -5.97 -21.68 21.50
N ILE D 50 -5.69 -22.82 22.14
CA ILE D 50 -4.41 -23.03 22.84
C ILE D 50 -3.24 -22.89 21.88
N ALA D 51 -3.37 -23.40 20.66
CA ALA D 51 -2.27 -23.35 19.72
C ALA D 51 -1.88 -21.92 19.40
N GLU D 52 -2.87 -21.05 19.14
CA GLU D 52 -2.54 -19.68 18.77
C GLU D 52 -1.90 -18.93 19.93
N CYS D 53 -2.46 -19.06 21.13
CA CYS D 53 -1.89 -18.37 22.27
C CYS D 53 -0.45 -18.80 22.51
N ALA D 54 -0.18 -20.11 22.38
CA ALA D 54 1.19 -20.59 22.58
C ALA D 54 2.10 -20.19 21.42
N LEU D 55 1.58 -20.19 20.18
CA LEU D 55 2.41 -19.77 19.04
C LEU D 55 2.84 -18.32 19.18
N ARG D 56 1.91 -17.44 19.53
CA ARG D 56 2.26 -16.04 19.69
C ARG D 56 3.25 -15.85 20.83
N PHE D 57 3.13 -16.65 21.88
CA PHE D 57 4.09 -16.61 23.00
C PHE D 57 5.50 -16.98 22.56
N GLY D 58 5.64 -17.86 21.58
CA GLY D 58 6.94 -18.23 21.06
C GLY D 58 7.17 -19.72 20.85
N PHE D 59 6.16 -20.53 21.14
CA PHE D 59 6.21 -21.97 20.86
C PHE D 59 5.94 -22.17 19.38
N GLU D 60 6.98 -22.44 18.60
CA GLU D 60 6.84 -22.45 17.16
C GLU D 60 6.85 -23.87 16.60
N ASN D 61 6.90 -24.88 17.48
CA ASN D 61 6.99 -26.28 17.08
C ASN D 61 5.79 -27.03 17.65
N ILE D 62 4.72 -27.09 16.87
CA ILE D 62 3.46 -27.66 17.35
C ILE D 62 3.03 -28.70 16.33
N THR D 63 2.76 -29.89 16.82
CA THR D 63 2.17 -30.96 16.02
C THR D 63 0.72 -31.05 16.42
N ILE D 64 -0.17 -31.02 15.44
CA ILE D 64 -1.60 -31.04 15.70
C ILE D 64 -2.18 -32.25 14.98
N VAL D 65 -2.91 -33.07 15.72
CA VAL D 65 -3.53 -34.27 15.18
C VAL D 65 -5.01 -34.18 15.47
N ASP D 66 -5.82 -34.25 14.41
CA ASP D 66 -7.26 -34.24 14.52
C ASP D 66 -7.84 -34.67 13.17
N GLY D 67 -8.92 -35.45 13.21
CA GLY D 67 -9.56 -35.91 11.99
C GLY D 67 -10.89 -35.27 11.63
N ASP D 68 -11.38 -34.35 12.45
CA ASP D 68 -12.69 -33.73 12.25
C ASP D 68 -12.65 -32.59 11.24
N HIS D 69 -13.84 -32.22 10.78
CA HIS D 69 -14.02 -31.02 10.00
C HIS D 69 -14.63 -29.96 10.90
N VAL D 70 -14.51 -28.70 10.49
CA VAL D 70 -15.03 -27.60 11.29
C VAL D 70 -16.54 -27.54 11.10
N GLU D 71 -17.28 -27.48 12.21
CA GLU D 71 -18.73 -27.34 12.17
C GLU D 71 -19.18 -25.99 12.68
N ASN D 72 -20.41 -25.63 12.29
CA ASN D 72 -20.99 -24.36 12.69
C ASN D 72 -20.98 -24.15 14.19
N SER D 73 -21.31 -25.18 14.96
CA SER D 73 -21.36 -25.02 16.42
C SER D 73 -20.00 -24.70 17.03
N ASN D 74 -18.92 -24.86 16.27
CA ASN D 74 -17.60 -24.54 16.78
C ASN D 74 -17.30 -23.05 16.92
N LEU D 75 -17.97 -22.18 16.17
CA LEU D 75 -17.48 -20.81 16.08
C LEU D 75 -17.67 -20.03 17.38
N ASN D 76 -18.40 -20.57 18.35
CA ASN D 76 -18.64 -19.91 19.63
C ASN D 76 -17.48 -20.06 20.61
N ARG D 77 -16.45 -20.84 20.27
CA ARG D 77 -15.36 -21.12 21.21
C ARG D 77 -14.08 -21.64 20.57
N GLN D 78 -14.04 -21.86 19.26
CA GLN D 78 -12.87 -22.43 18.61
C GLN D 78 -12.30 -21.49 17.54
N ASN D 79 -11.03 -21.74 17.17
CA ASN D 79 -10.25 -20.78 16.39
C ASN D 79 -10.46 -20.99 14.88
N TYR D 80 -11.71 -20.85 14.43
CA TYR D 80 -12.06 -21.02 13.03
C TYR D 80 -13.00 -19.90 12.58
N THR D 81 -13.12 -19.74 11.27
CA THR D 81 -13.92 -18.71 10.64
C THR D 81 -15.06 -19.36 9.88
N GLU D 82 -15.98 -18.53 9.38
CA GLU D 82 -17.06 -19.06 8.56
C GLU D 82 -16.51 -19.77 7.32
N GLY D 83 -15.43 -19.24 6.74
CA GLY D 83 -14.87 -19.89 5.58
C GLY D 83 -14.22 -21.23 5.87
N ASP D 84 -13.84 -21.48 7.13
CA ASP D 84 -13.23 -22.75 7.50
C ASP D 84 -14.26 -23.88 7.68
N VAL D 85 -15.54 -23.56 7.81
CA VAL D 85 -16.55 -24.57 8.12
C VAL D 85 -16.61 -25.58 6.98
N SER D 86 -16.60 -26.87 7.33
CA SER D 86 -16.58 -28.06 6.46
C SER D 86 -15.17 -28.42 6.00
N VAL D 87 -14.13 -27.75 6.51
CA VAL D 87 -12.74 -28.06 6.19
C VAL D 87 -12.14 -28.85 7.35
N ASN D 88 -11.12 -29.66 7.05
CA ASN D 88 -10.38 -30.35 8.10
C ASN D 88 -9.93 -29.33 9.14
N LYS D 89 -10.29 -29.57 10.40
CA LYS D 89 -9.84 -28.67 11.46
C LYS D 89 -8.34 -28.44 11.38
N VAL D 90 -7.58 -29.49 11.10
CA VAL D 90 -6.12 -29.37 11.11
C VAL D 90 -5.67 -28.47 9.97
N GLU D 91 -6.34 -28.54 8.81
CA GLU D 91 -5.98 -27.68 7.69
C GLU D 91 -6.29 -26.22 7.99
N ALA D 92 -7.45 -25.95 8.58
CA ALA D 92 -7.84 -24.58 8.86
C ALA D 92 -6.98 -23.94 9.94
N ILE D 93 -6.70 -24.68 11.01
CA ILE D 93 -5.90 -24.12 12.10
C ILE D 93 -4.45 -23.93 11.68
N LYS D 94 -3.95 -24.77 10.78
CA LYS D 94 -2.60 -24.55 10.30
C LYS D 94 -2.52 -23.25 9.52
N ALA D 95 -3.56 -22.97 8.72
CA ALA D 95 -3.63 -21.70 8.01
C ALA D 95 -3.58 -20.51 8.95
N ARG D 96 -4.41 -20.50 10.00
CA ARG D 96 -4.34 -19.40 10.96
C ARG D 96 -2.97 -19.30 11.61
N LEU D 97 -2.44 -20.42 12.12
CA LEU D 97 -1.17 -20.34 12.83
C LEU D 97 -0.04 -19.91 11.90
N LYS D 98 0.00 -20.47 10.69
CA LYS D 98 1.09 -20.17 9.76
C LYS D 98 0.96 -18.78 9.16
N SER D 99 -0.24 -18.20 9.19
CA SER D 99 -0.42 -16.80 8.83
C SER D 99 0.02 -15.86 9.95
N ILE D 100 0.02 -16.34 11.19
CA ILE D 100 0.61 -15.60 12.31
C ILE D 100 2.13 -15.67 12.26
N ASN D 101 2.68 -16.84 11.90
CA ASN D 101 4.13 -17.03 11.90
C ASN D 101 4.47 -17.97 10.75
N SER D 102 4.98 -17.40 9.65
CA SER D 102 5.28 -18.18 8.46
C SER D 102 6.44 -19.13 8.69
N LYS D 103 7.43 -18.71 9.48
CA LYS D 103 8.57 -19.57 9.75
C LYS D 103 8.29 -20.55 10.88
N ALA D 104 7.06 -20.59 11.38
CA ALA D 104 6.72 -21.51 12.46
C ALA D 104 6.51 -22.90 11.88
N ASN D 105 6.75 -23.90 12.71
CA ASN D 105 6.69 -25.29 12.27
C ASN D 105 5.40 -25.92 12.78
N ILE D 106 4.33 -25.79 12.00
CA ILE D 106 3.02 -26.28 12.39
C ILE D 106 2.78 -27.52 11.53
N LYS D 107 2.92 -28.70 12.14
CA LYS D 107 2.75 -29.98 11.46
C LYS D 107 1.42 -30.60 11.86
N ILE D 108 0.59 -30.90 10.86
CA ILE D 108 -0.75 -31.40 11.09
C ILE D 108 -0.86 -32.81 10.55
N HIS D 109 -1.84 -33.55 11.08
CA HIS D 109 -2.14 -34.92 10.65
C HIS D 109 -3.65 -35.07 10.72
N ASN D 110 -4.28 -35.21 9.56
CA ASN D 110 -5.74 -35.36 9.44
C ASN D 110 -6.10 -36.83 9.54
N CYS D 111 -6.04 -37.35 10.76
CA CYS D 111 -6.36 -38.74 11.02
C CYS D 111 -6.82 -38.80 12.46
N PHE D 112 -7.69 -39.77 12.75
CA PHE D 112 -8.06 -40.04 14.13
C PHE D 112 -7.01 -40.89 14.84
N LEU D 113 -6.92 -40.68 16.14
CA LEU D 113 -6.01 -41.47 16.93
C LEU D 113 -6.70 -42.77 17.33
N THR D 114 -5.97 -43.87 17.18
CA THR D 114 -6.46 -45.20 17.49
C THR D 114 -5.46 -45.89 18.40
N SER D 115 -5.85 -47.04 18.94
CA SER D 115 -4.94 -47.79 19.80
C SER D 115 -3.63 -48.13 19.08
N ASP D 116 -3.65 -48.29 17.76
CA ASP D 116 -2.45 -48.71 17.03
C ASP D 116 -1.52 -47.57 16.62
N ASN D 117 -2.07 -46.43 16.22
CA ASN D 117 -1.23 -45.37 15.67
C ASN D 117 -0.85 -44.32 16.70
N VAL D 118 -1.48 -44.35 17.88
CA VAL D 118 -1.36 -43.24 18.82
C VAL D 118 0.05 -43.18 19.37
N GLU D 119 0.71 -44.34 19.49
CA GLU D 119 2.04 -44.37 20.06
C GLU D 119 3.06 -43.71 19.14
N GLU D 120 2.96 -43.93 17.84
CA GLU D 120 3.92 -43.36 16.91
C GLU D 120 3.81 -41.83 16.83
N TYR D 121 2.60 -41.29 16.97
CA TYR D 121 2.44 -39.83 16.94
C TYR D 121 3.07 -39.18 18.17
N ILE D 122 2.88 -39.77 19.35
CA ILE D 122 3.43 -39.19 20.57
C ILE D 122 4.95 -39.15 20.49
N LYS D 123 5.56 -40.17 19.90
CA LYS D 123 7.02 -40.27 19.77
C LYS D 123 7.62 -38.99 19.20
N GLY D 124 8.64 -38.47 19.89
CA GLY D 124 9.41 -37.34 19.41
C GLY D 124 9.04 -35.99 19.98
N HIS D 125 8.03 -35.92 20.84
CA HIS D 125 7.59 -34.66 21.42
C HIS D 125 8.01 -34.62 22.88
N LYS D 126 8.22 -33.40 23.40
CA LYS D 126 8.62 -33.24 24.78
C LYS D 126 7.44 -33.00 25.72
N VAL D 127 6.28 -32.55 25.23
CA VAL D 127 5.13 -32.31 26.09
C VAL D 127 3.90 -32.48 25.22
N ALA D 128 2.80 -32.90 25.83
CA ALA D 128 1.59 -33.20 25.11
C ALA D 128 0.39 -32.54 25.76
N ILE D 129 -0.58 -32.24 24.91
CA ILE D 129 -1.85 -31.69 25.34
C ILE D 129 -2.92 -32.69 24.91
N ASN D 130 -3.59 -33.30 25.89
CA ASN D 130 -4.63 -34.29 25.61
C ASN D 130 -5.94 -33.51 25.64
N ALA D 131 -6.44 -33.19 24.46
CA ALA D 131 -7.72 -32.54 24.28
C ALA D 131 -8.62 -33.44 23.47
N LEU D 132 -8.61 -34.73 23.82
CA LEU D 132 -9.35 -35.74 23.07
C LEU D 132 -10.71 -35.95 23.71
N ASP D 133 -11.74 -36.03 22.87
CA ASP D 133 -13.07 -36.39 23.37
C ASP D 133 -13.05 -37.72 24.11
N PHE D 134 -13.78 -37.75 25.20
CA PHE D 134 -13.94 -38.94 26.02
C PHE D 134 -14.81 -39.92 25.38
N SER D 135 -15.19 -39.71 24.12
CA SER D 135 -15.99 -40.74 23.49
C SER D 135 -15.15 -41.77 22.78
N SER D 136 -13.87 -41.47 22.50
CA SER D 136 -12.97 -42.54 22.13
C SER D 136 -12.57 -43.34 23.38
N GLU D 137 -11.88 -44.45 23.15
CA GLU D 137 -11.24 -45.21 24.22
C GLU D 137 -9.77 -44.84 24.37
N VAL D 138 -9.21 -44.16 23.37
CA VAL D 138 -7.77 -43.93 23.25
C VAL D 138 -7.31 -42.70 24.03
N PRO D 139 -8.19 -41.87 24.65
CA PRO D 139 -7.65 -40.74 25.42
C PRO D 139 -6.82 -41.19 26.61
N LEU D 140 -7.29 -42.19 27.36
CA LEU D 140 -6.56 -42.65 28.54
C LEU D 140 -5.35 -43.51 28.17
N LEU D 141 -5.43 -44.27 27.09
CA LEU D 141 -4.27 -45.00 26.62
C LEU D 141 -3.16 -44.02 26.23
N PHE D 142 -3.56 -42.90 25.59
CA PHE D 142 -2.65 -41.79 25.27
C PHE D 142 -1.82 -41.38 26.49
N ASP D 143 -2.47 -41.23 27.66
CA ASP D 143 -1.75 -40.81 28.86
C ASP D 143 -0.78 -41.90 29.32
N GLU D 144 -1.22 -43.16 29.30
CA GLU D 144 -0.32 -44.24 29.72
C GLU D 144 0.94 -44.21 28.87
N ILE D 145 0.80 -44.05 27.56
CA ILE D 145 1.97 -44.06 26.69
C ILE D 145 2.87 -42.88 27.00
N CYS D 146 2.28 -41.72 27.22
CA CYS D 146 3.05 -40.53 27.57
C CYS D 146 3.79 -40.67 28.89
N GLN D 147 3.13 -41.24 29.90
CA GLN D 147 3.80 -41.47 31.17
C GLN D 147 5.05 -42.32 31.00
N LYS D 148 4.95 -43.46 30.30
CA LYS D 148 6.14 -44.31 30.09
C LYS D 148 7.29 -43.56 29.43
N MET D 149 7.00 -42.50 28.68
CA MET D 149 8.03 -41.79 27.94
C MET D 149 8.48 -40.48 28.57
N ASP D 150 8.11 -40.21 29.83
CA ASP D 150 8.46 -38.96 30.51
C ASP D 150 7.91 -37.73 29.80
N ILE D 151 6.72 -37.86 29.24
CA ILE D 151 6.03 -36.76 28.58
C ILE D 151 4.87 -36.33 29.46
N PRO D 152 4.93 -35.16 30.09
CA PRO D 152 3.79 -34.67 30.85
C PRO D 152 2.62 -34.34 29.93
N VAL D 153 1.41 -34.51 30.45
CA VAL D 153 0.20 -34.39 29.64
C VAL D 153 -0.68 -33.31 30.26
N LEU D 154 -1.02 -32.31 29.46
CA LEU D 154 -1.96 -31.30 29.88
C LEU D 154 -3.37 -31.72 29.50
N HIS D 155 -4.29 -31.65 30.47
CA HIS D 155 -5.71 -31.87 30.19
C HIS D 155 -6.44 -30.55 30.41
N PRO D 156 -6.73 -29.81 29.33
CA PRO D 156 -7.52 -28.58 29.48
C PRO D 156 -9.00 -28.88 29.32
N TYR D 157 -9.82 -28.20 30.12
CA TYR D 157 -11.27 -28.32 30.04
C TYR D 157 -11.90 -26.93 30.03
N ASN D 158 -13.00 -26.83 29.30
CA ASN D 158 -13.75 -25.59 29.17
C ASN D 158 -14.94 -25.66 30.13
N LEU D 159 -14.81 -25.01 31.28
CA LEU D 159 -15.91 -24.98 32.23
C LEU D 159 -16.76 -23.73 32.10
N GLY D 160 -16.93 -23.25 30.86
CA GLY D 160 -17.75 -22.08 30.59
C GLY D 160 -17.19 -20.74 31.07
N TRP D 161 -17.47 -20.37 32.32
CA TRP D 161 -16.88 -19.17 32.87
C TRP D 161 -15.44 -19.39 33.28
N GLY D 162 -15.03 -20.64 33.48
CA GLY D 162 -13.70 -20.96 33.98
C GLY D 162 -12.92 -21.84 33.02
N GLY D 163 -11.60 -21.75 33.13
CA GLY D 163 -10.68 -22.67 32.48
C GLY D 163 -10.03 -23.54 33.53
N LEU D 164 -9.93 -24.84 33.24
CA LEU D 164 -9.35 -25.82 34.14
C LEU D 164 -8.25 -26.57 33.42
N VAL D 165 -7.06 -26.62 34.02
CA VAL D 165 -5.98 -27.45 33.52
C VAL D 165 -5.41 -28.27 34.67
N THR D 166 -5.23 -29.57 34.44
CA THR D 166 -4.47 -30.43 35.33
C THR D 166 -3.44 -31.17 34.50
N ILE D 167 -2.26 -31.37 35.05
CA ILE D 167 -1.15 -31.98 34.32
C ILE D 167 -0.92 -33.38 34.88
N ILE D 168 -0.95 -34.37 34.00
CA ILE D 168 -0.59 -35.74 34.38
C ILE D 168 0.92 -35.81 34.33
N SER D 169 1.50 -35.98 35.40
CA SER D 169 2.93 -36.03 35.30
C SER D 169 3.39 -37.46 35.09
N PRO D 170 4.52 -37.62 34.43
CA PRO D 170 5.02 -38.96 34.14
C PRO D 170 5.11 -39.87 35.35
N LYS D 171 5.59 -39.37 36.48
CA LYS D 171 5.78 -40.18 37.68
C LYS D 171 4.59 -40.09 38.64
N GLY D 172 3.46 -39.53 38.20
CA GLY D 172 2.31 -39.32 39.05
C GLY D 172 1.08 -40.13 38.66
N LEU D 173 -0.01 -39.84 39.38
CA LEU D 173 -1.28 -40.52 39.16
C LEU D 173 -1.81 -40.22 37.76
N SER D 174 -2.56 -41.17 37.21
CA SER D 174 -3.27 -40.98 35.96
C SER D 174 -4.70 -40.55 36.26
N LEU D 175 -5.39 -40.08 35.22
CA LEU D 175 -6.77 -39.60 35.40
C LEU D 175 -7.76 -40.64 35.93
N ASN D 176 -7.51 -41.94 35.74
CA ASN D 176 -8.43 -42.98 36.22
C ASN D 176 -8.79 -42.83 37.69
N SER D 177 -7.85 -42.33 38.51
CA SER D 177 -8.03 -42.22 39.95
C SER D 177 -9.29 -41.47 40.34
N ILE D 178 -9.88 -40.70 39.41
CA ILE D 178 -11.11 -39.98 39.72
C ILE D 178 -12.35 -40.78 39.32
N ALA D 179 -12.17 -41.88 38.60
CA ALA D 179 -13.24 -42.76 38.18
C ALA D 179 -13.72 -43.66 39.31
N LYS D 180 -15.01 -44.02 39.25
CA LYS D 180 -15.60 -44.86 40.27
C LYS D 180 -15.40 -46.32 39.89
N LYS D 181 -15.08 -47.13 40.90
CA LYS D 181 -14.75 -48.55 40.74
C LYS D 181 -15.86 -49.34 40.10
N GLY D 182 -15.75 -49.60 38.80
CA GLY D 182 -16.68 -50.48 38.13
C GLY D 182 -17.37 -49.81 36.98
N GLU D 183 -17.31 -48.49 36.93
CA GLU D 183 -17.96 -47.67 35.94
C GLU D 183 -16.97 -46.83 35.15
N LYS D 184 -17.42 -46.43 33.96
CA LYS D 184 -16.64 -45.72 32.97
C LYS D 184 -16.29 -44.30 33.41
N PHE D 185 -15.27 -43.75 32.77
CA PHE D 185 -14.71 -42.46 33.12
C PHE D 185 -15.03 -41.54 31.95
N ASN D 186 -15.68 -40.42 32.24
CA ASN D 186 -15.99 -39.41 31.23
C ASN D 186 -15.69 -38.01 31.78
N GLU D 187 -16.11 -36.97 31.04
CA GLU D 187 -15.77 -35.61 31.47
C GLU D 187 -16.52 -35.16 32.73
N LEU D 188 -17.72 -35.71 32.97
CA LEU D 188 -18.46 -35.31 34.17
C LEU D 188 -17.74 -35.68 35.45
N ASN D 189 -16.95 -36.77 35.45
CA ASN D 189 -16.15 -37.10 36.63
C ASN D 189 -15.11 -36.03 36.93
N VAL D 190 -14.49 -35.46 35.89
CA VAL D 190 -13.45 -34.46 36.10
C VAL D 190 -14.03 -33.19 36.73
N VAL D 191 -15.16 -32.71 36.20
CA VAL D 191 -15.70 -31.45 36.69
C VAL D 191 -16.29 -31.60 38.09
N GLU D 192 -16.96 -32.73 38.38
CA GLU D 192 -17.47 -32.95 39.74
C GLU D 192 -16.35 -33.07 40.77
N TYR D 193 -15.21 -33.64 40.37
CA TYR D 193 -14.07 -33.69 41.29
C TYR D 193 -13.56 -32.30 41.62
N VAL D 194 -13.45 -31.44 40.60
CA VAL D 194 -12.92 -30.09 40.82
C VAL D 194 -13.85 -29.29 41.73
N SER D 195 -15.15 -29.31 41.45
CA SER D 195 -16.10 -28.59 42.29
C SER D 195 -16.01 -29.08 43.73
N SER D 196 -15.96 -30.40 43.91
CA SER D 196 -15.84 -30.97 45.24
C SER D 196 -14.51 -30.61 45.91
N TYR D 197 -13.41 -30.65 45.16
CA TYR D 197 -12.09 -30.31 45.72
C TYR D 197 -12.06 -28.88 46.18
N MET D 198 -12.55 -27.96 45.35
CA MET D 198 -12.59 -26.55 45.72
C MET D 198 -13.40 -26.38 47.00
N ARG D 199 -14.58 -27.02 47.06
CA ARG D 199 -15.40 -26.88 48.25
C ARG D 199 -14.68 -27.45 49.46
N PHE D 200 -13.92 -28.53 49.25
CA PHE D 200 -13.15 -29.13 50.33
C PHE D 200 -12.20 -28.14 50.96
N TRP D 201 -11.57 -27.31 50.14
CA TRP D 201 -10.57 -26.37 50.62
C TRP D 201 -11.13 -25.00 50.94
N GLY D 202 -12.44 -24.85 51.11
CA GLY D 202 -12.93 -23.55 51.52
C GLY D 202 -13.05 -22.52 50.41
N LYS D 203 -12.91 -22.93 49.15
CA LYS D 203 -13.04 -22.07 47.97
C LYS D 203 -14.18 -22.61 47.09
N PRO D 204 -15.41 -22.71 47.59
CA PRO D 204 -16.49 -23.26 46.75
C PRO D 204 -16.72 -22.50 45.45
N GLN D 205 -16.94 -23.25 44.37
CA GLN D 205 -17.24 -22.66 43.07
C GLN D 205 -18.73 -22.83 42.80
N GLU D 206 -19.51 -21.86 43.28
CA GLU D 206 -20.95 -21.96 43.20
C GLU D 206 -21.43 -21.88 41.76
N TRP D 207 -20.74 -21.10 40.92
CA TRP D 207 -21.05 -21.10 39.49
C TRP D 207 -20.86 -22.47 38.85
N LEU D 208 -19.77 -23.18 39.23
CA LEU D 208 -19.49 -24.49 38.66
C LEU D 208 -20.47 -25.54 39.14
N GLU D 209 -20.79 -25.51 40.43
CA GLU D 209 -21.77 -26.45 40.95
C GLU D 209 -23.12 -26.23 40.30
N ASP D 210 -23.44 -24.97 40.00
CA ASP D 210 -24.73 -24.64 39.41
C ASP D 210 -24.85 -25.25 38.01
N ILE D 211 -23.81 -25.10 37.20
CA ILE D 211 -23.85 -25.63 35.83
C ILE D 211 -23.80 -27.16 35.82
N ILE D 212 -23.10 -27.78 36.78
CA ILE D 212 -23.12 -29.24 36.88
C ILE D 212 -24.54 -29.73 37.12
N TYR D 213 -25.27 -29.09 38.03
CA TYR D 213 -26.63 -29.50 38.32
C TYR D 213 -27.50 -29.41 37.07
N LYS D 214 -27.42 -28.27 36.38
CA LYS D 214 -28.19 -28.12 35.15
C LYS D 214 -27.85 -29.19 34.11
N PHE D 215 -26.55 -29.48 33.91
CA PHE D 215 -26.19 -30.42 32.85
C PHE D 215 -26.64 -31.84 33.19
N LYS D 216 -26.46 -32.26 34.44
CA LYS D 216 -26.87 -33.61 34.82
C LYS D 216 -28.38 -33.78 34.69
N ASN D 217 -29.13 -32.78 35.12
CA ASN D 217 -30.60 -32.82 35.09
C ASN D 217 -31.19 -32.49 33.75
N GLU D 218 -30.40 -32.51 32.68
CA GLU D 218 -30.95 -32.35 31.34
C GLU D 218 -31.68 -33.63 30.92
N ARG D 219 -32.89 -33.46 30.41
CA ARG D 219 -33.64 -34.60 29.89
C ARG D 219 -32.87 -35.27 28.76
N GLU D 220 -32.53 -34.49 27.75
CA GLU D 220 -31.84 -34.99 26.57
C GLU D 220 -30.38 -35.26 26.87
N LYS D 221 -29.81 -36.19 26.11
CA LYS D 221 -28.40 -36.53 26.17
C LYS D 221 -27.72 -35.67 25.11
N LEU D 222 -27.01 -34.63 25.53
CA LEU D 222 -26.40 -33.69 24.61
C LEU D 222 -24.92 -33.51 24.95
N SER D 223 -24.20 -32.91 24.01
CA SER D 223 -22.80 -32.60 24.24
C SER D 223 -22.68 -31.55 25.33
N PRO D 224 -21.57 -31.55 26.08
CA PRO D 224 -21.40 -30.54 27.14
C PRO D 224 -21.38 -29.13 26.58
N PRO D 225 -21.98 -28.18 27.29
CA PRO D 225 -21.84 -26.78 26.87
C PRO D 225 -20.44 -26.26 27.14
N GLN D 226 -20.02 -25.32 26.29
CA GLN D 226 -18.76 -24.63 26.49
C GLN D 226 -18.92 -23.20 25.99
N LEU D 227 -18.11 -22.29 26.56
CA LEU D 227 -18.13 -20.89 26.23
C LEU D 227 -16.75 -20.45 25.75
N SER D 228 -16.73 -19.35 24.99
CA SER D 228 -15.45 -18.78 24.59
C SER D 228 -14.64 -18.32 25.80
N VAL D 229 -15.30 -17.91 26.89
CA VAL D 229 -14.58 -17.46 28.08
C VAL D 229 -13.61 -18.53 28.54
N GLY D 230 -14.10 -19.76 28.72
CA GLY D 230 -13.24 -20.82 29.21
C GLY D 230 -12.14 -21.17 28.23
N SER D 231 -12.46 -21.21 26.92
CA SER D 231 -11.44 -21.55 25.94
C SER D 231 -10.30 -20.56 25.99
N TRP D 232 -10.62 -19.27 26.00
CA TRP D 232 -9.57 -18.25 26.02
C TRP D 232 -8.76 -18.30 27.31
N VAL D 233 -9.41 -18.46 28.47
CA VAL D 233 -8.67 -18.53 29.72
C VAL D 233 -7.78 -19.76 29.73
N VAL D 234 -8.34 -20.91 29.32
CA VAL D 234 -7.58 -22.14 29.40
C VAL D 234 -6.40 -22.10 28.44
N ALA D 235 -6.53 -21.37 27.32
CA ALA D 235 -5.42 -21.20 26.39
C ALA D 235 -4.27 -20.44 27.04
N GLY D 236 -4.59 -19.40 27.81
CA GLY D 236 -3.56 -18.69 28.53
C GLY D 236 -2.92 -19.55 29.59
N MET D 237 -3.74 -20.28 30.36
CA MET D 237 -3.22 -21.19 31.35
C MET D 237 -2.29 -22.22 30.73
N CYS D 238 -2.71 -22.83 29.61
CA CYS D 238 -1.87 -23.84 28.97
C CYS D 238 -0.55 -23.23 28.52
N THR D 239 -0.60 -22.04 27.94
CA THR D 239 0.64 -21.44 27.49
C THR D 239 1.57 -21.20 28.67
N HIS D 240 1.01 -20.70 29.78
CA HIS D 240 1.79 -20.50 31.00
C HIS D 240 2.38 -21.82 31.48
N ILE D 241 1.55 -22.86 31.53
CA ILE D 241 2.02 -24.16 31.99
C ILE D 241 3.07 -24.72 31.04
N LEU D 242 2.87 -24.58 29.73
CA LEU D 242 3.89 -25.03 28.79
C LEU D 242 5.22 -24.37 29.09
N PHE D 243 5.21 -23.05 29.33
CA PHE D 243 6.44 -22.34 29.60
C PHE D 243 7.11 -22.87 30.86
N ASN D 244 6.32 -23.11 31.91
CA ASN D 244 6.91 -23.60 33.15
C ASN D 244 7.50 -24.99 32.96
N ILE D 245 6.81 -25.86 32.22
CA ILE D 245 7.30 -27.22 31.96
C ILE D 245 8.60 -27.20 31.16
N ALA D 246 8.66 -26.37 30.10
CA ALA D 246 9.83 -26.33 29.24
C ALA D 246 11.05 -25.76 29.97
N THR D 247 10.85 -24.75 30.81
CA THR D 247 11.94 -24.16 31.55
C THR D 247 12.16 -24.82 32.92
N GLN D 248 11.46 -25.93 33.22
CA GLN D 248 11.67 -26.70 34.46
C GLN D 248 11.40 -25.85 35.69
N ARG D 249 10.34 -25.05 35.62
CA ARG D 249 9.83 -24.38 36.79
C ARG D 249 8.78 -25.31 37.42
N GLU D 250 8.63 -25.21 38.73
CA GLU D 250 7.75 -26.17 39.39
C GLU D 250 6.32 -26.00 38.87
N ILE D 251 5.60 -27.12 38.80
CA ILE D 251 4.18 -27.14 38.46
C ILE D 251 3.47 -28.10 39.39
N LYS D 252 2.16 -27.89 39.51
CA LYS D 252 1.32 -28.84 40.21
C LYS D 252 0.98 -29.97 39.25
N SER D 253 1.14 -31.21 39.72
CA SER D 253 0.72 -32.36 38.93
C SER D 253 -0.60 -32.88 39.47
N PHE D 254 -1.37 -33.50 38.60
CA PHE D 254 -2.55 -34.23 39.05
C PHE D 254 -2.18 -35.19 40.17
N PRO D 255 -3.00 -35.29 41.22
CA PRO D 255 -4.36 -34.83 41.49
C PRO D 255 -4.53 -33.34 41.78
N GLU D 256 -3.46 -32.53 41.75
CA GLU D 256 -3.63 -31.09 41.87
C GLU D 256 -3.95 -30.45 40.51
N PHE D 257 -4.52 -29.25 40.54
CA PHE D 257 -4.93 -28.67 39.26
C PHE D 257 -4.87 -27.14 39.32
N TYR D 258 -5.08 -26.51 38.16
CA TYR D 258 -5.17 -25.06 38.05
C TYR D 258 -6.57 -24.71 37.57
N LEU D 259 -7.27 -23.87 38.34
CA LEU D 259 -8.60 -23.42 37.95
C LEU D 259 -8.62 -21.90 37.94
N SER D 260 -8.97 -21.31 36.80
CA SER D 260 -8.91 -19.86 36.68
C SER D 260 -10.19 -19.31 36.10
N SER D 261 -10.77 -18.33 36.79
CA SER D 261 -12.02 -17.76 36.34
C SER D 261 -12.17 -16.37 36.93
N LEU D 262 -13.14 -15.64 36.39
CA LEU D 262 -13.49 -14.34 36.93
C LEU D 262 -13.89 -14.46 38.39
N GLU D 263 -14.59 -15.55 38.72
CA GLU D 263 -15.14 -15.97 40.02
C GLU D 263 -16.43 -15.19 40.25
N GLY D 264 -16.37 -13.88 40.42
CA GLY D 264 -17.55 -13.10 40.72
C GLY D 264 -18.41 -12.74 39.50
N LYS E 16 -32.92 30.34 11.48
CA LYS E 16 -32.00 30.94 12.43
C LYS E 16 -31.47 32.27 11.89
N HIS E 17 -30.94 33.13 12.78
CA HIS E 17 -30.39 34.42 12.35
C HIS E 17 -29.24 34.28 11.35
N ARG E 18 -28.53 33.14 11.39
CA ARG E 18 -27.48 32.84 10.42
C ARG E 18 -28.00 32.69 8.99
N TYR E 19 -29.22 32.17 8.82
CA TYR E 19 -29.81 32.00 7.51
C TYR E 19 -30.81 33.11 7.17
N SER E 20 -30.65 34.26 7.82
CA SER E 20 -31.53 35.40 7.62
C SER E 20 -31.51 35.89 6.18
N ARG E 21 -30.34 36.01 5.57
CA ARG E 21 -30.27 36.52 4.20
C ARG E 21 -30.71 35.48 3.18
N ASN E 22 -31.11 34.30 3.63
CA ASN E 22 -31.65 33.27 2.74
C ASN E 22 -33.12 33.48 2.41
N ARG E 23 -33.79 34.46 3.00
CA ARG E 23 -35.23 34.57 2.84
C ARG E 23 -35.61 34.83 1.38
N LEU E 24 -36.90 34.68 1.10
CA LEU E 24 -37.46 34.79 -0.25
C LEU E 24 -36.99 33.64 -1.13
N TYR E 25 -35.67 33.39 -1.17
CA TYR E 25 -35.19 32.21 -1.88
C TYR E 25 -35.64 30.92 -1.19
N LEU E 26 -35.56 30.89 0.14
CA LEU E 26 -36.00 29.76 0.97
C LEU E 26 -36.97 30.25 2.03
N ASN E 27 -38.02 29.48 2.26
CA ASN E 27 -38.87 29.74 3.41
C ASN E 27 -38.35 28.97 4.60
N PRO E 28 -38.79 29.29 5.81
CA PRO E 28 -38.25 28.59 6.99
C PRO E 28 -38.38 27.07 6.93
N LYS E 29 -39.47 26.55 6.35
CA LYS E 29 -39.68 25.11 6.31
C LYS E 29 -38.70 24.41 5.36
N GLU E 30 -38.32 25.08 4.27
CA GLU E 30 -37.30 24.51 3.39
C GLU E 30 -35.94 24.58 4.07
N GLN E 31 -35.66 25.70 4.74
CA GLN E 31 -34.44 25.87 5.50
C GLN E 31 -34.32 24.82 6.60
N GLU E 32 -35.42 24.54 7.28
CA GLU E 32 -35.44 23.49 8.29
C GLU E 32 -35.18 22.13 7.66
N LEU E 33 -35.81 21.86 6.52
CA LEU E 33 -35.69 20.54 5.88
C LEU E 33 -34.26 20.24 5.49
N ILE E 34 -33.57 21.19 4.86
CA ILE E 34 -32.22 20.92 4.41
C ILE E 34 -31.25 20.84 5.59
N LYS E 35 -31.66 21.37 6.74
CA LYS E 35 -30.79 21.35 7.91
C LYS E 35 -30.30 19.95 8.23
N ASP E 36 -31.21 18.98 8.21
CA ASP E 36 -30.90 17.61 8.59
C ASP E 36 -30.88 16.64 7.42
N TYR E 37 -31.13 17.11 6.18
CA TYR E 37 -31.12 16.22 5.01
C TYR E 37 -29.73 15.58 4.95
N PRO E 38 -29.66 14.27 5.21
CA PRO E 38 -28.37 13.60 5.36
C PRO E 38 -27.70 13.43 4.01
N ILE E 39 -26.55 14.05 3.87
CA ILE E 39 -25.77 14.02 2.65
C ILE E 39 -24.57 13.12 2.91
N LEU E 40 -24.28 12.23 1.98
CA LEU E 40 -23.04 11.46 2.04
C LEU E 40 -22.13 12.07 0.99
N LEU E 41 -20.92 12.42 1.39
CA LEU E 41 -19.97 13.03 0.47
C LEU E 41 -18.79 12.06 0.33
N GLY E 42 -18.66 11.45 -0.83
CA GLY E 42 -17.52 10.60 -1.07
C GLY E 42 -16.39 11.28 -1.79
N GLY E 43 -15.33 11.61 -1.06
CA GLY E 43 -14.20 12.29 -1.63
C GLY E 43 -14.12 13.71 -1.12
N ALA E 44 -13.07 14.02 -0.37
CA ALA E 44 -12.94 15.33 0.26
C ALA E 44 -12.04 16.25 -0.55
N GLY E 45 -11.98 16.04 -1.87
CA GLY E 45 -11.21 16.91 -2.73
C GLY E 45 -12.03 18.06 -3.26
N ILE E 46 -12.54 17.91 -4.49
CA ILE E 46 -13.54 18.85 -5.02
C ILE E 46 -14.70 19.00 -4.05
N GLY E 47 -14.99 17.95 -3.28
CA GLY E 47 -16.04 17.96 -2.26
C GLY E 47 -15.75 18.79 -1.03
N SER E 48 -14.48 19.11 -0.76
CA SER E 48 -14.18 19.95 0.40
C SER E 48 -14.62 21.38 0.17
N ILE E 49 -14.58 21.83 -1.08
CA ILE E 49 -15.18 23.10 -1.44
C ILE E 49 -16.70 22.99 -1.35
N ILE E 50 -17.26 21.89 -1.87
CA ILE E 50 -18.70 21.68 -1.87
C ILE E 50 -19.26 21.72 -0.46
N ALA E 51 -18.54 21.12 0.50
CA ALA E 51 -19.04 21.04 1.86
C ALA E 51 -19.24 22.42 2.48
N GLU E 52 -18.27 23.34 2.27
CA GLU E 52 -18.38 24.67 2.88
C GLU E 52 -19.56 25.43 2.28
N CYS E 53 -19.69 25.38 0.97
CA CYS E 53 -20.78 26.08 0.29
C CYS E 53 -22.13 25.51 0.73
N ALA E 54 -22.23 24.18 0.84
CA ALA E 54 -23.48 23.55 1.24
C ALA E 54 -23.78 23.79 2.73
N LEU E 55 -22.75 23.81 3.57
CA LEU E 55 -22.97 24.06 4.99
C LEU E 55 -23.53 25.47 5.21
N ARG E 56 -22.89 26.47 4.61
CA ARG E 56 -23.33 27.85 4.77
C ARG E 56 -24.73 28.05 4.20
N PHE E 57 -25.05 27.35 3.11
CA PHE E 57 -26.39 27.38 2.56
C PHE E 57 -27.43 26.88 3.55
N GLY E 58 -27.09 25.90 4.37
CA GLY E 58 -28.02 25.44 5.38
C GLY E 58 -28.09 23.94 5.56
N PHE E 59 -27.33 23.19 4.77
CA PHE E 59 -27.21 21.75 4.95
C PHE E 59 -26.29 21.48 6.13
N GLU E 60 -26.87 21.08 7.26
CA GLU E 60 -26.10 20.95 8.50
C GLU E 60 -25.87 19.49 8.87
N ASN E 61 -26.26 18.55 8.02
CA ASN E 61 -26.09 17.12 8.27
C ASN E 61 -25.25 16.56 7.12
N ILE E 62 -23.94 16.54 7.30
CA ILE E 62 -23.03 16.16 6.24
C ILE E 62 -22.11 15.07 6.79
N THR E 63 -22.02 13.96 6.07
CA THR E 63 -21.06 12.90 6.32
C THR E 63 -19.99 12.96 5.24
N ILE E 64 -18.72 13.01 5.65
CA ILE E 64 -17.58 13.11 4.73
C ILE E 64 -16.68 11.89 4.93
N VAL E 65 -16.35 11.19 3.84
CA VAL E 65 -15.52 10.00 3.87
C VAL E 65 -14.34 10.17 2.92
N ASP E 66 -13.13 10.05 3.45
CA ASP E 66 -11.94 10.21 2.61
C ASP E 66 -10.75 9.66 3.36
N GLY E 67 -9.82 9.03 2.64
CA GLY E 67 -8.63 8.52 3.29
C GLY E 67 -7.32 9.26 3.08
N ASP E 68 -7.32 10.33 2.29
CA ASP E 68 -6.09 11.06 1.97
C ASP E 68 -5.74 12.06 3.04
N HIS E 69 -4.48 12.48 2.98
CA HIS E 69 -3.93 13.60 3.71
C HIS E 69 -3.74 14.76 2.74
N VAL E 70 -3.61 15.95 3.32
CA VAL E 70 -3.51 17.16 2.52
C VAL E 70 -2.10 17.26 1.96
N GLU E 71 -2.00 17.47 0.65
CA GLU E 71 -0.72 17.63 -0.02
C GLU E 71 -0.58 19.08 -0.46
N ASN E 72 0.65 19.49 -0.71
CA ASN E 72 0.83 20.87 -1.15
C ASN E 72 -0.01 21.18 -2.38
N SER E 73 -0.04 20.26 -3.37
CA SER E 73 -0.74 20.52 -4.63
C SER E 73 -2.25 20.72 -4.46
N ASN E 74 -2.81 20.42 -3.29
CA ASN E 74 -4.24 20.63 -3.04
C ASN E 74 -4.64 22.08 -2.83
N LEU E 75 -3.72 22.95 -2.42
CA LEU E 75 -4.11 24.28 -1.95
C LEU E 75 -4.64 25.19 -3.05
N ASN E 76 -4.46 24.83 -4.30
CA ASN E 76 -4.93 25.66 -5.39
C ASN E 76 -6.40 25.47 -5.70
N ARG E 77 -7.09 24.51 -5.07
CA ARG E 77 -8.48 24.24 -5.44
C ARG E 77 -9.27 23.50 -4.35
N GLN E 78 -8.65 23.23 -3.21
CA GLN E 78 -9.30 22.50 -2.14
C GLN E 78 -9.33 23.33 -0.88
N ASN E 79 -10.20 22.94 0.04
CA ASN E 79 -10.53 23.76 1.20
C ASN E 79 -9.58 23.50 2.37
N TYR E 80 -8.29 23.72 2.13
CA TYR E 80 -7.31 23.47 3.16
C TYR E 80 -6.35 24.65 3.20
N THR E 81 -5.67 24.78 4.33
CA THR E 81 -4.74 25.85 4.61
C THR E 81 -3.33 25.29 4.75
N GLU E 82 -2.35 26.19 4.83
CA GLU E 82 -0.98 25.75 5.06
C GLU E 82 -0.86 24.94 6.33
N GLY E 83 -1.65 25.28 7.36
CA GLY E 83 -1.63 24.51 8.59
C GLY E 83 -2.24 23.13 8.47
N ASP E 84 -3.09 22.90 7.47
CA ASP E 84 -3.70 21.60 7.28
C ASP E 84 -2.78 20.60 6.59
N VAL E 85 -1.67 21.04 5.99
CA VAL E 85 -0.87 20.15 5.16
C VAL E 85 -0.29 19.03 6.01
N SER E 86 -0.40 17.80 5.51
CA SER E 86 0.02 16.52 6.10
C SER E 86 -1.00 15.94 7.08
N VAL E 87 -2.14 16.57 7.26
CA VAL E 87 -3.21 16.09 8.14
C VAL E 87 -4.24 15.36 7.29
N ASN E 88 -4.97 14.43 7.90
CA ASN E 88 -6.08 13.78 7.21
C ASN E 88 -7.02 14.83 6.65
N LYS E 89 -7.31 14.74 5.35
CA LYS E 89 -8.24 15.69 4.76
C LYS E 89 -9.53 15.74 5.56
N VAL E 90 -9.99 14.58 6.04
CA VAL E 90 -11.25 14.53 6.75
C VAL E 90 -11.17 15.25 8.09
N GLU E 91 -10.04 15.12 8.76
CA GLU E 91 -9.83 15.83 10.03
C GLU E 91 -9.78 17.33 9.83
N ALA E 92 -9.11 17.79 8.75
CA ALA E 92 -8.98 19.22 8.49
C ALA E 92 -10.31 19.82 8.06
N ILE E 93 -11.02 19.17 7.13
CA ILE E 93 -12.27 19.73 6.62
C ILE E 93 -13.34 19.74 7.70
N LYS E 94 -13.30 18.79 8.64
CA LYS E 94 -14.23 18.83 9.76
C LYS E 94 -13.92 20.02 10.65
N ALA E 95 -12.63 20.29 10.87
CA ALA E 95 -12.24 21.47 11.62
C ALA E 95 -12.77 22.74 10.94
N ARG E 96 -12.56 22.84 9.63
CA ARG E 96 -13.05 24.01 8.89
C ARG E 96 -14.56 24.16 9.01
N LEU E 97 -15.31 23.09 8.71
CA LEU E 97 -16.77 23.15 8.72
C LEU E 97 -17.35 23.45 10.10
N LYS E 98 -16.78 22.85 11.16
CA LYS E 98 -17.34 23.05 12.49
C LYS E 98 -17.00 24.41 13.08
N SER E 99 -15.98 25.09 12.56
CA SER E 99 -15.72 26.47 12.94
C SER E 99 -16.66 27.47 12.26
N ILE E 100 -17.24 27.13 11.11
CA ILE E 100 -18.26 27.96 10.47
C ILE E 100 -19.61 27.79 11.18
N ASN E 101 -19.93 26.56 11.59
CA ASN E 101 -21.20 26.23 12.24
C ASN E 101 -20.87 25.16 13.28
N SER E 102 -20.78 25.57 14.55
CA SER E 102 -20.44 24.64 15.63
C SER E 102 -21.54 23.62 15.93
N LYS E 103 -22.80 24.01 15.80
CA LYS E 103 -23.98 23.18 16.04
C LYS E 103 -24.31 22.25 14.87
N ALA E 104 -23.45 22.18 13.86
CA ALA E 104 -23.64 21.33 12.70
C ALA E 104 -23.33 19.87 12.99
N ASN E 105 -23.97 18.99 12.21
CA ASN E 105 -23.86 17.54 12.38
C ASN E 105 -22.90 17.07 11.29
N ILE E 106 -21.60 17.16 11.60
CA ILE E 106 -20.54 16.83 10.66
C ILE E 106 -19.91 15.51 11.12
N LYS E 107 -20.22 14.42 10.44
CA LYS E 107 -19.67 13.11 10.79
C LYS E 107 -18.63 12.75 9.73
N ILE E 108 -17.40 12.46 10.16
CA ILE E 108 -16.33 12.16 9.21
C ILE E 108 -15.86 10.72 9.43
N HIS E 109 -15.23 10.16 8.40
CA HIS E 109 -14.69 8.80 8.43
C HIS E 109 -13.38 8.73 7.65
N ASN E 110 -12.27 8.49 8.36
CA ASN E 110 -10.94 8.38 7.77
C ASN E 110 -10.61 6.97 7.27
N CYS E 111 -11.18 6.62 6.11
CA CYS E 111 -10.83 5.34 5.48
C CYS E 111 -11.07 5.47 3.97
N PHE E 112 -10.32 4.70 3.18
CA PHE E 112 -10.63 4.58 1.77
C PHE E 112 -11.75 3.59 1.55
N LEU E 113 -12.60 3.89 0.58
CA LEU E 113 -13.73 3.04 0.25
C LEU E 113 -13.31 1.95 -0.71
N THR E 114 -13.81 0.75 -0.47
CA THR E 114 -13.55 -0.44 -1.25
C THR E 114 -14.91 -1.05 -1.60
N SER E 115 -14.88 -2.07 -2.45
CA SER E 115 -16.11 -2.80 -2.75
C SER E 115 -16.76 -3.40 -1.50
N ASP E 116 -16.00 -3.68 -0.44
CA ASP E 116 -16.57 -4.35 0.73
C ASP E 116 -17.23 -3.40 1.73
N ASN E 117 -16.65 -2.23 1.97
CA ASN E 117 -17.17 -1.36 3.01
C ASN E 117 -18.11 -0.28 2.49
N VAL E 118 -18.23 -0.13 1.17
CA VAL E 118 -18.84 1.07 0.63
C VAL E 118 -20.34 1.09 0.89
N GLU E 119 -21.00 -0.07 0.84
CA GLU E 119 -22.44 -0.13 1.05
C GLU E 119 -22.82 0.28 2.47
N GLU E 120 -22.03 -0.14 3.44
CA GLU E 120 -22.33 0.19 4.83
C GLU E 120 -22.26 1.70 5.10
N TYR E 121 -21.35 2.42 4.42
CA TYR E 121 -21.25 3.88 4.54
C TYR E 121 -22.42 4.59 3.87
N ILE E 122 -22.86 4.10 2.72
CA ILE E 122 -23.95 4.75 2.00
C ILE E 122 -25.23 4.75 2.82
N LYS E 123 -25.49 3.63 3.52
CA LYS E 123 -26.72 3.46 4.28
C LYS E 123 -27.02 4.66 5.18
N GLY E 124 -28.26 5.14 5.11
CA GLY E 124 -28.74 6.19 5.98
C GLY E 124 -28.74 7.59 5.43
N HIS E 125 -28.26 7.78 4.21
CA HIS E 125 -28.22 9.12 3.64
C HIS E 125 -29.27 9.21 2.53
N LYS E 126 -29.81 10.42 2.34
CA LYS E 126 -30.85 10.63 1.35
C LYS E 126 -30.31 11.03 -0.01
N VAL E 127 -29.08 11.55 -0.05
CA VAL E 127 -28.46 12.00 -1.28
C VAL E 127 -26.97 11.86 -1.13
N ALA E 128 -26.28 11.62 -2.23
CA ALA E 128 -24.85 11.39 -2.20
C ALA E 128 -24.14 12.21 -3.27
N ILE E 129 -22.89 12.57 -2.95
CA ILE E 129 -22.00 13.27 -3.86
C ILE E 129 -20.81 12.34 -4.06
N ASN E 130 -20.65 11.86 -5.29
CA ASN E 130 -19.58 10.93 -5.64
C ASN E 130 -18.43 11.75 -6.18
N ALA E 131 -17.45 12.02 -5.33
CA ALA E 131 -16.23 12.71 -5.71
C ALA E 131 -15.04 11.78 -5.53
N LEU E 132 -15.19 10.53 -5.93
CA LEU E 132 -14.15 9.55 -5.67
C LEU E 132 -13.21 9.46 -6.86
N ASP E 133 -11.91 9.48 -6.55
CA ASP E 133 -10.91 9.24 -7.57
C ASP E 133 -11.18 7.91 -8.24
N PHE E 134 -11.01 7.93 -9.55
CA PHE E 134 -11.19 6.76 -10.40
C PHE E 134 -10.09 5.69 -10.38
N SER E 135 -9.09 5.64 -9.49
CA SER E 135 -8.26 4.47 -9.72
C SER E 135 -8.70 3.24 -8.98
N SER E 136 -9.54 3.33 -7.96
CA SER E 136 -10.20 2.08 -7.60
C SER E 136 -11.33 1.85 -8.60
N GLU E 137 -12.01 0.73 -8.49
CA GLU E 137 -13.15 0.55 -9.37
C GLU E 137 -14.43 1.04 -8.71
N VAL E 138 -14.38 1.72 -7.56
CA VAL E 138 -15.60 1.74 -6.76
C VAL E 138 -16.43 3.01 -6.98
N PRO E 139 -16.03 3.96 -7.84
CA PRO E 139 -16.94 5.09 -8.07
C PRO E 139 -18.22 4.58 -8.69
N LEU E 140 -18.09 3.65 -9.63
CA LEU E 140 -19.24 3.12 -10.34
C LEU E 140 -20.04 2.15 -9.47
N LEU E 141 -19.37 1.34 -8.65
CA LEU E 141 -20.12 0.47 -7.75
C LEU E 141 -20.88 1.32 -6.73
N PHE E 142 -20.24 2.41 -6.29
CA PHE E 142 -20.88 3.42 -5.44
C PHE E 142 -22.24 3.80 -6.05
N ASP E 143 -22.26 4.04 -7.37
CA ASP E 143 -23.51 4.43 -8.02
C ASP E 143 -24.52 3.27 -7.99
N GLU E 144 -24.08 2.04 -8.29
CA GLU E 144 -25.02 0.92 -8.33
C GLU E 144 -25.70 0.71 -6.99
N ILE E 145 -24.94 0.82 -5.90
CA ILE E 145 -25.55 0.68 -4.57
C ILE E 145 -26.51 1.82 -4.30
N CYS E 146 -26.12 3.03 -4.66
CA CYS E 146 -27.00 4.16 -4.44
C CYS E 146 -28.28 4.03 -5.25
N GLN E 147 -28.17 3.60 -6.50
CA GLN E 147 -29.36 3.36 -7.32
C GLN E 147 -30.28 2.34 -6.66
N LYS E 148 -29.73 1.22 -6.21
CA LYS E 148 -30.51 0.21 -5.51
C LYS E 148 -31.27 0.80 -4.33
N MET E 149 -30.73 1.83 -3.70
CA MET E 149 -31.31 2.38 -2.49
C MET E 149 -32.13 3.65 -2.71
N ASP E 150 -32.40 4.02 -3.97
CA ASP E 150 -33.18 5.24 -4.27
C ASP E 150 -32.50 6.50 -3.72
N ILE E 151 -31.18 6.55 -3.82
CA ILE E 151 -30.32 7.67 -3.46
C ILE E 151 -29.77 8.29 -4.76
N PRO E 152 -30.18 9.49 -5.15
CA PRO E 152 -29.54 10.13 -6.31
C PRO E 152 -28.09 10.48 -5.99
N VAL E 153 -27.24 10.42 -7.02
CA VAL E 153 -25.80 10.59 -6.88
C VAL E 153 -25.35 11.78 -7.72
N LEU E 154 -24.73 12.76 -7.08
CA LEU E 154 -24.13 13.89 -7.78
C LEU E 154 -22.69 13.54 -8.15
N HIS E 155 -22.32 13.78 -9.40
CA HIS E 155 -20.93 13.66 -9.85
C HIS E 155 -20.38 15.03 -10.19
N PRO E 156 -19.64 15.68 -9.30
CA PRO E 156 -19.03 16.97 -9.65
C PRO E 156 -17.67 16.79 -10.28
N TYR E 157 -17.38 17.59 -11.30
CA TYR E 157 -16.09 17.58 -11.98
C TYR E 157 -15.56 19.00 -12.15
N ASN E 158 -14.24 19.13 -12.06
CA ASN E 158 -13.54 20.41 -12.18
C ASN E 158 -12.90 20.48 -13.57
N LEU E 159 -13.55 21.18 -14.48
CA LEU E 159 -13.01 21.33 -15.82
C LEU E 159 -12.21 22.61 -15.96
N GLY E 160 -11.52 22.99 -14.89
CA GLY E 160 -10.71 24.19 -14.92
C GLY E 160 -11.56 25.43 -14.95
N TRP E 161 -11.91 25.94 -16.14
CA TRP E 161 -12.78 27.10 -16.24
C TRP E 161 -14.25 26.77 -15.97
N GLY E 162 -14.63 25.51 -16.06
CA GLY E 162 -16.03 25.14 -15.94
C GLY E 162 -16.32 24.22 -14.77
N GLY E 163 -17.55 24.25 -14.29
CA GLY E 163 -18.05 23.25 -13.35
C GLY E 163 -19.10 22.37 -14.04
N LEU E 164 -18.98 21.08 -13.80
CA LEU E 164 -19.86 20.08 -14.39
C LEU E 164 -20.43 19.24 -13.28
N VAL E 165 -21.75 19.10 -13.25
CA VAL E 165 -22.42 18.15 -12.36
C VAL E 165 -23.38 17.34 -13.19
N THR E 166 -23.37 16.04 -12.95
CA THR E 166 -24.35 15.11 -13.47
C THR E 166 -24.95 14.31 -12.33
N ILE E 167 -26.24 14.03 -12.42
CA ILE E 167 -26.98 13.32 -11.38
C ILE E 167 -27.39 11.96 -11.92
N ILE E 168 -26.95 10.91 -11.23
CA ILE E 168 -27.36 9.53 -11.52
C ILE E 168 -28.64 9.31 -10.74
N SER E 169 -29.75 9.14 -11.46
CA SER E 169 -30.95 8.96 -10.67
C SER E 169 -31.23 7.47 -10.47
N PRO E 170 -31.89 7.09 -9.37
CA PRO E 170 -32.07 5.66 -9.09
C PRO E 170 -32.65 4.86 -10.24
N LYS E 171 -33.65 5.38 -10.92
CA LYS E 171 -34.32 4.65 -11.98
C LYS E 171 -33.80 5.01 -13.38
N GLY E 172 -32.68 5.73 -13.46
CA GLY E 172 -32.15 6.23 -14.71
C GLY E 172 -30.81 5.62 -15.06
N LEU E 173 -30.22 6.13 -16.14
CA LEU E 173 -28.92 5.61 -16.58
C LEU E 173 -27.84 5.89 -15.56
N SER E 174 -26.88 4.97 -15.51
CA SER E 174 -25.65 5.03 -14.75
C SER E 174 -24.48 5.43 -15.65
N LEU E 175 -23.34 5.76 -15.01
CA LEU E 175 -22.16 6.13 -15.77
C LEU E 175 -21.67 5.01 -16.67
N ASN E 176 -22.06 3.78 -16.36
CA ASN E 176 -21.68 2.62 -17.16
C ASN E 176 -21.98 2.82 -18.63
N SER E 177 -23.03 3.57 -18.96
CA SER E 177 -23.43 3.75 -20.34
C SER E 177 -22.31 4.30 -21.20
N ILE E 178 -21.34 4.99 -20.60
CA ILE E 178 -20.24 5.61 -21.35
C ILE E 178 -18.95 4.86 -21.13
N ALA E 179 -19.00 3.70 -20.48
CA ALA E 179 -17.79 2.92 -20.31
C ALA E 179 -17.42 2.28 -21.64
N LYS E 180 -16.15 2.26 -21.93
CA LYS E 180 -15.74 1.67 -23.17
C LYS E 180 -15.35 0.21 -23.00
N LYS E 181 -15.74 -0.61 -23.99
CA LYS E 181 -15.46 -2.04 -23.90
C LYS E 181 -13.96 -2.29 -23.82
N GLY E 182 -13.54 -3.01 -22.79
CA GLY E 182 -12.16 -3.42 -22.67
C GLY E 182 -11.20 -2.39 -22.13
N GLU E 183 -11.58 -1.14 -21.95
CA GLU E 183 -10.58 -0.24 -21.42
C GLU E 183 -11.09 0.38 -20.12
N LYS E 184 -10.14 0.81 -19.29
CA LYS E 184 -10.51 1.32 -17.98
C LYS E 184 -11.18 2.68 -18.08
N PHE E 185 -11.96 2.98 -17.07
CA PHE E 185 -12.88 4.10 -17.05
C PHE E 185 -12.44 5.09 -15.99
N ASN E 186 -12.25 6.34 -16.40
CA ASN E 186 -11.90 7.41 -15.48
C ASN E 186 -12.70 8.65 -15.84
N GLU E 187 -12.29 9.78 -15.25
CA GLU E 187 -13.01 11.03 -15.42
C GLU E 187 -12.92 11.53 -16.86
N LEU E 188 -11.85 11.16 -17.55
CA LEU E 188 -11.67 11.58 -18.93
C LEU E 188 -12.79 11.03 -19.82
N ASN E 189 -13.35 9.85 -19.51
CA ASN E 189 -14.49 9.34 -20.31
C ASN E 189 -15.70 10.23 -20.15
N VAL E 190 -15.93 10.76 -18.93
CA VAL E 190 -17.07 11.64 -18.71
C VAL E 190 -16.87 12.94 -19.48
N VAL E 191 -15.69 13.54 -19.36
CA VAL E 191 -15.43 14.84 -19.96
C VAL E 191 -15.44 14.73 -21.48
N GLU E 192 -14.92 13.61 -22.01
CA GLU E 192 -15.00 13.41 -23.45
C GLU E 192 -16.44 13.25 -23.91
N TYR E 193 -17.29 12.62 -23.07
CA TYR E 193 -18.72 12.51 -23.38
C TYR E 193 -19.42 13.86 -23.34
N VAL E 194 -19.14 14.65 -22.32
CA VAL E 194 -19.75 15.98 -22.19
C VAL E 194 -19.32 16.83 -23.37
N SER E 195 -18.03 16.77 -23.71
CA SER E 195 -17.54 17.49 -24.88
C SER E 195 -18.30 17.11 -26.14
N SER E 196 -18.53 15.81 -26.34
CA SER E 196 -19.29 15.34 -27.50
C SER E 196 -20.75 15.76 -27.47
N TYR E 197 -21.40 15.69 -26.30
CA TYR E 197 -22.81 16.08 -26.25
C TYR E 197 -22.98 17.55 -26.64
N MET E 198 -22.14 18.43 -26.08
CA MET E 198 -22.19 19.84 -26.42
C MET E 198 -21.99 20.09 -27.90
N ARG E 199 -20.97 19.45 -28.50
CA ARG E 199 -20.72 19.66 -29.92
C ARG E 199 -21.88 19.12 -30.76
N PHE E 200 -22.42 17.97 -30.37
CA PHE E 200 -23.56 17.40 -31.07
C PHE E 200 -24.72 18.41 -31.14
N TRP E 201 -24.89 19.21 -30.09
CA TRP E 201 -25.98 20.17 -29.99
C TRP E 201 -25.65 21.55 -30.55
N GLY E 202 -24.57 21.67 -31.31
CA GLY E 202 -24.24 22.90 -31.97
C GLY E 202 -23.63 23.96 -31.09
N LYS E 203 -23.34 23.64 -29.83
CA LYS E 203 -22.66 24.55 -28.92
C LYS E 203 -21.36 23.94 -28.38
N PRO E 204 -20.42 23.60 -29.25
CA PRO E 204 -19.17 22.98 -28.80
C PRO E 204 -18.43 23.88 -27.83
N GLN E 205 -17.84 23.27 -26.82
CA GLN E 205 -17.02 23.96 -25.84
C GLN E 205 -15.57 23.75 -26.27
N GLU E 206 -15.09 24.66 -27.14
CA GLU E 206 -13.77 24.51 -27.76
C GLU E 206 -12.64 24.64 -26.75
N TRP E 207 -12.83 25.46 -25.71
CA TRP E 207 -11.85 25.48 -24.62
C TRP E 207 -11.71 24.09 -23.98
N LEU E 208 -12.83 23.42 -23.77
CA LEU E 208 -12.82 22.08 -23.16
C LEU E 208 -12.19 21.06 -24.09
N GLU E 209 -12.49 21.15 -25.39
CA GLU E 209 -11.87 20.26 -26.35
C GLU E 209 -10.35 20.44 -26.36
N ASP E 210 -9.89 21.67 -26.16
CA ASP E 210 -8.46 21.96 -26.16
C ASP E 210 -7.76 21.30 -24.98
N ILE E 211 -8.32 21.41 -23.77
CA ILE E 211 -7.64 20.89 -22.59
C ILE E 211 -7.60 19.37 -22.60
N ILE E 212 -8.64 18.73 -23.14
CA ILE E 212 -8.61 17.28 -23.30
C ILE E 212 -7.45 16.87 -24.19
N TYR E 213 -7.30 17.56 -25.31
CA TYR E 213 -6.20 17.27 -26.24
C TYR E 213 -4.84 17.44 -25.56
N LYS E 214 -4.63 18.59 -24.90
CA LYS E 214 -3.35 18.78 -24.21
C LYS E 214 -3.13 17.69 -23.17
N PHE E 215 -4.19 17.35 -22.43
CA PHE E 215 -4.04 16.38 -21.34
C PHE E 215 -3.67 15.00 -21.88
N LYS E 216 -4.33 14.56 -22.95
CA LYS E 216 -3.99 13.27 -23.53
C LYS E 216 -2.59 13.27 -24.11
N ASN E 217 -2.22 14.33 -24.85
CA ASN E 217 -0.90 14.33 -25.44
C ASN E 217 0.18 14.75 -24.48
N GLU E 218 -0.08 14.75 -23.18
CA GLU E 218 0.99 15.00 -22.24
C GLU E 218 1.89 13.77 -22.26
N ARG E 219 3.20 13.99 -22.35
CA ARG E 219 4.16 12.88 -22.38
C ARG E 219 4.10 12.06 -21.09
N GLU E 220 4.30 12.69 -19.94
CA GLU E 220 4.25 11.97 -18.69
C GLU E 220 2.80 11.72 -18.31
N LYS E 221 2.58 10.66 -17.54
CA LYS E 221 1.27 10.31 -17.02
C LYS E 221 1.09 10.95 -15.64
N LEU E 222 0.26 11.99 -15.58
CA LEU E 222 0.04 12.76 -14.36
C LEU E 222 -1.46 12.88 -14.12
N SER E 223 -1.82 13.36 -12.92
CA SER E 223 -3.21 13.64 -12.62
C SER E 223 -3.74 14.85 -13.40
N PRO E 224 -5.04 14.89 -13.65
CA PRO E 224 -5.63 15.99 -14.41
C PRO E 224 -5.47 17.32 -13.69
N PRO E 225 -5.24 18.39 -14.46
CA PRO E 225 -5.23 19.72 -13.87
C PRO E 225 -6.61 20.15 -13.43
N GLN E 226 -6.64 21.03 -12.44
CA GLN E 226 -7.87 21.65 -11.98
C GLN E 226 -7.54 23.05 -11.53
N LEU E 227 -8.51 23.96 -11.61
CA LEU E 227 -8.29 25.37 -11.27
C LEU E 227 -9.30 25.72 -10.18
N SER E 228 -9.00 26.75 -9.39
CA SER E 228 -9.97 27.14 -8.36
C SER E 228 -11.31 27.58 -8.94
N VAL E 229 -11.34 28.12 -10.17
CA VAL E 229 -12.59 28.59 -10.76
C VAL E 229 -13.62 27.47 -10.81
N GLY E 230 -13.25 26.34 -11.38
CA GLY E 230 -14.19 25.23 -11.52
C GLY E 230 -14.62 24.66 -10.17
N SER E 231 -13.69 24.59 -9.22
CA SER E 231 -14.07 24.08 -7.91
C SER E 231 -15.14 24.96 -7.29
N TRP E 232 -14.91 26.27 -7.28
CA TRP E 232 -15.88 27.18 -6.67
C TRP E 232 -17.19 27.20 -7.43
N VAL E 233 -17.15 27.19 -8.77
CA VAL E 233 -18.38 27.15 -9.55
C VAL E 233 -19.11 25.84 -9.30
N VAL E 234 -18.38 24.73 -9.34
CA VAL E 234 -19.06 23.45 -9.18
C VAL E 234 -19.56 23.33 -7.75
N ALA E 235 -18.87 23.96 -6.80
CA ALA E 235 -19.35 23.96 -5.43
C ALA E 235 -20.72 24.64 -5.35
N GLY E 236 -20.87 25.75 -6.05
CA GLY E 236 -22.16 26.42 -6.09
C GLY E 236 -23.22 25.59 -6.78
N MET E 237 -22.87 24.97 -7.91
CA MET E 237 -23.81 24.11 -8.62
C MET E 237 -24.32 22.97 -7.73
N CYS E 238 -23.42 22.27 -7.03
CA CYS E 238 -23.85 21.16 -6.20
C CYS E 238 -24.79 21.64 -5.11
N THR E 239 -24.50 22.78 -4.49
CA THR E 239 -25.38 23.24 -3.42
C THR E 239 -26.77 23.54 -3.96
N HIS E 240 -26.86 24.14 -5.15
CA HIS E 240 -28.18 24.35 -5.74
C HIS E 240 -28.88 23.02 -5.98
N ILE E 241 -28.15 22.06 -6.56
CA ILE E 241 -28.74 20.75 -6.84
C ILE E 241 -29.20 20.07 -5.57
N LEU E 242 -28.37 20.13 -4.51
CA LEU E 242 -28.77 19.52 -3.25
C LEU E 242 -30.10 20.12 -2.77
N PHE E 243 -30.23 21.44 -2.88
CA PHE E 243 -31.47 22.09 -2.48
C PHE E 243 -32.66 21.60 -3.30
N ASN E 244 -32.47 21.45 -4.62
CA ASN E 244 -33.58 20.97 -5.44
C ASN E 244 -33.97 19.54 -5.09
N ILE E 245 -32.98 18.68 -4.86
CA ILE E 245 -33.28 17.29 -4.51
C ILE E 245 -33.99 17.23 -3.16
N ALA E 246 -33.51 18.00 -2.19
CA ALA E 246 -34.09 17.91 -0.86
C ALA E 246 -35.52 18.41 -0.85
N THR E 247 -35.81 19.47 -1.61
CA THR E 247 -37.15 20.01 -1.69
C THR E 247 -37.94 19.45 -2.86
N GLN E 248 -37.39 18.47 -3.59
CA GLN E 248 -38.09 17.79 -4.67
C GLN E 248 -38.48 18.73 -5.82
N ARG E 249 -37.58 19.65 -6.19
CA ARG E 249 -37.77 20.41 -7.40
C ARG E 249 -37.08 19.65 -8.53
N GLU E 250 -37.58 19.82 -9.75
CA GLU E 250 -37.08 19.00 -10.85
C GLU E 250 -35.59 19.17 -11.06
N ILE E 251 -34.92 18.09 -11.49
CA ILE E 251 -33.51 18.11 -11.87
C ILE E 251 -33.31 17.30 -13.14
N LYS E 252 -32.18 17.55 -13.79
CA LYS E 252 -31.71 16.74 -14.90
C LYS E 252 -30.89 15.57 -14.37
N SER E 253 -31.23 14.37 -14.84
CA SER E 253 -30.47 13.17 -14.52
C SER E 253 -29.62 12.80 -15.72
N PHE E 254 -28.51 12.13 -15.46
CA PHE E 254 -27.73 11.58 -16.56
C PHE E 254 -28.65 10.75 -17.46
N PRO E 255 -28.52 10.83 -18.80
CA PRO E 255 -27.46 11.40 -19.63
C PRO E 255 -27.41 12.92 -19.70
N GLU E 256 -28.34 13.59 -19.04
CA GLU E 256 -28.24 15.04 -18.95
C GLU E 256 -27.36 15.47 -17.78
N PHE E 257 -26.86 16.69 -17.88
CA PHE E 257 -25.91 17.23 -16.92
C PHE E 257 -26.05 18.74 -16.87
N TYR E 258 -25.37 19.33 -15.90
CA TYR E 258 -25.32 20.78 -15.75
C TYR E 258 -23.89 21.24 -16.01
N LEU E 259 -23.74 22.20 -16.91
CA LEU E 259 -22.43 22.75 -17.25
C LEU E 259 -22.49 24.27 -17.06
N SER E 260 -21.57 24.79 -16.26
CA SER E 260 -21.56 26.18 -15.88
C SER E 260 -20.15 26.69 -16.08
N SER E 261 -20.04 27.81 -16.78
CA SER E 261 -18.74 28.36 -17.11
C SER E 261 -18.93 29.84 -17.38
N LEU E 262 -17.81 30.56 -17.44
CA LEU E 262 -17.89 31.99 -17.70
C LEU E 262 -18.70 32.29 -18.97
N GLU E 263 -18.56 31.42 -19.98
CA GLU E 263 -19.37 31.47 -21.20
C GLU E 263 -20.60 30.56 -21.10
N GLY E 264 -21.51 30.89 -20.19
CA GLY E 264 -22.68 30.05 -19.97
C GLY E 264 -23.12 29.72 -18.54
N LYS F 16 5.14 27.14 -8.41
CA LYS F 16 5.45 26.57 -7.11
C LYS F 16 4.73 25.24 -6.98
N HIS F 17 5.16 24.39 -6.04
CA HIS F 17 4.46 23.13 -5.83
C HIS F 17 2.99 23.34 -5.44
N ARG F 18 2.67 24.51 -4.87
CA ARG F 18 1.29 24.87 -4.57
C ARG F 18 0.44 25.05 -5.83
N TYR F 19 1.02 25.59 -6.89
CA TYR F 19 0.34 25.79 -8.15
C TYR F 19 0.65 24.69 -9.15
N SER F 20 1.06 23.52 -8.67
CA SER F 20 1.43 22.39 -9.53
C SER F 20 0.27 21.94 -10.42
N ARG F 21 -0.92 21.77 -9.84
CA ARG F 21 -2.07 21.28 -10.59
C ARG F 21 -2.75 22.34 -11.47
N ASN F 22 -2.19 23.55 -11.57
CA ASN F 22 -2.64 24.63 -12.46
C ASN F 22 -2.15 24.48 -13.90
N ARG F 23 -1.34 23.46 -14.18
CA ARG F 23 -0.66 23.30 -15.46
C ARG F 23 -1.63 23.08 -16.61
N LEU F 24 -1.11 23.21 -17.84
CA LEU F 24 -1.87 23.14 -19.09
C LEU F 24 -2.83 24.31 -19.25
N TYR F 25 -3.65 24.58 -18.24
CA TYR F 25 -4.49 25.78 -18.27
C TYR F 25 -3.63 27.04 -18.29
N LEU F 26 -2.56 27.04 -17.49
CA LEU F 26 -1.62 28.15 -17.41
C LEU F 26 -0.22 27.64 -17.69
N ASN F 27 0.54 28.44 -18.43
CA ASN F 27 1.96 28.17 -18.59
C ASN F 27 2.72 28.89 -17.49
N PRO F 28 4.00 28.55 -17.30
CA PRO F 28 4.74 29.18 -16.19
C PRO F 28 4.76 30.69 -16.24
N LYS F 29 4.80 31.29 -17.43
CA LYS F 29 4.90 32.75 -17.50
C LYS F 29 3.62 33.45 -17.06
N GLU F 30 2.43 32.87 -17.29
CA GLU F 30 1.20 33.47 -16.80
C GLU F 30 1.10 33.36 -15.29
N GLN F 31 1.51 32.20 -14.75
CA GLN F 31 1.53 31.99 -13.31
C GLN F 31 2.44 33.01 -12.65
N GLU F 32 3.58 33.30 -13.28
CA GLU F 32 4.50 34.33 -12.80
C GLU F 32 3.88 35.73 -12.83
N LEU F 33 3.15 36.04 -13.90
CA LEU F 33 2.59 37.39 -14.07
C LEU F 33 1.61 37.74 -12.95
N ILE F 34 0.70 36.82 -12.63
CA ILE F 34 -0.34 37.07 -11.63
C ILE F 34 0.23 37.12 -10.21
N LYS F 35 1.43 36.58 -9.96
CA LYS F 35 1.98 36.64 -8.62
C LYS F 35 2.04 38.07 -8.10
N ASP F 36 2.48 38.99 -8.94
CA ASP F 36 2.64 40.38 -8.53
C ASP F 36 1.59 41.31 -9.10
N TYR F 37 0.68 40.80 -9.91
CA TYR F 37 -0.37 41.63 -10.48
C TYR F 37 -1.23 42.34 -9.45
N PRO F 38 -1.12 43.67 -9.33
CA PRO F 38 -1.78 44.38 -8.23
C PRO F 38 -3.28 44.49 -8.46
N ILE F 39 -4.04 43.85 -7.57
CA ILE F 39 -5.50 43.86 -7.59
C ILE F 39 -5.98 44.71 -6.42
N LEU F 40 -6.96 45.56 -6.66
CA LEU F 40 -7.65 46.27 -5.58
C LEU F 40 -9.05 45.68 -5.40
N LEU F 41 -9.38 45.30 -4.17
CA LEU F 41 -10.66 44.71 -3.85
C LEU F 41 -11.38 45.66 -2.91
N GLY F 42 -12.44 46.28 -3.41
CA GLY F 42 -13.27 47.16 -2.61
C GLY F 42 -14.53 46.50 -2.09
N GLY F 43 -14.56 46.15 -0.80
CA GLY F 43 -15.69 45.47 -0.23
C GLY F 43 -15.38 44.02 0.04
N ALA F 44 -15.27 43.66 1.32
CA ALA F 44 -14.87 42.32 1.73
C ALA F 44 -16.06 41.44 2.09
N GLY F 45 -17.22 41.67 1.48
CA GLY F 45 -18.36 40.81 1.74
C GLY F 45 -18.41 39.67 0.75
N ILE F 46 -19.18 39.83 -0.32
CA ILE F 46 -19.08 38.90 -1.45
C ILE F 46 -17.63 38.78 -1.91
N GLY F 47 -16.85 39.86 -1.75
CA GLY F 47 -15.45 39.86 -2.13
C GLY F 47 -14.56 38.99 -1.25
N SER F 48 -15.02 38.61 -0.06
CA SER F 48 -14.18 37.76 0.77
C SER F 48 -14.09 36.36 0.17
N ILE F 49 -15.16 35.89 -0.47
CA ILE F 49 -15.13 34.65 -1.24
C ILE F 49 -14.25 34.81 -2.48
N ILE F 50 -14.39 35.94 -3.18
CA ILE F 50 -13.63 36.23 -4.38
C ILE F 50 -12.13 36.22 -4.09
N ALA F 51 -11.73 36.82 -2.96
CA ALA F 51 -10.31 36.92 -2.65
C ALA F 51 -9.67 35.54 -2.51
N GLU F 52 -10.34 34.63 -1.80
CA GLU F 52 -9.78 33.29 -1.62
C GLU F 52 -9.69 32.53 -2.93
N CYS F 53 -10.77 32.55 -3.72
CA CYS F 53 -10.73 31.83 -4.98
C CYS F 53 -9.62 32.37 -5.88
N ALA F 54 -9.46 33.69 -5.89
CA ALA F 54 -8.40 34.31 -6.69
C ALA F 54 -7.02 34.02 -6.12
N LEU F 55 -6.88 34.01 -4.79
CA LEU F 55 -5.59 33.74 -4.15
C LEU F 55 -5.10 32.33 -4.46
N ARG F 56 -5.97 31.34 -4.28
CA ARG F 56 -5.58 29.97 -4.56
C ARG F 56 -5.23 29.79 -6.03
N PHE F 57 -5.90 30.53 -6.90
CA PHE F 57 -5.55 30.51 -8.32
C PHE F 57 -4.13 31.00 -8.57
N GLY F 58 -3.65 31.98 -7.80
CA GLY F 58 -2.28 32.40 -7.99
C GLY F 58 -2.07 33.91 -7.95
N PHE F 59 -3.16 34.65 -7.80
CA PHE F 59 -3.09 36.10 -7.63
C PHE F 59 -2.67 36.38 -6.20
N GLU F 60 -1.41 36.75 -5.98
CA GLU F 60 -0.86 36.87 -4.63
C GLU F 60 -0.71 38.31 -4.19
N ASN F 61 -1.14 39.28 -4.99
CA ASN F 61 -0.98 40.71 -4.67
C ASN F 61 -2.38 41.32 -4.62
N ILE F 62 -2.98 41.33 -3.44
CA ILE F 62 -4.37 41.73 -3.26
C ILE F 62 -4.46 42.76 -2.16
N THR F 63 -5.10 43.89 -2.44
CA THR F 63 -5.40 44.92 -1.47
C THR F 63 -6.88 44.83 -1.10
N ILE F 64 -7.21 44.78 0.20
CA ILE F 64 -8.59 44.66 0.63
C ILE F 64 -8.92 45.83 1.53
N VAL F 65 -10.01 46.53 1.21
CA VAL F 65 -10.47 47.67 2.00
C VAL F 65 -11.93 47.47 2.39
N ASP F 66 -12.21 47.58 3.69
CA ASP F 66 -13.57 47.49 4.22
C ASP F 66 -13.53 48.00 5.64
N GLY F 67 -14.58 48.73 6.05
CA GLY F 67 -14.61 49.20 7.43
C GLY F 67 -15.56 48.49 8.35
N ASP F 68 -16.29 47.50 7.84
CA ASP F 68 -17.30 46.82 8.64
C ASP F 68 -16.68 45.75 9.51
N HIS F 69 -17.45 45.33 10.49
CA HIS F 69 -17.13 44.13 11.24
C HIS F 69 -18.05 42.98 10.85
N VAL F 70 -17.62 41.77 11.22
CA VAL F 70 -18.35 40.56 10.85
C VAL F 70 -19.58 40.41 11.72
N GLU F 71 -20.71 40.18 11.08
CA GLU F 71 -21.95 39.92 11.78
C GLU F 71 -22.39 38.49 11.49
N ASN F 72 -23.22 37.95 12.37
CA ASN F 72 -23.72 36.58 12.25
C ASN F 72 -24.41 36.34 10.91
N SER F 73 -25.20 37.30 10.44
CA SER F 73 -25.97 37.10 9.22
C SER F 73 -25.11 36.90 7.98
N ASN F 74 -23.80 37.18 8.07
CA ASN F 74 -22.89 37.00 6.94
C ASN F 74 -22.56 35.54 6.66
N LEU F 75 -22.68 34.66 7.66
CA LEU F 75 -22.10 33.33 7.58
C LEU F 75 -22.76 32.47 6.51
N ASN F 76 -23.87 32.91 5.95
CA ASN F 76 -24.57 32.16 4.93
C ASN F 76 -23.96 32.35 3.54
N ARG F 77 -22.98 33.25 3.37
CA ARG F 77 -22.48 33.55 2.03
C ARG F 77 -21.10 34.19 1.96
N GLN F 78 -20.48 34.47 3.11
CA GLN F 78 -19.20 35.16 3.14
C GLN F 78 -18.13 34.32 3.84
N ASN F 79 -16.87 34.71 3.61
CA ASN F 79 -15.69 33.89 3.95
C ASN F 79 -15.20 34.11 5.39
N TYR F 80 -16.08 33.93 6.36
CA TYR F 80 -15.68 34.17 7.74
C TYR F 80 -16.20 33.04 8.62
N THR F 81 -15.59 32.90 9.79
CA THR F 81 -15.89 31.82 10.72
C THR F 81 -16.52 32.39 11.98
N GLU F 82 -16.99 31.49 12.84
CA GLU F 82 -17.57 31.93 14.11
C GLU F 82 -16.57 32.73 14.94
N GLY F 83 -15.29 32.35 14.89
CA GLY F 83 -14.30 33.10 15.65
C GLY F 83 -14.02 34.48 15.11
N ASP F 84 -14.35 34.73 13.83
CA ASP F 84 -14.13 36.04 13.23
C ASP F 84 -15.23 37.04 13.58
N VAL F 85 -16.37 36.59 14.09
CA VAL F 85 -17.54 37.44 14.28
C VAL F 85 -17.24 38.57 15.25
N SER F 86 -17.63 39.79 14.88
CA SER F 86 -17.48 41.09 15.55
C SER F 86 -16.11 41.71 15.33
N VAL F 87 -15.25 41.10 14.51
CA VAL F 87 -13.95 41.63 14.18
C VAL F 87 -14.09 42.30 12.82
N ASN F 88 -13.22 43.26 12.53
CA ASN F 88 -13.19 43.85 11.20
C ASN F 88 -13.10 42.77 10.13
N LYS F 89 -14.02 42.83 9.17
CA LYS F 89 -14.00 41.92 8.02
C LYS F 89 -12.61 41.87 7.41
N VAL F 90 -11.92 43.01 7.36
CA VAL F 90 -10.61 43.11 6.71
C VAL F 90 -9.57 42.35 7.51
N GLU F 91 -9.65 42.42 8.83
CA GLU F 91 -8.72 41.69 9.69
C GLU F 91 -8.94 40.18 9.59
N ALA F 92 -10.20 39.76 9.49
CA ALA F 92 -10.52 38.34 9.38
C ALA F 92 -10.10 37.74 8.04
N ILE F 93 -10.35 38.46 6.94
CA ILE F 93 -10.02 37.89 5.63
C ILE F 93 -8.51 37.83 5.41
N LYS F 94 -7.74 38.77 5.95
CA LYS F 94 -6.30 38.65 5.81
C LYS F 94 -5.78 37.46 6.61
N ALA F 95 -6.35 37.25 7.81
CA ALA F 95 -5.99 36.06 8.59
C ALA F 95 -6.31 34.78 7.82
N ARG F 96 -7.54 34.67 7.30
CA ARG F 96 -7.93 33.52 6.48
C ARG F 96 -7.02 33.37 5.25
N LEU F 97 -6.81 34.46 4.51
CA LEU F 97 -6.02 34.38 3.30
C LEU F 97 -4.56 34.03 3.58
N LYS F 98 -3.97 34.62 4.62
CA LYS F 98 -2.55 34.39 4.87
C LYS F 98 -2.27 33.02 5.47
N SER F 99 -3.26 32.38 6.08
CA SER F 99 -3.07 30.99 6.48
C SER F 99 -3.16 30.05 5.29
N ILE F 100 -3.81 30.48 4.20
CA ILE F 100 -3.77 29.73 2.95
C ILE F 100 -2.44 29.92 2.23
N ASN F 101 -1.88 31.14 2.26
CA ASN F 101 -0.63 31.45 1.54
C ASN F 101 0.13 32.46 2.39
N SER F 102 1.15 31.97 3.11
CA SER F 102 1.91 32.85 4.01
C SER F 102 2.71 33.92 3.25
N LYS F 103 3.22 33.59 2.06
CA LYS F 103 4.04 34.52 1.29
C LYS F 103 3.20 35.52 0.49
N ALA F 104 1.89 35.53 0.66
CA ALA F 104 1.04 36.43 -0.10
C ALA F 104 1.08 37.84 0.46
N ASN F 105 0.82 38.79 -0.44
CA ASN F 105 0.89 40.21 -0.16
C ASN F 105 -0.56 40.67 0.03
N ILE F 106 -1.07 40.49 1.24
CA ILE F 106 -2.45 40.82 1.56
C ILE F 106 -2.43 42.08 2.42
N LYS F 107 -2.76 43.23 1.81
CA LYS F 107 -2.74 44.55 2.46
C LYS F 107 -4.16 45.03 2.76
N ILE F 108 -4.45 45.31 4.03
CA ILE F 108 -5.79 45.69 4.42
C ILE F 108 -5.79 47.13 4.94
N HIS F 109 -6.96 47.74 4.89
CA HIS F 109 -7.21 49.10 5.39
C HIS F 109 -8.61 49.14 5.99
N ASN F 110 -8.70 49.31 7.31
CA ASN F 110 -9.99 49.33 8.02
C ASN F 110 -10.60 50.74 8.06
N CYS F 111 -11.10 51.16 6.91
CA CYS F 111 -11.75 52.46 6.79
C CYS F 111 -12.74 52.39 5.63
N PHE F 112 -13.79 53.20 5.71
CA PHE F 112 -14.69 53.36 4.59
C PHE F 112 -14.14 54.32 3.55
N LEU F 113 -14.54 54.08 2.31
CA LEU F 113 -14.14 54.91 1.19
C LEU F 113 -15.09 56.11 1.12
N THR F 114 -14.51 57.28 0.93
CA THR F 114 -15.24 58.54 0.84
C THR F 114 -14.81 59.25 -0.43
N SER F 115 -15.52 60.33 -0.76
CA SER F 115 -15.15 61.12 -1.94
C SER F 115 -13.71 61.61 -1.85
N ASP F 116 -13.22 61.86 -0.63
CA ASP F 116 -11.87 62.41 -0.46
C ASP F 116 -10.78 61.34 -0.49
N ASN F 117 -11.03 60.16 0.10
CA ASN F 117 -9.96 59.16 0.23
C ASN F 117 -9.96 58.12 -0.87
N VAL F 118 -11.01 58.07 -1.70
CA VAL F 118 -11.18 56.93 -2.61
C VAL F 118 -10.10 56.95 -3.68
N GLU F 119 -9.66 58.14 -4.07
CA GLU F 119 -8.63 58.27 -5.10
C GLU F 119 -7.28 57.78 -4.61
N GLU F 120 -6.93 58.11 -3.37
CA GLU F 120 -5.61 57.74 -2.85
C GLU F 120 -5.43 56.24 -2.69
N TYR F 121 -6.50 55.50 -2.33
CA TYR F 121 -6.40 54.05 -2.25
C TYR F 121 -6.29 53.38 -3.62
N ILE F 122 -7.05 53.87 -4.61
CA ILE F 122 -7.05 53.27 -5.94
C ILE F 122 -5.68 53.34 -6.61
N LYS F 123 -4.95 54.43 -6.38
CA LYS F 123 -3.64 54.63 -6.99
C LYS F 123 -2.73 53.42 -6.83
N GLY F 124 -2.17 52.95 -7.95
CA GLY F 124 -1.17 51.90 -7.95
C GLY F 124 -1.62 50.47 -8.28
N HIS F 125 -2.90 50.26 -8.57
CA HIS F 125 -3.40 48.92 -8.87
C HIS F 125 -3.68 48.82 -10.37
N LYS F 126 -3.58 47.60 -10.91
CA LYS F 126 -3.84 47.38 -12.32
C LYS F 126 -5.28 47.00 -12.62
N VAL F 127 -6.02 46.47 -11.64
CA VAL F 127 -7.41 46.06 -11.83
C VAL F 127 -8.12 46.19 -10.50
N ALA F 128 -9.42 46.47 -10.54
CA ALA F 128 -10.18 46.70 -9.33
C ALA F 128 -11.47 45.90 -9.34
N ILE F 129 -11.93 45.54 -8.14
CA ILE F 129 -13.20 44.84 -7.94
C ILE F 129 -14.05 45.74 -7.04
N ASN F 130 -15.17 46.19 -7.58
CA ASN F 130 -16.09 47.08 -6.87
C ASN F 130 -17.12 46.19 -6.21
N ALA F 131 -16.95 45.97 -4.92
CA ALA F 131 -17.94 45.26 -4.13
C ALA F 131 -18.44 46.17 -3.02
N LEU F 132 -18.70 47.44 -3.37
CA LEU F 132 -19.09 48.45 -2.39
C LEU F 132 -20.61 48.45 -2.36
N ASP F 133 -21.18 48.48 -1.15
CA ASP F 133 -22.63 48.60 -1.04
C ASP F 133 -23.15 49.82 -1.80
N PHE F 134 -24.24 49.62 -2.54
CA PHE F 134 -24.81 50.74 -3.27
C PHE F 134 -25.59 51.67 -2.36
N SER F 135 -25.56 51.39 -1.06
CA SER F 135 -26.18 52.22 -0.05
C SER F 135 -25.17 53.18 0.55
N SER F 136 -23.89 52.96 0.26
CA SER F 136 -22.90 53.97 0.58
C SER F 136 -23.11 55.15 -0.36
N GLU F 137 -22.36 56.21 -0.14
CA GLU F 137 -22.51 57.35 -1.04
C GLU F 137 -21.51 57.33 -2.21
N VAL F 138 -20.41 56.56 -2.09
CA VAL F 138 -19.26 56.60 -2.99
C VAL F 138 -19.14 55.45 -4.01
N PRO F 139 -20.15 54.60 -4.28
CA PRO F 139 -19.92 53.50 -5.25
C PRO F 139 -19.59 53.90 -6.68
N LEU F 140 -20.34 54.83 -7.26
CA LEU F 140 -20.15 55.26 -8.65
C LEU F 140 -18.91 56.14 -8.81
N LEU F 141 -18.53 56.89 -7.78
CA LEU F 141 -17.30 57.66 -7.86
C LEU F 141 -16.08 56.75 -7.97
N PHE F 142 -16.10 55.63 -7.24
CA PHE F 142 -15.04 54.62 -7.37
C PHE F 142 -14.77 54.28 -8.83
N ASP F 143 -15.83 54.00 -9.61
CA ASP F 143 -15.65 53.62 -11.01
C ASP F 143 -15.13 54.78 -11.85
N GLU F 144 -15.69 55.97 -11.64
CA GLU F 144 -15.28 57.13 -12.43
C GLU F 144 -13.79 57.41 -12.28
N ILE F 145 -13.26 57.29 -11.07
CA ILE F 145 -11.84 57.49 -10.86
C ILE F 145 -11.01 56.40 -11.55
N CYS F 146 -11.49 55.16 -11.49
CA CYS F 146 -10.81 54.05 -12.13
C CYS F 146 -10.78 54.13 -13.65
N GLN F 147 -11.89 54.53 -14.28
CA GLN F 147 -11.86 54.67 -15.74
C GLN F 147 -10.81 55.65 -16.21
N LYS F 148 -10.76 56.85 -15.61
CA LYS F 148 -9.77 57.85 -15.99
C LYS F 148 -8.35 57.29 -15.92
N MET F 149 -8.12 56.27 -15.05
CA MET F 149 -6.77 55.77 -14.79
C MET F 149 -6.45 54.48 -15.55
N ASP F 150 -7.32 54.05 -16.47
CA ASP F 150 -7.14 52.80 -17.25
C ASP F 150 -7.07 51.57 -16.36
N ILE F 151 -7.87 51.57 -15.30
CA ILE F 151 -8.01 50.45 -14.39
C ILE F 151 -9.41 49.87 -14.61
N PRO F 152 -9.53 48.67 -15.19
CA PRO F 152 -10.85 48.04 -15.29
C PRO F 152 -11.42 47.66 -13.93
N VAL F 153 -12.75 47.68 -13.85
CA VAL F 153 -13.49 47.48 -12.62
C VAL F 153 -14.43 46.29 -12.79
N LEU F 154 -14.29 45.29 -11.92
CA LEU F 154 -15.24 44.17 -11.85
C LEU F 154 -16.37 44.52 -10.89
N HIS F 155 -17.62 44.36 -11.35
CA HIS F 155 -18.78 44.49 -10.49
C HIS F 155 -19.44 43.12 -10.30
N PRO F 156 -19.15 42.43 -9.20
CA PRO F 156 -19.78 41.14 -8.91
C PRO F 156 -21.08 41.28 -8.13
N TYR F 157 -22.07 40.45 -8.49
CA TYR F 157 -23.36 40.47 -7.81
C TYR F 157 -23.78 39.05 -7.42
N ASN F 158 -24.47 38.97 -6.29
CA ASN F 158 -24.96 37.71 -5.74
C ASN F 158 -26.44 37.62 -6.04
N LEU F 159 -26.79 36.91 -7.10
CA LEU F 159 -28.20 36.76 -7.50
C LEU F 159 -28.81 35.48 -6.96
N GLY F 160 -28.45 35.10 -5.75
CA GLY F 160 -29.00 33.91 -5.15
C GLY F 160 -28.53 32.64 -5.83
N TRP F 161 -29.28 32.19 -6.85
CA TRP F 161 -28.84 31.03 -7.61
C TRP F 161 -27.75 31.34 -8.62
N GLY F 162 -27.56 32.61 -8.98
CA GLY F 162 -26.62 32.96 -10.01
C GLY F 162 -25.51 33.88 -9.55
N GLY F 163 -24.39 33.85 -10.27
CA GLY F 163 -23.34 34.85 -10.13
C GLY F 163 -23.29 35.74 -11.37
N LEU F 164 -23.22 37.04 -11.13
CA LEU F 164 -23.17 38.03 -12.20
C LEU F 164 -21.96 38.92 -12.02
N VAL F 165 -21.18 39.08 -13.08
CA VAL F 165 -20.07 40.03 -13.14
C VAL F 165 -20.17 40.82 -14.44
N THR F 166 -19.98 42.13 -14.34
CA THR F 166 -19.81 43.00 -15.48
C THR F 166 -18.56 43.86 -15.29
N ILE F 167 -17.84 44.12 -16.39
CA ILE F 167 -16.59 44.86 -16.33
C ILE F 167 -16.83 46.23 -16.97
N ILE F 168 -16.58 47.27 -16.18
CA ILE F 168 -16.55 48.63 -16.69
C ILE F 168 -15.15 48.83 -17.22
N SER F 169 -15.04 48.98 -18.50
CA SER F 169 -13.70 49.21 -19.02
C SER F 169 -13.42 50.71 -19.07
N PRO F 170 -12.14 51.10 -19.02
CA PRO F 170 -11.83 52.54 -18.97
C PRO F 170 -12.46 53.33 -20.09
N LYS F 171 -12.42 52.81 -21.31
CA LYS F 171 -12.90 53.46 -22.52
C LYS F 171 -14.33 53.08 -22.87
N GLY F 172 -15.07 52.49 -21.94
CA GLY F 172 -16.42 52.04 -22.19
C GLY F 172 -17.46 52.79 -21.38
N LEU F 173 -18.70 52.34 -21.53
CA LEU F 173 -19.84 52.93 -20.84
C LEU F 173 -19.67 52.75 -19.34
N SER F 174 -20.19 53.69 -18.58
CA SER F 174 -20.19 53.55 -17.12
C SER F 174 -21.52 52.97 -16.65
N LEU F 175 -21.55 52.56 -15.37
CA LEU F 175 -22.78 51.98 -14.82
C LEU F 175 -23.96 52.94 -14.80
N ASN F 176 -23.70 54.25 -14.83
CA ASN F 176 -24.80 55.21 -14.85
C ASN F 176 -25.79 54.94 -15.97
N SER F 177 -25.31 54.44 -17.12
CA SER F 177 -26.17 54.26 -18.29
C SER F 177 -27.43 53.45 -18.01
N ILE F 178 -27.44 52.64 -16.96
CA ILE F 178 -28.65 51.89 -16.64
C ILE F 178 -29.46 52.58 -15.57
N ALA F 179 -28.93 53.65 -14.96
CA ALA F 179 -29.65 54.44 -13.97
C ALA F 179 -30.63 55.40 -14.62
N LYS F 180 -31.76 55.62 -13.94
CA LYS F 180 -32.76 56.57 -14.42
C LYS F 180 -32.46 57.95 -13.84
N LYS F 181 -32.60 58.97 -14.68
CA LYS F 181 -32.27 60.33 -14.28
C LYS F 181 -33.07 60.78 -13.07
N GLY F 182 -32.38 61.41 -12.12
CA GLY F 182 -33.02 62.01 -10.97
C GLY F 182 -33.15 61.17 -9.74
N GLU F 183 -32.96 59.85 -9.85
CA GLU F 183 -33.11 58.98 -8.69
C GLU F 183 -31.82 58.22 -8.46
N LYS F 184 -31.60 57.83 -7.21
CA LYS F 184 -30.37 57.18 -6.81
C LYS F 184 -30.29 55.77 -7.38
N PHE F 185 -29.06 55.30 -7.50
CA PHE F 185 -28.73 54.09 -8.22
C PHE F 185 -28.27 53.03 -7.24
N ASN F 186 -28.90 51.86 -7.30
CA ASN F 186 -28.59 50.74 -6.43
C ASN F 186 -28.52 49.44 -7.23
N GLU F 187 -28.42 48.33 -6.50
CA GLU F 187 -28.24 47.02 -7.12
C GLU F 187 -29.47 46.52 -7.85
N LEU F 188 -30.66 46.93 -7.41
CA LEU F 188 -31.89 46.50 -8.07
C LEU F 188 -31.97 46.99 -9.52
N ASN F 189 -31.43 48.18 -9.83
CA ASN F 189 -31.38 48.61 -11.22
C ASN F 189 -30.49 47.68 -12.04
N VAL F 190 -29.38 47.24 -11.47
CA VAL F 190 -28.49 46.33 -12.18
C VAL F 190 -29.19 45.00 -12.45
N VAL F 191 -29.88 44.47 -11.44
CA VAL F 191 -30.48 43.16 -11.62
C VAL F 191 -31.65 43.25 -12.59
N GLU F 192 -32.43 44.34 -12.50
CA GLU F 192 -33.53 44.55 -13.44
C GLU F 192 -33.01 44.73 -14.86
N TYR F 193 -31.82 45.30 -15.00
CA TYR F 193 -31.22 45.39 -16.33
C TYR F 193 -30.86 44.00 -16.85
N VAL F 194 -30.24 43.17 -16.01
CA VAL F 194 -29.80 41.85 -16.46
C VAL F 194 -31.00 40.97 -16.82
N SER F 195 -32.05 40.96 -15.98
CA SER F 195 -33.22 40.16 -16.31
C SER F 195 -33.87 40.61 -17.61
N SER F 196 -34.05 41.92 -17.77
CA SER F 196 -34.63 42.48 -18.98
C SER F 196 -33.79 42.23 -20.22
N TYR F 197 -32.47 42.37 -20.09
CA TYR F 197 -31.55 42.11 -21.20
C TYR F 197 -31.63 40.66 -21.65
N MET F 198 -31.58 39.73 -20.69
CA MET F 198 -31.70 38.31 -21.01
C MET F 198 -33.01 37.98 -21.69
N ARG F 199 -34.12 38.51 -21.19
CA ARG F 199 -35.37 38.20 -21.86
C ARG F 199 -35.39 38.80 -23.25
N PHE F 200 -34.83 40.00 -23.41
CA PHE F 200 -34.80 40.61 -24.73
C PHE F 200 -34.11 39.69 -25.74
N TRP F 201 -33.06 38.99 -25.33
CA TRP F 201 -32.32 38.13 -26.24
C TRP F 201 -32.84 36.70 -26.26
N GLY F 202 -34.06 36.48 -25.77
CA GLY F 202 -34.66 35.18 -25.86
C GLY F 202 -34.17 34.19 -24.85
N LYS F 203 -33.36 34.62 -23.89
CA LYS F 203 -32.86 33.75 -22.83
C LYS F 203 -33.32 34.26 -21.46
N PRO F 204 -34.64 34.37 -21.25
CA PRO F 204 -35.13 34.86 -19.96
C PRO F 204 -34.69 34.01 -18.77
N GLN F 205 -34.33 34.69 -17.70
CA GLN F 205 -33.96 34.06 -16.43
C GLN F 205 -35.19 34.20 -15.55
N GLU F 206 -36.09 33.23 -15.66
CA GLU F 206 -37.36 33.31 -14.95
C GLU F 206 -37.16 33.19 -13.44
N TRP F 207 -36.15 32.44 -13.01
CA TRP F 207 -35.80 32.40 -11.60
C TRP F 207 -35.41 33.78 -11.10
N LEU F 208 -34.64 34.52 -11.89
CA LEU F 208 -34.20 35.86 -11.51
C LEU F 208 -35.36 36.84 -11.51
N GLU F 209 -36.23 36.75 -12.52
CA GLU F 209 -37.40 37.62 -12.57
C GLU F 209 -38.34 37.35 -11.39
N ASP F 210 -38.38 36.09 -10.92
CA ASP F 210 -39.23 35.70 -9.79
C ASP F 210 -38.77 36.37 -8.50
N ILE F 211 -37.47 36.35 -8.21
CA ILE F 211 -36.95 36.91 -6.96
C ILE F 211 -37.05 38.44 -6.96
N ILE F 212 -36.89 39.07 -8.13
CA ILE F 212 -37.08 40.51 -8.21
C ILE F 212 -38.50 40.88 -7.78
N TYR F 213 -39.48 40.14 -8.30
CA TYR F 213 -40.88 40.38 -7.96
C TYR F 213 -41.10 40.25 -6.46
N LYS F 214 -40.59 39.18 -5.87
CA LYS F 214 -40.71 38.99 -4.42
C LYS F 214 -40.07 40.13 -3.63
N PHE F 215 -38.88 40.56 -4.03
CA PHE F 215 -38.20 41.56 -3.21
C PHE F 215 -38.90 42.92 -3.20
N LYS F 216 -39.32 43.45 -4.35
CA LYS F 216 -40.00 44.75 -4.31
C LYS F 216 -41.33 44.68 -3.59
N ASN F 217 -42.08 43.60 -3.84
CA ASN F 217 -43.40 43.39 -3.27
C ASN F 217 -43.31 42.87 -1.84
N GLU F 218 -42.14 43.03 -1.26
CA GLU F 218 -41.91 42.82 0.16
C GLU F 218 -42.52 43.98 0.92
N ARG F 219 -43.24 43.67 1.99
CA ARG F 219 -43.83 44.75 2.76
C ARG F 219 -42.75 45.67 3.29
N GLU F 220 -41.85 45.16 4.12
CA GLU F 220 -40.76 46.00 4.55
C GLU F 220 -39.69 46.04 3.46
N LYS F 221 -39.02 47.18 3.32
CA LYS F 221 -37.95 47.30 2.33
C LYS F 221 -36.65 47.04 3.11
N LEU F 222 -36.01 45.92 2.80
CA LEU F 222 -34.84 45.36 3.45
C LEU F 222 -33.71 45.13 2.46
N SER F 223 -32.55 44.75 3.00
CA SER F 223 -31.40 44.45 2.17
C SER F 223 -31.70 43.22 1.31
N PRO F 224 -31.10 43.12 0.12
CA PRO F 224 -31.36 41.99 -0.77
C PRO F 224 -30.93 40.65 -0.18
N PRO F 225 -31.73 39.61 -0.41
CA PRO F 225 -31.30 38.26 -0.01
C PRO F 225 -30.17 37.81 -0.92
N GLN F 226 -29.30 36.96 -0.35
CA GLN F 226 -28.23 36.34 -1.11
C GLN F 226 -28.01 34.93 -0.61
N LEU F 227 -27.49 34.07 -1.48
CA LEU F 227 -27.28 32.66 -1.17
C LEU F 227 -25.80 32.33 -1.39
N SER F 228 -25.35 31.25 -0.74
CA SER F 228 -23.98 30.81 -0.98
C SER F 228 -23.76 30.38 -2.43
N VAL F 229 -24.80 29.88 -3.09
CA VAL F 229 -24.67 29.41 -4.46
C VAL F 229 -24.09 30.50 -5.35
N GLY F 230 -24.71 31.69 -5.33
CA GLY F 230 -24.22 32.77 -6.18
C GLY F 230 -22.85 33.29 -5.80
N SER F 231 -22.56 33.37 -4.51
CA SER F 231 -21.26 33.85 -4.06
C SER F 231 -20.15 32.95 -4.58
N TRP F 232 -20.31 31.63 -4.42
CA TRP F 232 -19.27 30.71 -4.89
C TRP F 232 -19.16 30.76 -6.41
N VAL F 233 -20.29 30.84 -7.11
CA VAL F 233 -20.25 30.95 -8.57
C VAL F 233 -19.59 32.26 -8.98
N VAL F 234 -19.97 33.36 -8.35
CA VAL F 234 -19.41 34.65 -8.77
C VAL F 234 -17.91 34.71 -8.46
N ALA F 235 -17.46 34.03 -7.40
CA ALA F 235 -16.04 34.01 -7.08
C ALA F 235 -15.24 33.32 -8.18
N GLY F 236 -15.75 32.22 -8.70
CA GLY F 236 -15.06 31.57 -9.80
C GLY F 236 -15.02 32.42 -11.05
N MET F 237 -16.14 33.06 -11.40
CA MET F 237 -16.12 33.95 -12.55
C MET F 237 -15.10 35.06 -12.39
N CYS F 238 -15.06 35.71 -11.23
CA CYS F 238 -14.14 36.83 -11.05
C CYS F 238 -12.69 36.39 -11.23
N THR F 239 -12.33 35.24 -10.68
CA THR F 239 -10.97 34.75 -10.89
C THR F 239 -10.69 34.51 -12.37
N HIS F 240 -11.66 33.95 -13.09
CA HIS F 240 -11.49 33.77 -14.53
C HIS F 240 -11.30 35.10 -15.24
N ILE F 241 -12.15 36.09 -14.92
CA ILE F 241 -12.04 37.39 -15.56
C ILE F 241 -10.70 38.04 -15.22
N LEU F 242 -10.28 37.97 -13.95
CA LEU F 242 -8.99 38.53 -13.56
C LEU F 242 -7.86 37.92 -14.37
N PHE F 243 -7.92 36.61 -14.58
CA PHE F 243 -6.90 35.95 -15.38
C PHE F 243 -6.90 36.48 -16.80
N ASN F 244 -8.08 36.67 -17.38
CA ASN F 244 -8.15 37.17 -18.75
C ASN F 244 -7.61 38.60 -18.84
N ILE F 245 -7.98 39.44 -17.88
CA ILE F 245 -7.48 40.82 -17.89
C ILE F 245 -5.96 40.85 -17.77
N ALA F 246 -5.41 40.05 -16.86
CA ALA F 246 -3.96 40.07 -16.65
C ALA F 246 -3.19 39.51 -17.85
N THR F 247 -3.70 38.48 -18.48
CA THR F 247 -3.03 37.90 -19.63
C THR F 247 -3.49 38.52 -20.93
N GLN F 248 -4.27 39.59 -20.83
CA GLN F 248 -4.72 40.38 -21.97
C GLN F 248 -5.51 39.52 -22.95
N ARG F 249 -6.38 38.66 -22.41
CA ARG F 249 -7.39 37.93 -23.15
C ARG F 249 -8.69 38.74 -23.22
N GLU F 250 -9.45 38.50 -24.27
CA GLU F 250 -10.65 39.29 -24.52
C GLU F 250 -11.65 39.12 -23.38
N ILE F 251 -12.39 40.19 -23.09
CA ILE F 251 -13.47 40.16 -22.13
C ILE F 251 -14.61 40.97 -22.71
N LYS F 252 -15.81 40.70 -22.23
CA LYS F 252 -16.95 41.54 -22.56
C LYS F 252 -16.98 42.69 -21.55
N SER F 253 -17.12 43.91 -22.07
CA SER F 253 -17.25 45.09 -21.22
C SER F 253 -18.71 45.54 -21.15
N PHE F 254 -19.06 46.14 -20.01
CA PHE F 254 -20.37 46.76 -19.88
C PHE F 254 -20.63 47.69 -21.05
N PRO F 255 -21.85 47.68 -21.61
CA PRO F 255 -23.12 47.10 -21.14
C PRO F 255 -23.22 45.58 -21.26
N GLU F 256 -22.17 44.89 -21.68
CA GLU F 256 -22.25 43.44 -21.64
C GLU F 256 -21.86 42.91 -20.25
N PHE F 257 -22.27 41.67 -19.96
CA PHE F 257 -22.04 41.12 -18.64
C PHE F 257 -21.93 39.61 -18.74
N TYR F 258 -21.55 38.98 -17.61
CA TYR F 258 -21.48 37.53 -17.47
C TYR F 258 -22.48 37.07 -16.43
N LEU F 259 -23.36 36.15 -16.82
CA LEU F 259 -24.35 35.58 -15.93
C LEU F 259 -24.18 34.08 -15.95
N SER F 260 -24.02 33.49 -14.78
CA SER F 260 -23.71 32.07 -14.67
C SER F 260 -24.63 31.49 -13.63
N SER F 261 -25.26 30.38 -14.00
CA SER F 261 -26.22 29.71 -13.17
C SER F 261 -26.24 28.24 -13.54
N LEU F 262 -26.87 27.47 -12.65
CA LEU F 262 -26.98 26.04 -12.82
C LEU F 262 -27.56 25.66 -14.18
N GLU F 263 -28.63 26.31 -14.59
CA GLU F 263 -29.19 26.01 -15.90
C GLU F 263 -28.78 27.01 -16.97
N GLY F 264 -29.74 27.81 -17.40
CA GLY F 264 -29.54 28.74 -18.46
C GLY F 264 -30.19 30.02 -17.99
N LYS G 16 6.25 -30.37 -43.61
CA LYS G 16 7.52 -31.02 -43.30
C LYS G 16 7.29 -32.50 -43.05
N HIS G 17 8.37 -33.31 -43.09
CA HIS G 17 8.22 -34.73 -42.80
C HIS G 17 7.60 -34.98 -41.42
N ARG G 18 7.71 -34.04 -40.48
CA ARG G 18 6.99 -34.18 -39.20
C ARG G 18 5.48 -34.12 -39.39
N TYR G 19 5.02 -33.29 -40.32
CA TYR G 19 3.61 -33.12 -40.59
C TYR G 19 3.15 -33.93 -41.79
N SER G 20 3.91 -34.97 -42.16
CA SER G 20 3.57 -35.75 -43.35
C SER G 20 2.17 -36.31 -43.28
N ARG G 21 1.79 -36.89 -42.14
CA ARG G 21 0.49 -37.52 -42.06
C ARG G 21 -0.66 -36.52 -41.86
N ASN G 22 -0.40 -35.20 -41.89
CA ASN G 22 -1.43 -34.17 -41.84
C ASN G 22 -2.10 -33.89 -43.18
N ARG G 23 -1.64 -34.51 -44.27
CA ARG G 23 -2.07 -34.16 -45.61
C ARG G 23 -3.55 -34.47 -45.83
N LEU G 24 -4.10 -33.94 -46.93
CA LEU G 24 -5.52 -34.04 -47.26
C LEU G 24 -6.37 -33.26 -46.27
N TYR G 25 -6.20 -33.50 -44.98
CA TYR G 25 -6.88 -32.67 -44.01
C TYR G 25 -6.40 -31.23 -44.15
N LEU G 26 -5.09 -31.02 -44.30
CA LEU G 26 -4.45 -29.71 -44.47
C LEU G 26 -3.62 -29.69 -45.75
N ASN G 27 -3.73 -28.58 -46.50
CA ASN G 27 -2.86 -28.35 -47.65
C ASN G 27 -1.62 -27.58 -47.21
N PRO G 28 -0.58 -27.55 -48.04
CA PRO G 28 0.68 -26.91 -47.59
C PRO G 28 0.51 -25.48 -47.13
N LYS G 29 -0.36 -24.70 -47.79
CA LYS G 29 -0.50 -23.30 -47.41
C LYS G 29 -1.17 -23.17 -46.05
N GLU G 30 -2.09 -24.06 -45.72
CA GLU G 30 -2.70 -24.01 -44.40
C GLU G 30 -1.70 -24.41 -43.33
N GLN G 31 -0.91 -25.45 -43.62
CA GLN G 31 0.14 -25.86 -42.70
C GLN G 31 1.13 -24.73 -42.48
N GLU G 32 1.47 -24.02 -43.56
CA GLU G 32 2.36 -22.86 -43.53
C GLU G 32 1.74 -21.74 -42.71
N LEU G 33 0.44 -21.50 -42.89
CA LEU G 33 -0.29 -20.44 -42.21
C LEU G 33 -0.31 -20.63 -40.71
N ILE G 34 -0.64 -21.85 -40.29
CA ILE G 34 -0.80 -22.12 -38.88
C ILE G 34 0.52 -22.15 -38.11
N LYS G 35 1.64 -22.31 -38.82
CA LYS G 35 2.95 -22.38 -38.16
C LYS G 35 3.20 -21.19 -37.24
N ASP G 36 2.89 -19.99 -37.73
CA ASP G 36 3.23 -18.76 -37.03
C ASP G 36 2.01 -18.06 -36.44
N TYR G 37 0.82 -18.64 -36.55
CA TYR G 37 -0.37 -18.03 -36.00
C TYR G 37 -0.18 -17.82 -34.50
N PRO G 38 -0.04 -16.57 -34.05
CA PRO G 38 0.30 -16.31 -32.64
C PRO G 38 -0.88 -16.59 -31.73
N ILE G 39 -0.72 -17.58 -30.86
CA ILE G 39 -1.72 -17.97 -29.88
C ILE G 39 -1.25 -17.47 -28.52
N LEU G 40 -2.16 -16.86 -27.77
CA LEU G 40 -1.90 -16.55 -26.37
C LEU G 40 -2.71 -17.53 -25.54
N LEU G 41 -2.05 -18.21 -24.61
CA LEU G 41 -2.64 -19.21 -23.74
C LEU G 41 -2.53 -18.71 -22.31
N GLY G 42 -3.65 -18.35 -21.71
CA GLY G 42 -3.65 -17.92 -20.33
C GLY G 42 -4.02 -18.99 -19.37
N GLY G 43 -3.05 -19.49 -18.63
CA GLY G 43 -3.31 -20.61 -17.74
C GLY G 43 -2.73 -21.88 -18.28
N ALA G 44 -1.74 -22.46 -17.57
CA ALA G 44 -1.05 -23.64 -18.05
C ALA G 44 -1.57 -24.90 -17.38
N GLY G 45 -2.82 -24.88 -16.96
CA GLY G 45 -3.40 -26.08 -16.38
C GLY G 45 -4.03 -26.95 -17.45
N ILE G 46 -5.34 -26.82 -17.65
CA ILE G 46 -5.98 -27.45 -18.81
C ILE G 46 -5.30 -27.05 -20.11
N GLY G 47 -4.74 -25.85 -20.18
CA GLY G 47 -4.08 -25.41 -21.40
C GLY G 47 -2.81 -26.17 -21.75
N SER G 48 -2.20 -26.85 -20.79
CA SER G 48 -0.98 -27.58 -21.10
C SER G 48 -1.27 -28.81 -21.94
N ILE G 49 -2.43 -29.43 -21.78
CA ILE G 49 -2.84 -30.49 -22.70
C ILE G 49 -3.14 -29.90 -24.07
N ILE G 50 -3.83 -28.76 -24.09
CA ILE G 50 -4.18 -28.08 -25.33
C ILE G 50 -2.91 -27.71 -26.09
N ALA G 51 -1.91 -27.19 -25.37
CA ALA G 51 -0.69 -26.73 -26.01
C ALA G 51 0.02 -27.86 -26.76
N GLU G 52 0.12 -29.05 -26.17
CA GLU G 52 0.78 -30.14 -26.86
C GLU G 52 0.00 -30.56 -28.09
N CYS G 53 -1.30 -30.74 -27.93
CA CYS G 53 -2.11 -31.16 -29.07
C CYS G 53 -2.03 -30.14 -30.20
N ALA G 54 -2.07 -28.85 -29.85
CA ALA G 54 -2.00 -27.83 -30.87
C ALA G 54 -0.63 -27.75 -31.50
N LEU G 55 0.44 -27.94 -30.71
CA LEU G 55 1.79 -27.90 -31.27
C LEU G 55 1.99 -29.01 -32.27
N ARG G 56 1.60 -30.23 -31.91
CA ARG G 56 1.78 -31.36 -32.80
C ARG G 56 0.97 -31.18 -34.07
N PHE G 57 -0.20 -30.52 -33.96
CA PHE G 57 -1.00 -30.23 -35.14
C PHE G 57 -0.27 -29.33 -36.13
N GLY G 58 0.55 -28.40 -35.66
CA GLY G 58 1.29 -27.55 -36.58
C GLY G 58 1.38 -26.08 -36.20
N PHE G 59 0.74 -25.73 -35.08
CA PHE G 59 0.85 -24.41 -34.47
C PHE G 59 2.18 -24.32 -33.76
N GLU G 60 3.15 -23.63 -34.34
CA GLU G 60 4.49 -23.65 -33.77
C GLU G 60 4.80 -22.36 -33.06
N ASN G 61 3.83 -21.45 -32.97
CA ASN G 61 4.02 -20.13 -32.40
C ASN G 61 3.03 -19.95 -31.26
N ILE G 62 3.43 -20.29 -30.05
CA ILE G 62 2.52 -20.34 -28.91
C ILE G 62 3.13 -19.55 -27.76
N THR G 63 2.36 -18.64 -27.17
CA THR G 63 2.74 -17.91 -25.97
C THR G 63 1.95 -18.45 -24.80
N ILE G 64 2.65 -18.80 -23.71
CA ILE G 64 1.99 -19.38 -22.54
C ILE G 64 2.32 -18.51 -21.33
N VAL G 65 1.30 -18.08 -20.60
CA VAL G 65 1.46 -17.27 -19.40
C VAL G 65 0.78 -17.97 -18.24
N ASP G 66 1.51 -18.17 -17.15
CA ASP G 66 0.94 -18.77 -15.95
C ASP G 66 1.92 -18.52 -14.81
N GLY G 67 1.38 -18.28 -13.61
CA GLY G 67 2.29 -18.10 -12.49
C GLY G 67 2.37 -19.22 -11.48
N ASP G 68 1.59 -20.28 -11.64
CA ASP G 68 1.55 -21.35 -10.65
C ASP G 68 2.68 -22.34 -10.87
N HIS G 69 2.94 -23.12 -9.82
CA HIS G 69 3.86 -24.24 -9.86
C HIS G 69 3.06 -25.53 -9.92
N VAL G 70 3.71 -26.61 -10.37
CA VAL G 70 3.04 -27.91 -10.50
C VAL G 70 2.89 -28.53 -9.12
N GLU G 71 1.68 -28.97 -8.82
CA GLU G 71 1.37 -29.67 -7.59
C GLU G 71 0.99 -31.09 -7.93
N ASN G 72 1.01 -31.95 -6.91
CA ASN G 72 0.67 -33.35 -7.10
C ASN G 72 -0.68 -33.55 -7.78
N SER G 73 -1.70 -32.81 -7.35
CA SER G 73 -3.05 -33.02 -7.88
C SER G 73 -3.20 -32.72 -9.38
N ASN G 74 -2.22 -32.08 -10.01
CA ASN G 74 -2.32 -31.79 -11.44
C ASN G 74 -2.11 -33.01 -12.32
N LEU G 75 -1.43 -34.04 -11.83
CA LEU G 75 -0.91 -35.09 -12.70
C LEU G 75 -2.01 -35.99 -13.28
N ASN G 76 -3.22 -35.90 -12.75
CA ASN G 76 -4.35 -36.70 -13.21
C ASN G 76 -5.00 -36.15 -14.47
N ARG G 77 -4.57 -34.98 -14.97
CA ARG G 77 -5.25 -34.31 -16.09
C ARG G 77 -4.41 -33.27 -16.85
N GLN G 78 -3.18 -32.99 -16.39
CA GLN G 78 -2.34 -31.95 -16.97
C GLN G 78 -1.02 -32.51 -17.50
N ASN G 79 -0.38 -31.74 -18.38
CA ASN G 79 0.74 -32.21 -19.19
C ASN G 79 2.08 -32.02 -18.45
N TYR G 80 2.17 -32.63 -17.27
CA TYR G 80 3.36 -32.53 -16.45
C TYR G 80 3.71 -33.91 -15.92
N THR G 81 4.95 -34.05 -15.46
CA THR G 81 5.46 -35.32 -14.98
C THR G 81 5.79 -35.22 -13.50
N GLU G 82 6.10 -36.37 -12.89
CA GLU G 82 6.54 -36.35 -11.50
C GLU G 82 7.75 -35.47 -11.34
N GLY G 83 8.62 -35.46 -12.34
CA GLY G 83 9.81 -34.64 -12.27
C GLY G 83 9.52 -33.16 -12.38
N ASP G 84 8.38 -32.78 -12.94
CA ASP G 84 8.01 -31.38 -13.07
C ASP G 84 7.48 -30.78 -11.78
N VAL G 85 7.17 -31.59 -10.77
CA VAL G 85 6.51 -31.09 -9.57
C VAL G 85 7.40 -30.09 -8.86
N SER G 86 6.84 -28.95 -8.47
CA SER G 86 7.44 -27.78 -7.82
C SER G 86 8.13 -26.82 -8.78
N VAL G 87 8.04 -27.06 -10.07
CA VAL G 87 8.62 -26.14 -11.04
C VAL G 87 7.49 -25.27 -11.55
N ASN G 88 7.82 -24.07 -11.97
CA ASN G 88 6.84 -23.21 -12.62
C ASN G 88 6.25 -23.96 -13.80
N LYS G 89 4.92 -24.00 -13.83
CA LYS G 89 4.20 -24.68 -14.89
C LYS G 89 4.68 -24.23 -16.26
N VAL G 90 4.93 -22.93 -16.43
CA VAL G 90 5.26 -22.43 -17.76
C VAL G 90 6.58 -22.99 -18.24
N GLU G 91 7.57 -23.09 -17.34
CA GLU G 91 8.85 -23.68 -17.71
C GLU G 91 8.72 -25.17 -18.02
N ALA G 92 7.93 -25.88 -17.21
CA ALA G 92 7.79 -27.33 -17.41
C ALA G 92 7.10 -27.65 -18.73
N ILE G 93 6.03 -26.91 -19.06
CA ILE G 93 5.33 -27.19 -20.31
C ILE G 93 6.16 -26.80 -21.52
N LYS G 94 7.01 -25.77 -21.39
CA LYS G 94 7.89 -25.41 -22.50
C LYS G 94 8.90 -26.53 -22.74
N ALA G 95 9.39 -27.13 -21.67
CA ALA G 95 10.25 -28.29 -21.82
C ALA G 95 9.53 -29.37 -22.63
N ARG G 96 8.29 -29.70 -22.24
CA ARG G 96 7.52 -30.71 -22.97
C ARG G 96 7.36 -30.30 -24.43
N LEU G 97 6.90 -29.07 -24.65
CA LEU G 97 6.65 -28.61 -26.01
C LEU G 97 7.91 -28.51 -26.86
N LYS G 98 9.01 -28.02 -26.28
CA LYS G 98 10.20 -27.82 -27.09
C LYS G 98 10.96 -29.10 -27.41
N SER G 99 10.77 -30.15 -26.62
CA SER G 99 11.31 -31.45 -26.99
C SER G 99 10.49 -32.14 -28.07
N ILE G 100 9.21 -31.78 -28.21
CA ILE G 100 8.41 -32.27 -29.32
C ILE G 100 8.76 -31.55 -30.62
N ASN G 101 9.00 -30.23 -30.56
CA ASN G 101 9.35 -29.42 -31.75
C ASN G 101 10.38 -28.40 -31.27
N SER G 102 11.65 -28.67 -31.54
CA SER G 102 12.69 -27.77 -31.07
C SER G 102 12.67 -26.43 -31.77
N LYS G 103 12.29 -26.42 -33.05
CA LYS G 103 12.23 -25.22 -33.88
C LYS G 103 10.94 -24.40 -33.69
N ALA G 104 10.09 -24.80 -32.75
CA ALA G 104 8.86 -24.08 -32.46
C ALA G 104 9.18 -22.83 -31.65
N ASN G 105 8.30 -21.85 -31.74
CA ASN G 105 8.52 -20.57 -31.06
C ASN G 105 7.61 -20.59 -29.84
N ILE G 106 8.12 -21.15 -28.75
CA ILE G 106 7.30 -21.30 -27.56
C ILE G 106 7.78 -20.25 -26.60
N LYS G 107 6.99 -19.19 -26.45
CA LYS G 107 7.33 -18.08 -25.56
C LYS G 107 6.50 -18.15 -24.28
N ILE G 108 7.19 -18.16 -23.13
CA ILE G 108 6.55 -18.31 -21.84
C ILE G 108 6.82 -17.07 -21.01
N HIS G 109 5.96 -16.83 -20.04
CA HIS G 109 6.10 -15.71 -19.09
C HIS G 109 5.59 -16.22 -17.77
N ASN G 110 6.50 -16.36 -16.81
CA ASN G 110 6.12 -16.83 -15.48
C ASN G 110 5.73 -15.63 -14.62
N CYS G 111 4.50 -15.17 -14.81
CA CYS G 111 3.97 -14.00 -14.13
C CYS G 111 2.47 -14.20 -13.96
N PHE G 112 1.88 -13.67 -12.89
CA PHE G 112 0.42 -13.65 -12.84
C PHE G 112 -0.10 -12.47 -13.66
N LEU G 113 -1.27 -12.65 -14.25
CA LEU G 113 -1.88 -11.60 -15.04
C LEU G 113 -2.65 -10.67 -14.12
N THR G 114 -2.47 -9.36 -14.33
CA THR G 114 -3.13 -8.31 -13.59
C THR G 114 -3.75 -7.33 -14.56
N SER G 115 -4.57 -6.42 -14.03
CA SER G 115 -5.16 -5.37 -14.84
C SER G 115 -4.11 -4.53 -15.56
N ASP G 116 -2.92 -4.43 -14.97
CA ASP G 116 -1.89 -3.56 -15.51
C ASP G 116 -1.05 -4.20 -16.62
N ASN G 117 -0.82 -5.51 -16.56
CA ASN G 117 0.02 -6.17 -17.54
C ASN G 117 -0.75 -6.91 -18.63
N VAL G 118 -2.06 -7.09 -18.45
CA VAL G 118 -2.75 -8.06 -19.28
C VAL G 118 -2.84 -7.58 -20.71
N GLU G 119 -2.97 -6.28 -20.93
CA GLU G 119 -3.14 -5.82 -22.29
C GLU G 119 -1.86 -5.98 -23.11
N GLU G 120 -0.70 -5.69 -22.51
CA GLU G 120 0.55 -5.83 -23.24
C GLU G 120 0.85 -7.29 -23.60
N TYR G 121 0.46 -8.26 -22.76
CA TYR G 121 0.65 -9.65 -23.15
C TYR G 121 -0.27 -10.02 -24.31
N ILE G 122 -1.53 -9.55 -24.27
CA ILE G 122 -2.52 -9.88 -25.29
C ILE G 122 -2.07 -9.37 -26.65
N LYS G 123 -1.51 -8.16 -26.65
CA LYS G 123 -1.06 -7.48 -27.85
C LYS G 123 -0.16 -8.38 -28.71
N GLY G 124 -0.49 -8.43 -30.00
CA GLY G 124 0.31 -9.17 -30.95
C GLY G 124 -0.21 -10.54 -31.29
N HIS G 125 -1.29 -10.99 -30.66
CA HIS G 125 -1.81 -12.32 -30.96
C HIS G 125 -3.08 -12.22 -31.77
N LYS G 126 -3.31 -13.25 -32.57
CA LYS G 126 -4.48 -13.34 -33.43
C LYS G 126 -5.63 -14.09 -32.78
N VAL G 127 -5.36 -14.92 -31.77
CA VAL G 127 -6.38 -15.72 -31.12
C VAL G 127 -5.89 -16.00 -29.72
N ALA G 128 -6.82 -16.19 -28.80
CA ALA G 128 -6.46 -16.38 -27.40
C ALA G 128 -7.24 -17.56 -26.82
N ILE G 129 -6.60 -18.21 -25.84
CA ILE G 129 -7.22 -19.26 -25.06
C ILE G 129 -7.23 -18.77 -23.62
N ASN G 130 -8.43 -18.54 -23.09
CA ASN G 130 -8.61 -18.10 -21.72
C ASN G 130 -8.80 -19.34 -20.89
N ALA G 131 -7.76 -19.75 -20.18
CA ALA G 131 -7.92 -20.87 -19.27
C ALA G 131 -7.62 -20.48 -17.84
N LEU G 132 -8.08 -19.31 -17.40
CA LEU G 132 -7.73 -18.83 -16.08
C LEU G 132 -8.85 -19.19 -15.11
N ASP G 133 -8.51 -19.73 -13.93
CA ASP G 133 -9.51 -19.92 -12.88
C ASP G 133 -10.14 -18.56 -12.57
N PHE G 134 -11.42 -18.57 -12.28
CA PHE G 134 -12.22 -17.39 -11.97
C PHE G 134 -11.91 -16.77 -10.62
N SER G 135 -10.94 -17.29 -9.88
CA SER G 135 -10.48 -16.65 -8.65
C SER G 135 -9.28 -15.74 -8.88
N SER G 136 -8.72 -15.71 -10.10
CA SER G 136 -7.71 -14.74 -10.51
C SER G 136 -8.22 -13.30 -10.48
N GLU G 137 -7.34 -12.37 -10.80
CA GLU G 137 -7.66 -10.97 -10.80
C GLU G 137 -8.26 -10.50 -12.12
N VAL G 138 -7.99 -11.20 -13.23
CA VAL G 138 -8.24 -10.69 -14.57
C VAL G 138 -9.04 -11.62 -15.49
N PRO G 139 -9.78 -12.63 -14.99
CA PRO G 139 -10.38 -13.60 -15.93
C PRO G 139 -11.35 -13.03 -16.95
N LEU G 140 -12.33 -12.22 -16.53
CA LEU G 140 -13.27 -11.63 -17.47
C LEU G 140 -12.73 -10.40 -18.19
N LEU G 141 -11.91 -9.58 -17.52
CA LEU G 141 -11.36 -8.40 -18.18
C LEU G 141 -10.50 -8.82 -19.36
N PHE G 142 -9.75 -9.91 -19.19
CA PHE G 142 -8.98 -10.51 -20.28
C PHE G 142 -9.80 -10.58 -21.56
N ASP G 143 -11.05 -11.05 -21.46
CA ASP G 143 -11.90 -11.18 -22.65
C ASP G 143 -12.29 -9.83 -23.24
N GLU G 144 -12.65 -8.86 -22.39
CA GLU G 144 -13.02 -7.55 -22.93
C GLU G 144 -11.88 -6.94 -23.72
N ILE G 145 -10.64 -7.04 -23.23
CA ILE G 145 -9.54 -6.48 -24.02
C ILE G 145 -9.39 -7.25 -25.33
N CYS G 146 -9.55 -8.57 -25.27
CA CYS G 146 -9.45 -9.37 -26.49
C CYS G 146 -10.54 -9.01 -27.49
N GLN G 147 -11.77 -8.81 -27.01
CA GLN G 147 -12.84 -8.38 -27.90
C GLN G 147 -12.49 -7.05 -28.57
N LYS G 148 -12.05 -6.08 -27.77
CA LYS G 148 -11.65 -4.77 -28.28
C LYS G 148 -10.63 -4.88 -29.39
N MET G 149 -9.79 -5.90 -29.35
CA MET G 149 -8.68 -6.08 -30.27
C MET G 149 -8.95 -7.07 -31.39
N ASP G 150 -10.20 -7.50 -31.57
CA ASP G 150 -10.55 -8.49 -32.60
C ASP G 150 -9.81 -9.83 -32.41
N ILE G 151 -9.63 -10.22 -31.15
CA ILE G 151 -9.02 -11.50 -30.80
C ILE G 151 -10.12 -12.43 -30.29
N PRO G 152 -10.53 -13.46 -31.05
CA PRO G 152 -11.53 -14.40 -30.51
C PRO G 152 -10.95 -15.20 -29.34
N VAL G 153 -11.78 -15.55 -28.37
CA VAL G 153 -11.31 -16.17 -27.13
C VAL G 153 -11.95 -17.54 -26.97
N LEU G 154 -11.11 -18.57 -26.86
CA LEU G 154 -11.54 -19.92 -26.54
C LEU G 154 -11.57 -20.10 -25.03
N HIS G 155 -12.68 -20.62 -24.51
CA HIS G 155 -12.81 -21.02 -23.12
C HIS G 155 -12.92 -22.54 -23.05
N PRO G 156 -11.84 -23.26 -22.75
CA PRO G 156 -11.93 -24.71 -22.61
C PRO G 156 -12.24 -25.09 -21.17
N TYR G 157 -13.08 -26.11 -21.01
CA TYR G 157 -13.51 -26.62 -19.72
C TYR G 157 -13.39 -28.13 -19.65
N ASN G 158 -13.09 -28.62 -18.45
CA ASN G 158 -12.96 -30.05 -18.19
C ASN G 158 -14.24 -30.53 -17.48
N LEU G 159 -15.16 -31.13 -18.24
CA LEU G 159 -16.40 -31.67 -17.68
C LEU G 159 -16.31 -33.14 -17.35
N GLY G 160 -15.16 -33.60 -16.87
CA GLY G 160 -14.99 -34.99 -16.51
C GLY G 160 -14.99 -35.91 -17.71
N TRP G 161 -16.18 -36.41 -18.06
CA TRP G 161 -16.31 -37.24 -19.25
C TRP G 161 -16.37 -36.44 -20.53
N GLY G 162 -16.66 -35.15 -20.45
CA GLY G 162 -16.86 -34.33 -21.63
C GLY G 162 -15.83 -33.22 -21.69
N GLY G 163 -15.57 -32.77 -22.91
CA GLY G 163 -14.82 -31.56 -23.17
C GLY G 163 -15.76 -30.51 -23.74
N LEU G 164 -15.68 -29.31 -23.17
CA LEU G 164 -16.54 -28.19 -23.53
C LEU G 164 -15.69 -26.99 -23.92
N VAL G 165 -15.98 -26.41 -25.08
CA VAL G 165 -15.35 -25.18 -25.56
C VAL G 165 -16.41 -24.18 -26.01
N THR G 166 -16.23 -22.93 -25.59
CA THR G 166 -17.01 -21.82 -26.15
C THR G 166 -16.06 -20.72 -26.60
N ILE G 167 -16.39 -20.09 -27.72
CA ILE G 167 -15.54 -19.08 -28.33
C ILE G 167 -16.23 -17.74 -28.14
N ILE G 168 -15.54 -16.80 -27.50
CA ILE G 168 -16.02 -15.43 -27.39
C ILE G 168 -15.59 -14.70 -28.65
N SER G 169 -16.59 -14.28 -29.51
CA SER G 169 -16.11 -13.59 -30.69
C SER G 169 -16.08 -12.07 -30.47
N PRO G 170 -15.19 -11.36 -31.17
CA PRO G 170 -15.02 -9.92 -30.90
C PRO G 170 -16.32 -9.11 -30.97
N LYS G 171 -17.18 -9.34 -31.96
CA LYS G 171 -18.39 -8.54 -32.09
C LYS G 171 -19.60 -9.19 -31.43
N GLY G 172 -19.37 -10.23 -30.64
CA GLY G 172 -20.41 -11.02 -30.02
C GLY G 172 -20.45 -10.88 -28.50
N LEU G 173 -21.38 -11.64 -27.91
CA LEU G 173 -21.52 -11.64 -26.46
C LEU G 173 -20.32 -12.26 -25.77
N SER G 174 -20.00 -11.72 -24.61
CA SER G 174 -19.00 -12.22 -23.69
C SER G 174 -19.69 -12.97 -22.56
N LEU G 175 -18.89 -13.69 -21.76
CA LEU G 175 -19.43 -14.37 -20.59
C LEU G 175 -20.04 -13.39 -19.60
N ASN G 176 -19.63 -12.11 -19.65
CA ASN G 176 -20.24 -11.09 -18.80
C ASN G 176 -21.76 -11.07 -18.95
N SER G 177 -22.27 -11.37 -20.16
CA SER G 177 -23.71 -11.33 -20.41
C SER G 177 -24.47 -12.25 -19.47
N ILE G 178 -23.81 -13.31 -19.01
CA ILE G 178 -24.37 -14.32 -18.14
C ILE G 178 -24.09 -14.05 -16.67
N ALA G 179 -23.13 -13.20 -16.36
CA ALA G 179 -22.78 -12.94 -14.98
C ALA G 179 -23.81 -11.97 -14.41
N LYS G 180 -24.35 -12.35 -13.26
CA LYS G 180 -25.32 -11.56 -12.52
C LYS G 180 -24.63 -10.83 -11.39
N LYS G 181 -24.93 -9.54 -11.26
CA LYS G 181 -24.28 -8.69 -10.29
C LYS G 181 -24.58 -9.14 -8.87
N GLY G 182 -23.62 -8.93 -7.96
CA GLY G 182 -23.85 -9.25 -6.57
C GLY G 182 -23.59 -10.70 -6.21
N GLU G 183 -23.46 -11.56 -7.20
CA GLU G 183 -23.30 -13.00 -7.00
C GLU G 183 -22.05 -13.47 -7.68
N LYS G 184 -21.51 -14.58 -7.16
CA LYS G 184 -20.26 -15.09 -7.67
C LYS G 184 -20.48 -15.80 -9.00
N PHE G 185 -19.48 -15.68 -9.87
CA PHE G 185 -19.46 -16.23 -11.22
C PHE G 185 -18.21 -17.09 -11.32
N ASN G 186 -18.38 -18.38 -11.58
CA ASN G 186 -17.23 -19.24 -11.77
C ASN G 186 -17.55 -20.27 -12.85
N GLU G 187 -16.73 -21.31 -12.91
CA GLU G 187 -16.89 -22.31 -13.96
C GLU G 187 -18.20 -23.06 -13.81
N LEU G 188 -18.72 -23.14 -12.58
CA LEU G 188 -20.00 -23.81 -12.34
C LEU G 188 -21.15 -23.11 -13.05
N ASN G 189 -21.07 -21.78 -13.19
CA ASN G 189 -22.10 -21.04 -13.91
C ASN G 189 -22.10 -21.35 -15.40
N VAL G 190 -20.93 -21.45 -16.02
CA VAL G 190 -20.91 -21.78 -17.44
C VAL G 190 -21.49 -23.18 -17.66
N VAL G 191 -21.08 -24.13 -16.83
CA VAL G 191 -21.50 -25.52 -17.00
C VAL G 191 -23.00 -25.66 -16.73
N GLU G 192 -23.52 -24.95 -15.74
CA GLU G 192 -24.97 -24.96 -15.51
C GLU G 192 -25.72 -24.36 -16.68
N TYR G 193 -25.14 -23.36 -17.33
CA TYR G 193 -25.77 -22.86 -18.54
C TYR G 193 -25.78 -23.93 -19.62
N VAL G 194 -24.66 -24.64 -19.79
CA VAL G 194 -24.53 -25.68 -20.81
C VAL G 194 -25.53 -26.80 -20.57
N SER G 195 -25.61 -27.27 -19.32
CA SER G 195 -26.53 -28.33 -19.00
C SER G 195 -27.97 -27.95 -19.35
N SER G 196 -28.41 -26.76 -18.94
CA SER G 196 -29.76 -26.32 -19.28
C SER G 196 -29.96 -26.20 -20.77
N TYR G 197 -28.97 -25.64 -21.47
CA TYR G 197 -29.08 -25.50 -22.92
C TYR G 197 -29.30 -26.86 -23.54
N MET G 198 -28.47 -27.83 -23.15
CA MET G 198 -28.60 -29.19 -23.69
C MET G 198 -29.97 -29.79 -23.43
N ARG G 199 -30.49 -29.65 -22.21
CA ARG G 199 -31.81 -30.22 -21.94
C ARG G 199 -32.91 -29.52 -22.72
N PHE G 200 -32.87 -28.18 -22.78
CA PHE G 200 -33.90 -27.43 -23.48
C PHE G 200 -34.01 -27.86 -24.94
N TRP G 201 -32.87 -28.13 -25.57
CA TRP G 201 -32.78 -28.43 -26.98
C TRP G 201 -32.89 -29.91 -27.28
N GLY G 202 -33.37 -30.70 -26.32
CA GLY G 202 -33.63 -32.12 -26.54
C GLY G 202 -32.46 -33.06 -26.49
N LYS G 203 -31.27 -32.61 -26.09
CA LYS G 203 -30.10 -33.47 -25.95
C LYS G 203 -29.59 -33.41 -24.52
N PRO G 204 -30.42 -33.74 -23.52
CA PRO G 204 -29.94 -33.64 -22.13
C PRO G 204 -28.74 -34.54 -21.90
N GLN G 205 -27.79 -34.01 -21.13
CA GLN G 205 -26.57 -34.69 -20.74
C GLN G 205 -26.79 -35.08 -19.29
N GLU G 206 -27.35 -36.27 -19.11
CA GLU G 206 -27.76 -36.72 -17.78
C GLU G 206 -26.54 -36.93 -16.90
N TRP G 207 -25.44 -37.37 -17.50
CA TRP G 207 -24.19 -37.48 -16.78
C TRP G 207 -23.73 -36.13 -16.25
N LEU G 208 -23.88 -35.08 -17.06
CA LEU G 208 -23.45 -33.73 -16.66
C LEU G 208 -24.34 -33.20 -15.54
N GLU G 209 -25.64 -33.43 -15.65
CA GLU G 209 -26.54 -32.98 -14.59
C GLU G 209 -26.23 -33.68 -13.28
N ASP G 210 -25.86 -34.96 -13.33
CA ASP G 210 -25.60 -35.73 -12.12
C ASP G 210 -24.37 -35.21 -11.35
N ILE G 211 -23.24 -35.00 -12.05
CA ILE G 211 -22.01 -34.58 -11.36
C ILE G 211 -22.16 -33.16 -10.81
N ILE G 212 -22.92 -32.30 -11.51
CA ILE G 212 -23.23 -30.97 -10.98
C ILE G 212 -23.97 -31.08 -9.65
N TYR G 213 -24.97 -31.96 -9.58
CA TYR G 213 -25.73 -32.15 -8.34
C TYR G 213 -24.83 -32.62 -7.20
N LYS G 214 -24.01 -33.64 -7.45
CA LYS G 214 -23.11 -34.13 -6.42
C LYS G 214 -22.19 -33.02 -5.94
N PHE G 215 -21.64 -32.23 -6.88
CA PHE G 215 -20.67 -31.20 -6.52
C PHE G 215 -21.31 -30.08 -5.70
N LYS G 216 -22.49 -29.61 -6.10
CA LYS G 216 -23.13 -28.53 -5.34
C LYS G 216 -23.50 -28.99 -3.94
N ASN G 217 -24.05 -30.20 -3.85
CA ASN G 217 -24.52 -30.84 -2.63
C ASN G 217 -23.39 -31.55 -1.86
N GLU G 218 -22.14 -31.25 -2.16
CA GLU G 218 -21.00 -31.70 -1.37
C GLU G 218 -20.95 -31.02 -0.02
N ARG G 219 -20.70 -31.82 1.03
CA ARG G 219 -20.53 -31.26 2.36
C ARG G 219 -19.34 -30.31 2.38
N GLU G 220 -18.18 -30.82 1.96
CA GLU G 220 -16.93 -30.06 1.94
C GLU G 220 -16.90 -29.04 0.81
N LYS G 221 -16.14 -27.97 1.01
CA LYS G 221 -15.91 -26.98 -0.04
C LYS G 221 -14.61 -27.39 -0.73
N LEU G 222 -14.71 -27.91 -1.95
CA LEU G 222 -13.54 -28.39 -2.67
C LEU G 222 -13.52 -27.85 -4.09
N SER G 223 -12.37 -27.99 -4.74
CA SER G 223 -12.25 -27.61 -6.13
C SER G 223 -13.07 -28.58 -6.99
N PRO G 224 -13.56 -28.14 -8.13
CA PRO G 224 -14.33 -29.05 -8.98
C PRO G 224 -13.48 -30.23 -9.41
N PRO G 225 -14.05 -31.42 -9.44
CA PRO G 225 -13.29 -32.57 -9.94
C PRO G 225 -13.14 -32.47 -11.45
N GLN G 226 -12.06 -33.07 -11.95
CA GLN G 226 -11.81 -33.11 -13.38
C GLN G 226 -11.10 -34.43 -13.63
N LEU G 227 -11.26 -34.96 -14.84
CA LEU G 227 -10.72 -36.25 -15.22
C LEU G 227 -9.79 -36.08 -16.40
N SER G 228 -8.91 -37.06 -16.56
CA SER G 228 -8.04 -37.03 -17.71
C SER G 228 -8.85 -37.07 -19.01
N VAL G 229 -10.05 -37.68 -18.97
CA VAL G 229 -10.87 -37.84 -20.16
C VAL G 229 -11.24 -36.50 -20.78
N GLY G 230 -11.85 -35.60 -20.00
CA GLY G 230 -12.26 -34.32 -20.56
C GLY G 230 -11.13 -33.42 -21.01
N SER G 231 -10.04 -33.38 -20.24
CA SER G 231 -8.87 -32.59 -20.61
C SER G 231 -8.29 -33.04 -21.95
N TRP G 232 -8.15 -34.33 -22.09
CA TRP G 232 -7.52 -34.86 -23.29
C TRP G 232 -8.40 -34.59 -24.51
N VAL G 233 -9.73 -34.74 -24.35
CA VAL G 233 -10.71 -34.50 -25.42
C VAL G 233 -10.80 -33.02 -25.80
N VAL G 234 -10.82 -32.14 -24.79
CA VAL G 234 -10.97 -30.71 -25.06
C VAL G 234 -9.74 -30.17 -25.78
N ALA G 235 -8.57 -30.78 -25.56
CA ALA G 235 -7.38 -30.36 -26.30
C ALA G 235 -7.55 -30.60 -27.79
N GLY G 236 -8.15 -31.73 -28.16
CA GLY G 236 -8.42 -31.97 -29.57
C GLY G 236 -9.42 -30.99 -30.14
N MET G 237 -10.49 -30.71 -29.38
CA MET G 237 -11.49 -29.75 -29.85
C MET G 237 -10.87 -28.38 -30.08
N CYS G 238 -10.08 -27.90 -29.11
CA CYS G 238 -9.48 -26.58 -29.23
C CYS G 238 -8.57 -26.55 -30.44
N THR G 239 -7.85 -27.63 -30.69
CA THR G 239 -6.97 -27.63 -31.85
C THR G 239 -7.80 -27.54 -33.12
N HIS G 240 -8.89 -28.28 -33.19
CA HIS G 240 -9.78 -28.17 -34.34
C HIS G 240 -10.31 -26.74 -34.49
N ILE G 241 -10.80 -26.17 -33.39
CA ILE G 241 -11.33 -24.81 -33.44
C ILE G 241 -10.26 -23.81 -33.87
N LEU G 242 -9.06 -23.94 -33.30
CA LEU G 242 -7.97 -23.05 -33.68
C LEU G 242 -7.68 -23.15 -35.17
N PHE G 243 -7.69 -24.37 -35.72
CA PHE G 243 -7.49 -24.49 -37.15
C PHE G 243 -8.59 -23.76 -37.90
N ASN G 244 -9.82 -23.86 -37.41
CA ASN G 244 -10.93 -23.20 -38.08
C ASN G 244 -10.78 -21.68 -38.03
N ILE G 245 -10.39 -21.14 -36.88
CA ILE G 245 -10.23 -19.69 -36.76
C ILE G 245 -9.08 -19.20 -37.64
N ALA G 246 -7.96 -19.91 -37.65
CA ALA G 246 -6.81 -19.46 -38.42
C ALA G 246 -7.08 -19.51 -39.92
N THR G 247 -7.79 -20.54 -40.39
CA THR G 247 -8.11 -20.67 -41.80
C THR G 247 -9.44 -20.04 -42.14
N GLN G 248 -10.03 -19.32 -41.19
CA GLN G 248 -11.23 -18.53 -41.45
C GLN G 248 -12.37 -19.43 -41.89
N ARG G 249 -12.48 -20.57 -41.22
CA ARG G 249 -13.62 -21.47 -41.33
C ARG G 249 -14.67 -21.13 -40.31
N GLU G 250 -15.91 -21.49 -40.64
CA GLU G 250 -17.03 -21.13 -39.79
C GLU G 250 -16.87 -21.74 -38.41
N ILE G 251 -17.29 -21.00 -37.39
CA ILE G 251 -17.32 -21.51 -36.02
C ILE G 251 -18.57 -20.99 -35.33
N LYS G 252 -18.95 -21.67 -34.26
CA LYS G 252 -20.01 -21.20 -33.38
C LYS G 252 -19.39 -20.27 -32.34
N SER G 253 -20.02 -19.13 -32.13
CA SER G 253 -19.58 -18.24 -31.07
C SER G 253 -20.59 -18.29 -29.93
N PHE G 254 -20.09 -18.03 -28.73
CA PHE G 254 -20.95 -17.90 -27.58
C PHE G 254 -22.07 -16.92 -27.89
N PRO G 255 -23.32 -17.20 -27.47
CA PRO G 255 -23.81 -18.19 -26.50
C PRO G 255 -23.84 -19.65 -26.98
N GLU G 256 -23.42 -19.92 -28.21
CA GLU G 256 -23.32 -21.31 -28.63
C GLU G 256 -21.98 -21.90 -28.19
N PHE G 257 -21.92 -23.23 -28.16
CA PHE G 257 -20.72 -23.89 -27.64
C PHE G 257 -20.56 -25.24 -28.31
N TYR G 258 -19.42 -25.87 -28.04
CA TYR G 258 -19.14 -27.20 -28.52
C TYR G 258 -19.00 -28.13 -27.32
N LEU G 259 -19.80 -29.21 -27.31
CA LEU G 259 -19.73 -30.17 -26.23
C LEU G 259 -19.49 -31.53 -26.85
N SER G 260 -18.44 -32.22 -26.40
CA SER G 260 -18.03 -33.50 -26.99
C SER G 260 -17.79 -34.48 -25.86
N SER G 261 -18.41 -35.67 -25.94
CA SER G 261 -18.26 -36.69 -24.90
C SER G 261 -18.59 -38.06 -25.49
N LEU G 262 -18.13 -39.13 -24.81
CA LEU G 262 -18.50 -40.47 -25.25
C LEU G 262 -20.01 -40.74 -25.15
N GLU G 263 -20.55 -40.63 -23.92
CA GLU G 263 -21.98 -40.76 -23.63
C GLU G 263 -22.84 -39.64 -24.19
N GLY G 264 -23.30 -39.75 -25.44
CA GLY G 264 -24.06 -38.66 -26.01
C GLY G 264 -23.29 -37.87 -27.06
#